data_1V7N
#
_entry.id   1V7N
#
_cell.length_a   133.038
_cell.length_b   46.582
_cell.length_c   191.359
_cell.angle_alpha   90.00
_cell.angle_beta   90.28
_cell.angle_gamma   90.00
#
_symmetry.space_group_name_H-M   'P 1 21 1'
#
loop_
_entity.id
_entity.type
_entity.pdbx_description
1 polymer 'Monoclonal TN1 Fab Light Chain'
2 polymer 'Monoclonal TN1 Fab Heavy Chain'
3 polymer Thrombopoietin
4 water water
#
loop_
_entity_poly.entity_id
_entity_poly.type
_entity_poly.pdbx_seq_one_letter_code
_entity_poly.pdbx_strand_id
1 'polypeptide(L)'
;QVVLTQSPGIMSASPGEKVTITCSASSSVSYMYWFQQKPGTSPKLWIYSTSNLASGVPARFRGSGSGTSYSLTISRMEAE
DAATYYCQQRSGYPRTFGGGTKLEIKRADAAPTVSIFPPSSEQLTSGGASVVCFLNNFYPKDINVKWKIDGSERQNGVLN
SWTDQDSKDSTYSMSSTLTLTKDEYERHNSYTCEATHKTSTSPIVKSFNRNEC
;
L,M,N,O
2 'polypeptide(L)'
;EVKLEESGGGLVQPGGSMKLSCAASGFTFSDAWMDWVRQSPEKGLEWVAEIRSKVNNHAIHYAESVKGRFTVSRDDSKSS
VYLQMNSLRAEDTGIYYCSGWSFLYWGQGTLVTVSAAKTTPPSVYPLAPGSAAQTNSMVTLGCLVKGYFPEPVTVTWNSG
SLSSGVHTFPAVLQSDLYTLSSSVTVPSSTWPSETVTCNVAHPASSTKVDKKIVPRD
;
H,I,J,K
3 'polypeptide(L)'
;SPAPPACDLRVLSKLLRDSHVLHSRLSQCPEVHPLPTPVLLPAVDFSLGEWKTQMEETKAQDILGAVTLLLEGVMAARGQ
LGPTCLSSLLGQLSGQVRLLLGALQSLLGTQLPPRGRTTAHKDPNAIFLSFQHLLRGKVRFLMLVGGSTLCVRRAPPTTA
VPS
;
V,X,Y,Z
#
# COMPACT_ATOMS: atom_id res chain seq x y z
N GLN A 1 -37.51 63.93 20.85
CA GLN A 1 -38.55 62.80 21.06
C GLN A 1 -39.67 62.72 19.98
N VAL A 2 -39.33 63.16 18.79
CA VAL A 2 -40.04 62.83 17.59
C VAL A 2 -39.83 61.29 17.20
N VAL A 3 -40.81 60.61 16.64
CA VAL A 3 -40.56 59.20 16.36
C VAL A 3 -40.53 58.81 14.84
N LEU A 4 -39.30 58.45 14.42
CA LEU A 4 -39.05 58.12 13.03
C LEU A 4 -39.28 56.65 12.80
N THR A 5 -40.00 56.35 11.75
CA THR A 5 -40.50 55.03 11.49
C THR A 5 -40.21 54.80 10.03
N GLN A 6 -39.33 53.86 9.74
CA GLN A 6 -38.83 53.77 8.41
C GLN A 6 -39.72 52.72 7.87
N SER A 7 -40.29 52.95 6.69
CA SER A 7 -41.36 52.08 6.09
C SER A 7 -41.03 50.62 5.98
N PRO A 8 -40.35 50.14 4.92
CA PRO A 8 -40.13 48.70 4.76
C PRO A 8 -39.00 48.34 5.65
N GLY A 9 -39.10 47.21 6.32
CA GLY A 9 -38.16 46.84 7.36
C GLY A 9 -36.96 46.16 6.79
N ILE A 10 -37.23 45.23 5.89
CA ILE A 10 -36.22 44.71 5.01
C ILE A 10 -36.88 44.60 3.66
N MET A 11 -36.18 45.06 2.60
CA MET A 11 -36.50 44.72 1.20
C MET A 11 -35.37 44.15 0.33
N SER A 12 -35.79 43.53 -0.75
CA SER A 12 -34.86 42.96 -1.72
C SER A 12 -35.00 43.64 -3.11
N ALA A 13 -33.89 43.96 -3.74
CA ALA A 13 -34.01 44.64 -5.02
C ALA A 13 -33.07 44.03 -6.06
N SER A 14 -33.47 44.13 -7.31
CA SER A 14 -32.69 43.57 -8.35
C SER A 14 -31.74 44.58 -8.90
N PRO A 15 -30.48 44.17 -9.11
CA PRO A 15 -29.53 45.00 -9.86
C PRO A 15 -30.22 45.95 -10.83
N GLY A 16 -29.92 47.24 -10.74
CA GLY A 16 -30.46 48.20 -11.70
C GLY A 16 -31.94 48.55 -11.65
N GLU A 17 -32.61 48.15 -10.54
CA GLU A 17 -34.07 48.33 -10.28
C GLU A 17 -34.24 49.59 -9.45
N LYS A 18 -35.46 50.12 -9.35
CA LYS A 18 -35.66 51.31 -8.53
C LYS A 18 -35.79 51.04 -7.01
N VAL A 19 -34.89 51.54 -6.19
CA VAL A 19 -35.10 51.42 -4.75
C VAL A 19 -35.64 52.70 -4.24
N THR A 20 -36.73 52.57 -3.49
CA THR A 20 -37.26 53.71 -2.80
C THR A 20 -37.70 53.40 -1.34
N ILE A 21 -37.06 54.12 -0.44
CA ILE A 21 -37.17 53.86 1.00
C ILE A 21 -37.97 55.02 1.61
N THR A 22 -38.70 54.72 2.69
CA THR A 22 -39.49 55.73 3.33
C THR A 22 -38.95 55.82 4.69
N CYS A 23 -39.06 57.04 5.18
CA CYS A 23 -38.96 57.31 6.59
C CYS A 23 -40.08 58.23 7.00
N SER A 24 -40.54 58.12 8.23
CA SER A 24 -41.70 58.94 8.51
C SER A 24 -41.81 59.42 9.89
N ALA A 25 -41.90 60.76 10.01
CA ALA A 25 -41.69 61.46 11.29
C ALA A 25 -42.98 61.59 12.09
N SER A 26 -42.90 61.28 13.39
CA SER A 26 -44.06 61.32 14.25
C SER A 26 -44.68 62.71 14.36
N SER A 27 -43.99 63.74 13.88
CA SER A 27 -44.35 65.16 13.98
C SER A 27 -43.49 66.08 13.08
N SER A 28 -44.10 66.83 12.15
CA SER A 28 -43.31 67.65 11.16
C SER A 28 -41.92 68.22 11.62
N VAL A 29 -40.93 67.98 10.75
CA VAL A 29 -39.59 68.50 10.89
C VAL A 29 -39.01 69.12 9.67
N SER A 30 -37.99 69.90 9.93
CA SER A 30 -37.38 70.79 8.96
C SER A 30 -36.79 70.02 7.81
N TYR A 31 -36.24 68.85 8.14
CA TYR A 31 -35.25 68.15 7.32
C TYR A 31 -35.09 66.76 7.85
N MET A 32 -35.10 65.73 7.00
CA MET A 32 -34.61 64.43 7.43
C MET A 32 -33.08 64.30 7.21
N TYR A 33 -32.41 63.30 7.80
CA TYR A 33 -31.01 63.02 7.44
C TYR A 33 -30.91 61.55 7.39
N TRP A 34 -30.12 61.03 6.45
CA TRP A 34 -30.04 59.60 6.18
C TRP A 34 -28.59 59.13 6.37
N PHE A 35 -28.42 57.97 6.99
CA PHE A 35 -27.11 57.38 6.93
C PHE A 35 -27.25 55.97 6.49
N GLN A 36 -26.25 55.52 5.71
CA GLN A 36 -26.15 54.17 5.19
C GLN A 36 -25.36 53.39 6.20
N GLN A 37 -25.80 52.21 6.58
CA GLN A 37 -24.84 51.43 7.35
C GLN A 37 -24.79 50.05 6.87
N LYS A 38 -23.63 49.43 7.09
CA LYS A 38 -23.24 48.17 6.48
C LYS A 38 -22.59 47.29 7.52
N PRO A 39 -23.06 46.05 7.59
CA PRO A 39 -22.68 45.07 8.61
C PRO A 39 -21.20 45.07 8.90
N GLY A 40 -20.76 45.25 10.14
CA GLY A 40 -19.32 45.27 10.44
C GLY A 40 -18.77 46.67 10.57
N THR A 41 -19.55 47.62 10.08
CA THR A 41 -19.11 49.02 9.84
C THR A 41 -19.85 50.17 10.66
N SER A 42 -19.12 51.25 11.01
CA SER A 42 -19.79 52.45 11.53
C SER A 42 -20.83 52.85 10.50
N PRO A 43 -21.83 53.62 10.87
CA PRO A 43 -22.69 54.19 9.83
C PRO A 43 -22.04 55.46 9.15
N LYS A 44 -22.53 55.89 8.02
CA LYS A 44 -21.93 57.05 7.42
C LYS A 44 -22.98 57.97 6.88
N LEU A 45 -22.64 59.22 6.76
CA LEU A 45 -23.68 60.16 6.48
C LEU A 45 -24.08 60.04 5.01
N TRP A 46 -25.22 59.51 4.68
CA TRP A 46 -25.47 59.38 3.25
C TRP A 46 -26.19 60.59 2.56
N ILE A 47 -27.27 61.09 3.12
CA ILE A 47 -27.79 62.41 2.71
C ILE A 47 -28.04 63.34 3.94
N TYR A 48 -28.05 64.63 3.72
CA TYR A 48 -28.37 65.45 4.84
C TYR A 48 -29.23 66.53 4.31
N SER A 49 -29.82 67.31 5.21
CA SER A 49 -30.68 68.39 4.77
C SER A 49 -31.69 67.88 3.73
N THR A 50 -32.39 66.83 4.08
CA THR A 50 -33.39 66.25 3.23
C THR A 50 -32.90 65.70 1.90
N SER A 51 -31.95 66.40 1.26
CA SER A 51 -31.51 66.04 -0.11
C SER A 51 -30.07 66.38 -0.63
N ASN A 52 -29.13 66.63 0.27
CA ASN A 52 -27.76 66.73 -0.18
C ASN A 52 -26.90 65.52 0.08
N LEU A 53 -26.51 64.81 -0.98
CA LEU A 53 -25.64 63.63 -0.87
C LEU A 53 -24.40 64.01 -0.10
N ALA A 54 -24.00 63.23 0.90
CA ALA A 54 -22.74 63.58 1.56
C ALA A 54 -21.57 63.14 0.69
N SER A 55 -20.53 63.96 0.69
CA SER A 55 -19.39 63.67 -0.18
C SER A 55 -18.91 62.26 0.00
N GLY A 56 -18.97 61.52 -1.10
CA GLY A 56 -18.87 60.10 -1.03
C GLY A 56 -20.02 59.52 -1.81
N VAL A 57 -21.21 60.04 -1.68
CA VAL A 57 -22.32 59.23 -2.16
C VAL A 57 -22.63 59.22 -3.70
N PRO A 58 -22.82 58.06 -4.29
CA PRO A 58 -23.06 58.00 -5.75
C PRO A 58 -24.17 58.93 -6.13
N ALA A 59 -24.21 59.47 -7.34
CA ALA A 59 -25.36 60.29 -7.63
C ALA A 59 -26.57 59.42 -7.88
N ARG A 60 -26.57 58.12 -7.58
CA ARG A 60 -27.85 57.41 -7.84
C ARG A 60 -28.87 57.66 -6.74
N PHE A 61 -28.41 57.89 -5.51
CA PHE A 61 -29.24 58.28 -4.37
C PHE A 61 -29.90 59.67 -4.46
N ARG A 62 -31.22 59.70 -4.50
CA ARG A 62 -31.88 60.97 -4.65
C ARG A 62 -32.41 61.16 -3.25
N GLY A 63 -32.05 62.27 -2.60
CA GLY A 63 -32.62 62.55 -1.28
C GLY A 63 -33.90 63.36 -1.38
N SER A 64 -34.94 62.95 -0.68
CA SER A 64 -36.25 63.61 -0.80
C SER A 64 -37.06 63.58 0.51
N GLY A 65 -38.30 64.09 0.49
CA GLY A 65 -39.11 64.29 1.68
C GLY A 65 -39.43 65.76 1.86
N SER A 66 -40.37 66.09 2.77
CA SER A 66 -40.63 67.49 3.28
C SER A 66 -41.64 67.41 4.41
N GLY A 67 -41.41 68.12 5.51
CA GLY A 67 -42.35 68.04 6.62
C GLY A 67 -42.46 66.72 7.42
N THR A 68 -43.09 65.70 6.88
CA THR A 68 -43.48 64.64 7.78
C THR A 68 -43.38 63.19 7.29
N SER A 69 -43.32 63.08 5.98
CA SER A 69 -42.94 61.85 5.34
C SER A 69 -41.88 62.16 4.27
N TYR A 70 -40.70 61.53 4.43
CA TYR A 70 -39.43 61.76 3.71
C TYR A 70 -39.05 60.44 3.07
N SER A 71 -38.10 60.49 2.14
CA SER A 71 -37.75 59.29 1.40
C SER A 71 -36.50 59.38 0.56
N LEU A 72 -35.69 58.32 0.60
CA LEU A 72 -34.38 58.23 -0.04
C LEU A 72 -34.53 57.32 -1.22
N THR A 73 -34.24 57.79 -2.46
CA THR A 73 -34.37 56.95 -3.70
C THR A 73 -33.10 56.57 -4.44
N ILE A 74 -32.89 55.26 -4.58
CA ILE A 74 -31.83 54.78 -5.41
C ILE A 74 -32.46 54.65 -6.78
N SER A 75 -31.93 55.41 -7.75
CA SER A 75 -32.40 55.45 -9.17
C SER A 75 -32.45 54.06 -9.72
N ARG A 76 -31.28 53.41 -9.80
CA ARG A 76 -31.12 52.16 -10.52
C ARG A 76 -30.15 51.33 -9.70
N MET A 77 -30.67 50.41 -8.92
CA MET A 77 -29.86 49.79 -7.87
C MET A 77 -28.56 49.06 -8.21
N GLU A 78 -27.54 49.41 -7.43
CA GLU A 78 -26.24 48.74 -7.51
C GLU A 78 -26.10 47.71 -6.38
N ALA A 79 -24.96 47.01 -6.34
CA ALA A 79 -24.73 46.03 -5.29
C ALA A 79 -24.00 46.65 -4.18
N GLU A 80 -23.31 47.76 -4.40
CA GLU A 80 -22.76 48.46 -3.23
C GLU A 80 -23.87 48.95 -2.26
N ASP A 81 -24.97 49.47 -2.82
CA ASP A 81 -26.11 50.01 -2.06
C ASP A 81 -26.73 49.09 -0.97
N ALA A 82 -26.62 47.76 -1.17
CA ALA A 82 -27.07 46.77 -0.20
C ALA A 82 -26.47 47.11 1.14
N ALA A 83 -27.30 47.57 2.06
CA ALA A 83 -26.90 47.97 3.40
C ALA A 83 -28.18 48.45 4.11
N THR A 84 -28.14 48.74 5.40
CA THR A 84 -29.23 49.52 5.94
C THR A 84 -29.08 50.99 5.88
N TYR A 85 -30.24 51.57 5.77
CA TYR A 85 -30.34 52.99 5.64
C TYR A 85 -31.06 53.46 6.88
N TYR A 86 -30.38 54.27 7.70
CA TYR A 86 -31.03 54.87 8.85
C TYR A 86 -31.36 56.36 8.57
N CYS A 87 -32.61 56.76 8.80
CA CYS A 87 -33.01 58.18 8.84
C CYS A 87 -32.89 58.75 10.23
N GLN A 88 -32.62 60.05 10.32
CA GLN A 88 -32.49 60.67 11.60
C GLN A 88 -32.96 62.06 11.48
N GLN A 89 -33.49 62.54 12.60
CA GLN A 89 -34.23 63.79 12.69
C GLN A 89 -33.49 64.66 13.68
N ARG A 90 -33.17 65.85 13.28
CA ARG A 90 -32.33 66.55 14.18
C ARG A 90 -33.26 67.56 14.70
N SER A 91 -34.54 67.20 14.67
CA SER A 91 -35.60 68.18 14.98
C SER A 91 -35.38 68.93 16.26
N GLY A 92 -35.14 68.26 17.38
CA GLY A 92 -34.64 68.88 18.60
C GLY A 92 -33.66 67.98 19.37
N TYR A 93 -33.87 67.83 20.67
CA TYR A 93 -33.24 66.75 21.42
C TYR A 93 -34.35 65.95 22.08
N PRO A 94 -34.19 64.66 22.31
CA PRO A 94 -33.22 63.78 21.67
C PRO A 94 -33.33 63.72 20.12
N ARG A 95 -32.20 63.41 19.48
CA ARG A 95 -32.14 63.06 18.10
C ARG A 95 -32.76 61.74 18.14
N THR A 96 -32.98 61.15 17.01
CA THR A 96 -33.92 60.07 16.92
C THR A 96 -33.64 59.50 15.55
N PHE A 97 -33.53 58.19 15.50
CA PHE A 97 -33.35 57.50 14.25
C PHE A 97 -34.55 56.71 13.82
N GLY A 98 -34.30 55.67 13.07
CA GLY A 98 -35.38 54.76 12.87
C GLY A 98 -35.05 53.31 12.91
N GLY A 99 -36.09 52.56 12.56
CA GLY A 99 -36.01 51.12 12.43
C GLY A 99 -34.67 50.77 11.87
N GLY A 100 -34.39 51.44 10.75
CA GLY A 100 -33.51 50.95 9.70
C GLY A 100 -34.32 50.32 8.58
N THR A 101 -33.65 50.00 7.49
CA THR A 101 -34.30 49.36 6.38
C THR A 101 -33.19 48.63 5.72
N LYS A 102 -33.26 47.30 5.74
CA LYS A 102 -32.27 46.45 5.11
C LYS A 102 -32.59 46.28 3.64
N LEU A 103 -31.82 46.96 2.84
CA LEU A 103 -31.87 46.68 1.46
C LEU A 103 -31.03 45.43 1.33
N GLU A 104 -31.40 44.53 0.42
CA GLU A 104 -30.56 43.40 0.03
C GLU A 104 -30.54 43.47 -1.46
N ILE A 105 -29.39 43.22 -2.07
CA ILE A 105 -29.35 42.95 -3.51
C ILE A 105 -29.71 41.52 -3.84
N LYS A 106 -30.23 41.30 -5.01
CA LYS A 106 -30.75 40.00 -5.21
C LYS A 106 -30.14 39.44 -6.48
N ARG A 107 -28.91 38.96 -6.36
CA ARG A 107 -28.25 38.21 -7.45
C ARG A 107 -28.91 36.92 -7.87
N ALA A 108 -28.07 36.02 -8.32
CA ALA A 108 -28.54 34.80 -8.91
C ALA A 108 -28.10 33.55 -8.17
N ASP A 109 -28.94 32.51 -8.32
CA ASP A 109 -28.79 31.17 -7.73
C ASP A 109 -27.40 30.61 -7.96
N ALA A 110 -26.77 30.13 -6.89
CA ALA A 110 -25.32 29.98 -6.88
C ALA A 110 -24.94 29.14 -5.71
N ALA A 111 -24.70 27.88 -6.05
CA ALA A 111 -24.67 26.80 -5.11
C ALA A 111 -23.40 26.74 -4.33
N PRO A 112 -23.52 26.17 -3.16
CA PRO A 112 -22.59 26.35 -2.08
C PRO A 112 -21.34 25.57 -2.26
N THR A 113 -20.43 25.81 -1.37
CA THR A 113 -19.20 25.15 -1.53
C THR A 113 -18.74 24.54 -0.21
N VAL A 114 -18.94 23.22 -0.12
CA VAL A 114 -18.86 22.60 1.18
C VAL A 114 -17.46 22.13 1.39
N SER A 115 -17.06 22.01 2.63
CA SER A 115 -15.73 21.52 2.95
C SER A 115 -15.82 21.25 4.45
N ILE A 116 -15.44 20.07 4.89
CA ILE A 116 -15.86 19.67 6.23
C ILE A 116 -14.60 19.62 7.02
N PHE A 117 -14.61 19.85 8.33
CA PHE A 117 -13.35 19.67 9.11
C PHE A 117 -13.36 18.90 10.44
N PRO A 118 -12.65 17.78 10.37
CA PRO A 118 -12.29 17.05 11.55
C PRO A 118 -11.90 18.05 12.59
N PRO A 119 -12.23 17.73 13.82
CA PRO A 119 -11.69 18.46 14.95
C PRO A 119 -10.19 18.51 14.89
N SER A 120 -9.62 19.48 15.56
CA SER A 120 -8.22 19.74 15.53
C SER A 120 -7.50 18.72 16.36
N SER A 121 -6.17 18.73 16.31
CA SER A 121 -5.37 17.95 17.25
C SER A 121 -5.61 18.49 18.62
N GLU A 122 -5.56 19.82 18.71
CA GLU A 122 -5.47 20.49 19.99
C GLU A 122 -6.83 20.75 20.65
N GLN A 123 -7.90 20.54 19.88
CA GLN A 123 -9.25 20.40 20.43
C GLN A 123 -9.31 19.07 21.16
N LEU A 124 -8.95 18.01 20.44
CA LEU A 124 -8.99 16.65 20.92
C LEU A 124 -8.08 16.47 22.11
N THR A 125 -6.90 17.07 22.06
CA THR A 125 -6.12 17.22 23.28
C THR A 125 -6.94 17.72 24.51
N SER A 126 -7.59 18.88 24.43
CA SER A 126 -8.35 19.41 25.59
C SER A 126 -9.66 18.73 26.02
N GLY A 127 -10.20 17.84 25.17
CA GLY A 127 -11.28 16.97 25.59
C GLY A 127 -12.62 17.29 24.96
N GLY A 128 -12.50 17.85 23.75
CA GLY A 128 -13.69 18.28 23.03
C GLY A 128 -13.51 18.16 21.58
N ALA A 129 -14.58 17.90 20.88
CA ALA A 129 -14.46 17.62 19.46
C ALA A 129 -15.55 18.44 18.84
N SER A 130 -15.20 19.27 17.87
CA SER A 130 -16.24 20.07 17.27
C SER A 130 -16.05 19.74 15.86
N VAL A 131 -17.05 19.25 15.16
CA VAL A 131 -16.77 18.98 13.75
C VAL A 131 -17.42 19.97 12.83
N VAL A 132 -16.71 21.04 12.45
CA VAL A 132 -17.33 22.16 11.74
C VAL A 132 -17.36 21.97 10.21
N CYS A 133 -18.39 22.43 9.53
CA CYS A 133 -18.42 22.25 8.08
C CYS A 133 -18.92 23.57 7.48
N PHE A 134 -18.09 24.24 6.65
CA PHE A 134 -18.46 25.55 6.05
C PHE A 134 -19.22 25.35 4.75
N LEU A 135 -20.38 25.98 4.65
CA LEU A 135 -21.08 26.07 3.39
C LEU A 135 -20.97 27.45 2.75
N ASN A 136 -20.25 27.54 1.63
CA ASN A 136 -19.81 28.84 1.13
C ASN A 136 -20.35 29.36 -0.19
N ASN A 137 -20.85 30.59 -0.17
CA ASN A 137 -21.14 31.38 -1.34
C ASN A 137 -22.24 30.86 -2.21
N PHE A 138 -23.40 30.65 -1.57
CA PHE A 138 -24.66 30.19 -2.21
C PHE A 138 -25.67 31.31 -2.13
N TYR A 139 -26.81 31.11 -2.77
CA TYR A 139 -27.84 32.13 -3.02
C TYR A 139 -28.92 31.34 -3.73
N PRO A 140 -30.13 31.29 -3.23
CA PRO A 140 -30.60 32.10 -2.11
C PRO A 140 -29.94 31.72 -0.82
N LYS A 141 -30.51 32.21 0.26
CA LYS A 141 -29.88 32.23 1.58
C LYS A 141 -30.38 30.99 2.18
N ASP A 142 -31.46 30.43 1.63
CA ASP A 142 -32.02 29.20 2.16
C ASP A 142 -31.21 28.00 1.69
N ILE A 143 -30.61 27.35 2.68
CA ILE A 143 -29.67 26.25 2.51
C ILE A 143 -29.88 25.25 3.69
N ASN A 144 -29.40 23.99 3.53
CA ASN A 144 -29.64 22.93 4.52
C ASN A 144 -28.69 21.82 4.84
N VAL A 145 -28.33 21.73 6.12
CA VAL A 145 -27.37 20.74 6.65
C VAL A 145 -28.06 19.62 7.39
N LYS A 146 -27.62 18.41 7.03
CA LYS A 146 -27.82 17.18 7.80
C LYS A 146 -26.46 16.74 8.28
N TRP A 147 -26.28 16.69 9.59
CA TRP A 147 -25.11 15.98 10.12
C TRP A 147 -25.38 14.50 10.47
N LYS A 148 -25.04 13.64 9.50
CA LYS A 148 -25.02 12.19 9.65
C LYS A 148 -23.69 11.74 10.20
N ILE A 149 -23.81 10.88 11.20
CA ILE A 149 -22.65 10.42 11.92
C ILE A 149 -22.15 9.08 11.30
N ASP A 150 -22.42 7.94 11.90
CA ASP A 150 -22.03 6.76 11.16
C ASP A 150 -23.16 6.45 10.23
N GLY A 151 -23.28 7.26 9.19
CA GLY A 151 -24.43 7.20 8.31
C GLY A 151 -25.73 7.16 9.12
N SER A 152 -25.83 8.07 10.07
CA SER A 152 -27.16 8.41 10.61
C SER A 152 -27.19 9.76 11.30
N GLU A 153 -28.34 10.42 11.13
CA GLU A 153 -28.50 11.82 11.42
C GLU A 153 -28.48 12.08 12.90
N ARG A 154 -27.34 12.49 13.43
CA ARG A 154 -27.38 13.16 14.71
C ARG A 154 -27.93 14.56 14.51
N GLN A 155 -29.00 14.84 15.24
CA GLN A 155 -29.83 16.01 15.09
C GLN A 155 -29.53 17.03 16.15
N ASN A 156 -28.75 16.65 17.16
CA ASN A 156 -28.35 17.58 18.19
C ASN A 156 -26.90 18.02 18.21
N GLY A 157 -26.63 19.11 18.94
CA GLY A 157 -25.29 19.65 19.07
C GLY A 157 -24.88 20.46 17.86
N VAL A 158 -25.84 20.76 16.96
CA VAL A 158 -25.58 21.63 15.79
C VAL A 158 -25.99 23.08 16.02
N LEU A 159 -24.99 23.89 15.64
CA LEU A 159 -25.08 25.35 15.36
C LEU A 159 -24.76 25.92 13.89
N ASN A 160 -25.75 26.57 13.29
CA ASN A 160 -25.55 27.16 12.01
C ASN A 160 -25.41 28.65 12.09
N SER A 161 -24.21 29.16 11.81
CA SER A 161 -24.04 30.61 11.66
C SER A 161 -24.01 31.03 10.23
N TRP A 162 -24.76 32.08 9.92
CA TRP A 162 -24.84 32.67 8.58
C TRP A 162 -24.12 34.01 8.40
N THR A 163 -23.53 34.27 7.24
CA THR A 163 -22.89 35.57 7.05
C THR A 163 -23.94 36.51 6.42
N ASP A 164 -23.72 37.82 6.29
CA ASP A 164 -24.64 38.62 5.40
C ASP A 164 -24.20 38.51 3.90
N GLN A 165 -24.90 39.07 2.93
CA GLN A 165 -24.28 38.79 1.65
C GLN A 165 -22.83 39.28 1.68
N ASP A 166 -22.04 38.77 0.75
CA ASP A 166 -20.64 39.16 0.60
C ASP A 166 -20.49 40.53 0.01
N SER A 167 -19.33 41.15 0.13
CA SER A 167 -19.12 42.47 -0.52
C SER A 167 -19.08 42.23 -2.01
N LYS A 168 -18.04 41.53 -2.42
CA LYS A 168 -17.66 41.45 -3.81
C LYS A 168 -18.67 40.77 -4.75
N ASP A 169 -18.79 39.47 -4.63
CA ASP A 169 -19.96 38.81 -5.21
C ASP A 169 -20.97 38.89 -4.08
N SER A 170 -22.25 39.03 -4.35
CA SER A 170 -23.11 39.20 -3.18
C SER A 170 -23.72 37.89 -2.71
N THR A 171 -22.94 37.11 -1.95
CA THR A 171 -23.42 35.80 -1.51
C THR A 171 -23.60 35.67 -0.06
N TYR A 172 -24.41 34.65 0.20
CA TYR A 172 -24.75 34.14 1.47
C TYR A 172 -23.79 33.05 1.71
N SER A 173 -23.45 32.83 2.96
CA SER A 173 -22.41 31.87 3.32
C SER A 173 -22.60 31.30 4.73
N MET A 174 -22.96 30.03 4.92
CA MET A 174 -23.10 29.52 6.31
C MET A 174 -22.03 28.52 6.87
N SER A 175 -21.60 28.67 8.14
CA SER A 175 -20.72 27.70 8.81
C SER A 175 -21.66 26.78 9.52
N SER A 176 -21.25 25.54 9.82
CA SER A 176 -22.10 24.63 10.63
C SER A 176 -21.27 23.76 11.53
N THR A 177 -21.43 23.88 12.84
CA THR A 177 -20.39 23.38 13.73
C THR A 177 -20.89 22.17 14.50
N LEU A 178 -20.66 20.94 14.06
CA LEU A 178 -21.00 19.77 14.94
C LEU A 178 -20.08 19.62 16.14
N THR A 179 -20.74 19.72 17.31
CA THR A 179 -20.11 19.86 18.62
C THR A 179 -20.47 18.76 19.62
N LEU A 180 -19.52 17.80 19.73
CA LEU A 180 -19.51 16.63 20.63
C LEU A 180 -18.22 16.67 21.51
N THR A 181 -17.89 15.54 22.15
CA THR A 181 -16.99 15.45 23.30
C THR A 181 -15.82 14.58 22.88
N LYS A 182 -14.78 14.41 23.68
CA LYS A 182 -13.79 13.46 23.15
C LYS A 182 -14.45 12.11 22.93
N ASP A 183 -14.75 11.46 24.07
CA ASP A 183 -15.41 10.15 24.14
C ASP A 183 -16.41 9.94 23.04
N GLU A 184 -17.31 10.90 22.84
CA GLU A 184 -18.30 10.67 21.84
C GLU A 184 -17.76 10.76 20.44
N TYR A 185 -16.83 11.66 20.24
CA TYR A 185 -16.31 11.85 18.91
C TYR A 185 -15.89 10.47 18.55
N GLU A 186 -15.20 9.81 19.48
CA GLU A 186 -14.31 8.68 19.27
C GLU A 186 -15.03 7.32 19.35
N ARG A 187 -16.22 7.23 19.93
CA ARG A 187 -17.09 6.05 19.75
C ARG A 187 -17.44 5.69 18.28
N HIS A 188 -17.62 6.68 17.38
CA HIS A 188 -17.98 6.54 15.92
C HIS A 188 -16.88 6.78 14.84
N ASN A 189 -17.16 6.38 13.60
CA ASN A 189 -16.17 6.45 12.50
C ASN A 189 -16.51 7.35 11.29
N SER A 190 -17.62 7.18 10.59
CA SER A 190 -17.98 8.16 9.52
C SER A 190 -18.65 9.42 10.05
N TYR A 191 -18.26 10.58 9.52
CA TYR A 191 -18.86 11.84 9.95
C TYR A 191 -19.18 12.57 8.66
N THR A 192 -20.43 12.86 8.42
CA THR A 192 -20.73 13.44 7.14
C THR A 192 -21.57 14.67 7.32
N CYS A 193 -21.23 15.71 6.54
CA CYS A 193 -22.01 16.97 6.52
C CYS A 193 -22.72 17.05 5.17
N GLU A 194 -24.02 17.21 5.13
CA GLU A 194 -24.55 17.30 3.78
C GLU A 194 -25.60 18.32 3.52
N ALA A 195 -25.33 19.09 2.46
CA ALA A 195 -25.93 20.38 2.20
C ALA A 195 -26.91 20.30 1.06
N THR A 196 -28.13 20.74 1.37
CA THR A 196 -29.28 20.60 0.51
C THR A 196 -29.85 22.02 0.39
N HIS A 197 -29.69 22.56 -0.82
CA HIS A 197 -29.94 23.95 -1.18
C HIS A 197 -30.68 23.84 -2.51
N LYS A 198 -31.44 24.89 -2.86
CA LYS A 198 -32.45 24.74 -3.92
C LYS A 198 -31.72 24.59 -5.20
N THR A 199 -30.48 25.07 -5.14
CA THR A 199 -29.51 25.13 -6.20
C THR A 199 -29.48 23.82 -6.93
N SER A 200 -29.52 22.71 -6.15
CA SER A 200 -29.70 21.35 -6.66
C SER A 200 -30.26 20.33 -5.65
N THR A 201 -31.18 19.50 -6.23
CA THR A 201 -31.96 18.35 -5.65
C THR A 201 -31.04 17.41 -4.94
N SER A 202 -30.00 17.00 -5.64
CA SER A 202 -29.01 16.10 -5.12
C SER A 202 -28.13 16.87 -4.10
N PRO A 203 -28.28 16.56 -2.79
CA PRO A 203 -27.63 17.31 -1.70
C PRO A 203 -26.18 17.30 -1.95
N ILE A 204 -25.38 18.14 -1.30
CA ILE A 204 -23.93 18.18 -1.56
C ILE A 204 -23.49 17.51 -0.33
N VAL A 205 -22.50 16.62 -0.42
CA VAL A 205 -21.84 16.07 0.78
C VAL A 205 -20.34 16.06 0.70
N LYS A 206 -19.66 16.57 1.73
CA LYS A 206 -18.22 16.33 1.88
C LYS A 206 -18.24 15.55 3.16
N SER A 207 -17.23 14.73 3.42
CA SER A 207 -17.33 13.82 4.56
C SER A 207 -15.99 13.32 5.00
N PHE A 208 -15.89 12.79 6.22
CA PHE A 208 -14.72 11.98 6.57
C PHE A 208 -14.95 10.60 7.24
N ASN A 209 -13.85 9.87 7.46
CA ASN A 209 -13.92 8.65 8.24
C ASN A 209 -12.95 8.88 9.37
N ARG A 210 -13.34 8.53 10.56
CA ARG A 210 -12.64 9.06 11.70
C ARG A 210 -11.32 8.37 11.88
N ASN A 211 -11.09 7.27 11.16
CA ASN A 211 -9.78 6.56 11.25
C ASN A 211 -8.64 7.13 10.39
N GLU A 212 -9.01 7.78 9.26
CA GLU A 212 -8.22 8.18 8.07
C GLU A 212 -8.44 7.15 6.94
N CYS A 213 -9.54 7.35 6.19
CA CYS A 213 -10.05 6.35 5.28
C CYS A 213 -10.70 7.00 4.05
N GLU B 1 -8.92 61.61 5.94
CA GLU B 1 -7.77 62.08 6.78
C GLU B 1 -8.20 62.20 8.22
N VAL B 2 -9.53 62.26 8.40
CA VAL B 2 -10.14 62.60 9.68
C VAL B 2 -10.44 61.34 10.43
N LYS B 3 -9.91 61.26 11.62
CA LYS B 3 -9.75 59.98 12.26
C LYS B 3 -10.29 59.99 13.70
N LEU B 4 -11.39 59.25 13.93
CA LEU B 4 -11.87 58.88 15.29
C LEU B 4 -11.68 57.38 15.69
N GLU B 5 -10.80 57.24 16.67
CA GLU B 5 -10.55 56.00 17.40
C GLU B 5 -11.20 56.20 18.80
N GLU B 6 -12.39 55.64 19.07
CA GLU B 6 -12.78 55.64 20.47
C GLU B 6 -11.98 54.50 21.07
N SER B 7 -11.87 54.49 22.39
CA SER B 7 -11.33 53.34 23.10
C SER B 7 -12.06 53.23 24.42
N GLY B 8 -11.79 52.18 25.23
CA GLY B 8 -12.17 52.13 26.66
C GLY B 8 -13.20 51.07 27.09
N GLY B 9 -13.89 50.61 26.04
CA GLY B 9 -14.88 49.52 25.99
C GLY B 9 -14.52 48.20 26.64
N GLY B 10 -15.53 47.54 27.19
CA GLY B 10 -15.23 46.51 28.14
C GLY B 10 -16.41 45.74 28.59
N LEU B 11 -16.11 44.76 29.46
CA LEU B 11 -17.07 44.20 30.40
C LEU B 11 -17.09 45.19 31.56
N VAL B 12 -18.32 45.66 31.86
CA VAL B 12 -18.68 46.25 33.17
C VAL B 12 -19.78 45.41 33.77
N GLN B 13 -19.56 45.00 35.02
CA GLN B 13 -20.62 44.43 35.81
C GLN B 13 -21.60 45.59 36.08
N PRO B 14 -22.91 45.33 36.03
CA PRO B 14 -23.91 46.30 36.46
C PRO B 14 -23.47 47.19 37.65
N GLY B 15 -24.06 48.39 37.72
CA GLY B 15 -23.74 49.39 38.74
C GLY B 15 -22.34 49.98 38.62
N GLY B 16 -21.61 49.60 37.57
CA GLY B 16 -20.19 49.87 37.50
C GLY B 16 -19.99 51.05 36.66
N SER B 17 -18.82 51.68 36.78
CA SER B 17 -18.44 52.85 35.95
C SER B 17 -17.50 52.51 34.73
N MET B 18 -17.53 53.33 33.68
CA MET B 18 -16.64 53.14 32.56
C MET B 18 -16.40 54.46 31.89
N LYS B 19 -15.16 54.71 31.47
CA LYS B 19 -14.92 55.90 30.63
C LYS B 19 -14.56 55.53 29.21
N LEU B 20 -15.29 56.10 28.25
CA LEU B 20 -14.96 56.00 26.81
C LEU B 20 -14.16 57.19 26.39
N SER B 21 -13.06 56.92 25.69
CA SER B 21 -12.28 58.01 25.15
C SER B 21 -12.42 57.97 23.66
N CYS B 22 -12.30 59.16 23.06
CA CYS B 22 -12.43 59.33 21.63
C CYS B 22 -11.56 60.39 21.02
N ALA B 23 -10.56 59.94 20.31
CA ALA B 23 -9.49 60.85 19.92
C ALA B 23 -9.65 61.20 18.49
N ALA B 24 -9.69 62.52 18.22
CA ALA B 24 -9.87 62.98 16.87
C ALA B 24 -8.61 63.61 16.30
N SER B 25 -8.48 63.55 14.99
CA SER B 25 -7.42 64.13 14.22
C SER B 25 -8.04 64.22 12.82
N GLY B 26 -7.39 64.97 11.93
CA GLY B 26 -7.93 65.26 10.60
C GLY B 26 -8.65 66.59 10.41
N PHE B 27 -8.88 67.24 11.55
CA PHE B 27 -9.64 68.47 11.58
C PHE B 27 -9.57 69.21 12.92
N THR B 28 -9.39 70.54 12.81
CA THR B 28 -9.87 71.60 13.75
C THR B 28 -10.77 71.13 14.91
N PHE B 29 -10.27 70.33 15.88
CA PHE B 29 -11.21 69.54 16.70
C PHE B 29 -12.09 70.49 17.45
N SER B 30 -11.42 71.54 17.92
CA SER B 30 -11.96 72.65 18.65
C SER B 30 -13.19 73.20 18.00
N ASP B 31 -13.21 73.12 16.67
CA ASP B 31 -14.36 73.52 15.89
C ASP B 31 -15.58 72.60 15.89
N ALA B 32 -15.47 71.32 16.25
CA ALA B 32 -16.64 70.40 15.99
C ALA B 32 -17.49 70.18 17.14
N TRP B 33 -18.79 70.31 16.96
CA TRP B 33 -19.68 69.71 17.94
C TRP B 33 -19.44 68.20 17.91
N MET B 34 -19.55 67.52 19.06
CA MET B 34 -19.41 66.05 19.14
C MET B 34 -20.63 65.20 19.67
N ASP B 35 -20.80 63.98 19.19
CA ASP B 35 -21.79 63.12 19.83
C ASP B 35 -21.26 61.72 20.19
N TRP B 36 -21.85 61.12 21.23
CA TRP B 36 -21.73 59.69 21.48
C TRP B 36 -23.00 59.16 20.97
N VAL B 37 -22.97 58.16 20.12
CA VAL B 37 -24.20 57.60 19.64
C VAL B 37 -24.12 56.08 19.72
N ARG B 38 -25.03 55.40 20.41
CA ARG B 38 -24.73 54.00 20.79
C ARG B 38 -25.66 53.02 20.11
N GLN B 39 -25.14 51.87 19.74
CA GLN B 39 -25.96 50.94 18.99
C GLN B 39 -26.01 49.55 19.55
N SER B 40 -27.23 49.01 19.50
CA SER B 40 -27.53 47.64 19.90
C SER B 40 -28.33 46.96 18.79
N PRO B 41 -28.57 45.65 18.89
CA PRO B 41 -29.47 45.01 17.92
C PRO B 41 -30.93 45.12 18.37
N GLU B 42 -31.26 44.93 19.67
CA GLU B 42 -32.65 45.19 20.16
C GLU B 42 -33.05 46.67 20.09
N LYS B 43 -32.48 47.53 20.96
CA LYS B 43 -32.64 49.02 20.88
C LYS B 43 -32.31 49.55 19.46
N GLY B 44 -31.07 49.33 18.99
CA GLY B 44 -30.76 49.65 17.61
C GLY B 44 -29.87 50.84 17.66
N LEU B 45 -30.38 51.95 17.12
CA LEU B 45 -29.63 53.22 16.95
C LEU B 45 -30.22 54.37 17.75
N GLU B 46 -29.50 54.75 18.79
CA GLU B 46 -30.06 55.64 19.76
C GLU B 46 -28.98 56.51 20.23
N TRP B 47 -29.22 57.82 20.03
CA TRP B 47 -28.25 58.90 20.28
C TRP B 47 -27.94 58.98 21.80
N VAL B 48 -26.71 59.31 22.17
CA VAL B 48 -26.38 59.29 23.57
C VAL B 48 -26.11 60.65 24.25
N ALA B 49 -25.16 61.42 23.78
CA ALA B 49 -25.07 62.79 24.26
C ALA B 49 -24.53 63.59 23.12
N GLU B 50 -24.47 64.91 23.30
CA GLU B 50 -24.00 65.82 22.28
C GLU B 50 -23.17 66.84 23.04
N ILE B 51 -22.17 67.43 22.40
CA ILE B 51 -21.34 68.33 23.15
C ILE B 51 -20.67 69.37 22.25
N ARG B 52 -21.20 70.59 22.36
CA ARG B 52 -20.95 71.65 21.43
C ARG B 52 -19.60 72.29 21.60
N SER B 53 -19.09 72.85 20.50
CA SER B 53 -17.88 73.61 20.43
C SER B 53 -17.92 74.77 21.38
N LYS B 54 -16.71 75.19 21.79
CA LYS B 54 -16.43 76.34 22.66
C LYS B 54 -17.15 77.55 22.14
N VAL B 55 -17.16 77.67 20.80
CA VAL B 55 -17.89 78.70 20.09
C VAL B 55 -19.29 78.71 20.59
N ASN B 56 -19.98 77.56 20.65
CA ASN B 56 -21.35 77.47 21.23
C ASN B 56 -21.30 76.98 22.68
N ASN B 57 -20.15 77.29 23.29
CA ASN B 57 -19.74 77.05 24.72
C ASN B 57 -20.08 75.72 25.33
N HIS B 58 -19.75 74.67 24.60
CA HIS B 58 -19.79 73.39 25.18
C HIS B 58 -21.19 73.02 25.70
N ALA B 59 -22.20 73.61 25.12
CA ALA B 59 -23.51 73.15 25.48
C ALA B 59 -23.80 71.60 25.38
N ILE B 60 -24.05 70.96 26.52
CA ILE B 60 -24.29 69.50 26.69
C ILE B 60 -25.76 69.04 26.58
N HIS B 61 -25.94 67.81 26.09
CA HIS B 61 -27.28 67.32 25.78
C HIS B 61 -27.40 65.84 25.80
N TYR B 62 -28.24 65.25 26.64
CA TYR B 62 -28.30 63.80 26.75
C TYR B 62 -29.66 63.27 26.50
N ALA B 63 -29.72 61.96 26.23
CA ALA B 63 -30.97 61.23 26.09
C ALA B 63 -31.54 60.95 27.48
N GLU B 64 -32.86 60.76 27.60
CA GLU B 64 -33.41 60.85 28.97
C GLU B 64 -32.96 59.64 29.66
N SER B 65 -32.81 58.59 28.87
CA SER B 65 -32.31 57.33 29.36
C SER B 65 -30.99 57.48 30.08
N VAL B 66 -30.18 58.41 29.66
CA VAL B 66 -28.85 58.49 30.21
C VAL B 66 -28.60 59.68 31.13
N LYS B 67 -29.42 60.71 30.99
CA LYS B 67 -29.51 61.83 31.90
C LYS B 67 -29.15 61.38 33.32
N GLY B 68 -28.09 61.95 33.87
CA GLY B 68 -27.72 61.65 35.26
C GLY B 68 -26.70 60.55 35.55
N ARG B 69 -26.37 59.77 34.55
CA ARG B 69 -25.44 58.68 34.76
C ARG B 69 -24.17 58.77 33.83
N PHE B 70 -24.34 59.25 32.60
CA PHE B 70 -23.17 59.38 31.76
C PHE B 70 -22.68 60.80 31.85
N THR B 71 -21.39 61.04 31.68
CA THR B 71 -20.82 62.38 31.74
C THR B 71 -19.85 62.75 30.55
N VAL B 72 -20.38 63.47 29.55
CA VAL B 72 -19.60 63.75 28.34
C VAL B 72 -18.78 64.96 28.62
N SER B 73 -17.58 65.02 28.08
CA SER B 73 -16.65 66.09 28.40
C SER B 73 -15.70 66.22 27.19
N ARG B 74 -15.07 67.35 26.94
CA ARG B 74 -14.02 67.16 25.96
C ARG B 74 -12.73 67.73 26.46
N ASP B 75 -11.69 67.63 25.65
CA ASP B 75 -10.54 68.47 25.81
C ASP B 75 -10.14 68.94 24.44
N ASP B 76 -10.70 70.11 24.08
CA ASP B 76 -10.47 70.72 22.76
C ASP B 76 -8.99 70.73 22.52
N SER B 77 -8.30 70.82 23.66
CA SER B 77 -6.85 70.97 23.76
C SER B 77 -6.02 69.66 23.46
N LYS B 78 -6.73 68.51 23.55
CA LYS B 78 -6.20 67.19 23.21
C LYS B 78 -6.93 66.60 22.02
N SER B 79 -7.86 67.36 21.48
CA SER B 79 -8.56 66.97 20.27
C SER B 79 -9.34 65.63 20.49
N SER B 80 -10.04 65.53 21.63
CA SER B 80 -10.72 64.29 22.10
C SER B 80 -11.98 64.54 22.88
N VAL B 81 -12.99 63.69 22.67
CA VAL B 81 -14.22 63.73 23.44
C VAL B 81 -14.36 62.43 24.33
N TYR B 82 -15.05 62.52 25.47
CA TYR B 82 -15.11 61.44 26.45
C TYR B 82 -16.51 61.06 26.87
N LEU B 83 -16.70 59.83 27.33
CA LEU B 83 -17.97 59.42 27.94
C LEU B 83 -17.75 58.71 29.18
N GLN B 84 -18.07 59.36 30.26
CA GLN B 84 -17.72 58.76 31.51
C GLN B 84 -18.97 58.08 31.96
N MET B 85 -19.24 56.89 31.44
CA MET B 85 -20.43 56.14 31.89
C MET B 85 -20.37 55.72 33.37
N ASN B 86 -21.51 55.91 34.01
CA ASN B 86 -21.61 55.82 35.44
C ASN B 86 -22.90 55.15 35.78
N SER B 87 -22.87 54.39 36.87
CA SER B 87 -24.03 53.69 37.35
C SER B 87 -24.69 52.96 36.15
N LEU B 88 -23.96 51.98 35.63
CA LEU B 88 -24.27 51.46 34.30
C LEU B 88 -25.43 50.54 34.35
N ARG B 89 -25.79 49.91 33.24
CA ARG B 89 -27.03 49.10 33.22
C ARG B 89 -27.08 48.09 32.05
N ALA B 90 -27.39 46.84 32.32
CA ALA B 90 -27.42 45.89 31.23
C ALA B 90 -27.91 46.49 29.86
N GLU B 91 -28.84 47.46 29.86
CA GLU B 91 -29.24 48.09 28.58
C GLU B 91 -28.14 49.05 28.06
N ASP B 92 -27.47 49.74 28.94
CA ASP B 92 -26.48 50.67 28.46
C ASP B 92 -25.52 49.97 27.57
N THR B 93 -25.77 48.69 27.33
CA THR B 93 -24.83 47.83 26.61
C THR B 93 -24.95 47.94 25.10
N GLY B 94 -23.80 47.93 24.42
CA GLY B 94 -23.79 48.03 22.97
C GLY B 94 -22.58 48.77 22.48
N ILE B 95 -22.63 49.08 21.17
CA ILE B 95 -21.52 49.72 20.48
C ILE B 95 -21.64 51.19 20.68
N TYR B 96 -20.54 51.75 21.12
CA TYR B 96 -20.54 53.15 21.43
C TYR B 96 -19.84 54.03 20.37
N TYR B 97 -20.54 54.69 19.46
CA TYR B 97 -19.76 55.53 18.54
C TYR B 97 -19.60 56.93 18.94
N CYS B 98 -18.36 57.35 18.99
CA CYS B 98 -17.99 58.72 19.16
C CYS B 98 -18.10 59.15 17.75
N SER B 99 -18.65 60.36 17.52
CA SER B 99 -19.14 60.91 16.18
C SER B 99 -18.79 62.33 15.80
N GLY B 100 -19.08 62.63 14.54
CA GLY B 100 -18.26 63.53 13.73
C GLY B 100 -18.29 65.05 13.77
N TRP B 101 -18.99 65.65 12.78
CA TRP B 101 -19.41 67.04 12.85
C TRP B 101 -20.77 66.91 13.47
N SER B 102 -21.79 67.63 13.04
CA SER B 102 -23.05 67.22 13.63
C SER B 102 -23.38 65.87 12.96
N PHE B 103 -22.79 64.77 13.43
CA PHE B 103 -22.98 63.43 12.80
C PHE B 103 -22.34 63.07 11.42
N LEU B 104 -21.32 63.82 11.09
CA LEU B 104 -20.76 63.67 9.79
C LEU B 104 -19.52 62.78 9.67
N TYR B 105 -18.70 62.68 10.71
CA TYR B 105 -17.59 61.69 10.80
C TYR B 105 -17.97 60.58 11.84
N TRP B 106 -17.27 59.43 11.87
CA TRP B 106 -17.69 58.33 12.74
C TRP B 106 -16.64 57.24 12.96
N GLY B 107 -15.92 57.35 14.06
CA GLY B 107 -15.15 56.24 14.61
C GLY B 107 -15.86 54.90 14.54
N GLN B 108 -15.15 53.86 14.95
CA GLN B 108 -15.55 52.52 14.53
C GLN B 108 -16.31 51.89 15.66
N GLY B 109 -16.35 52.60 16.79
CA GLY B 109 -17.04 52.13 17.99
C GLY B 109 -16.29 51.11 18.82
N THR B 110 -16.41 51.20 20.16
CA THR B 110 -16.13 50.08 21.07
C THR B 110 -17.35 49.39 21.51
N LEU B 111 -17.15 48.11 21.53
CA LEU B 111 -18.08 47.32 22.24
C LEU B 111 -17.88 47.62 23.70
N VAL B 112 -19.04 47.63 24.38
CA VAL B 112 -19.17 47.86 25.81
C VAL B 112 -20.30 46.95 26.23
N THR B 113 -20.04 46.08 27.21
CA THR B 113 -21.01 45.18 27.81
C THR B 113 -21.00 45.32 29.31
N VAL B 114 -22.12 45.75 29.87
CA VAL B 114 -22.34 45.55 31.28
C VAL B 114 -22.98 44.21 31.39
N SER B 115 -22.51 43.39 32.32
CA SER B 115 -23.09 42.06 32.54
C SER B 115 -22.32 41.32 33.61
N ALA B 116 -23.07 40.68 34.53
CA ALA B 116 -22.55 39.85 35.65
C ALA B 116 -21.41 38.85 35.33
N ALA B 117 -21.35 38.35 34.09
CA ALA B 117 -20.35 37.38 33.64
C ALA B 117 -18.95 37.93 33.75
N LYS B 118 -17.98 37.07 33.46
CA LYS B 118 -16.56 37.43 33.52
C LYS B 118 -15.97 37.21 32.14
N THR B 119 -14.73 37.62 31.98
CA THR B 119 -13.92 37.28 30.79
C THR B 119 -13.72 35.76 30.45
N THR B 120 -13.54 35.46 29.18
CA THR B 120 -13.37 34.08 28.82
C THR B 120 -12.66 34.04 27.49
N PRO B 121 -11.33 33.95 27.58
CA PRO B 121 -10.45 33.90 26.43
C PRO B 121 -11.04 32.95 25.51
N PRO B 122 -10.74 33.08 24.24
CA PRO B 122 -11.37 32.22 23.29
C PRO B 122 -10.33 31.16 23.11
N SER B 123 -10.75 30.02 22.61
CA SER B 123 -9.82 28.93 22.35
C SER B 123 -9.55 28.92 20.82
N VAL B 124 -8.30 28.78 20.38
CA VAL B 124 -8.09 28.87 18.92
C VAL B 124 -7.63 27.60 18.26
N TYR B 125 -8.52 27.01 17.50
CA TYR B 125 -8.26 25.70 16.94
C TYR B 125 -8.18 25.90 15.46
N PRO B 126 -7.14 25.35 14.83
CA PRO B 126 -7.02 25.42 13.37
C PRO B 126 -7.75 24.27 12.81
N LEU B 127 -8.49 24.59 11.74
CA LEU B 127 -9.23 23.59 10.94
C LEU B 127 -8.54 23.34 9.58
N ALA B 128 -7.66 22.33 9.60
CA ALA B 128 -6.82 21.88 8.49
C ALA B 128 -7.52 20.70 7.87
N PRO B 129 -7.48 20.57 6.58
CA PRO B 129 -8.52 19.85 5.88
C PRO B 129 -8.68 18.36 6.20
N GLY B 130 -7.64 17.54 6.18
CA GLY B 130 -7.88 16.13 6.50
C GLY B 130 -6.95 15.10 5.86
N SER B 131 -6.52 14.11 6.66
CA SER B 131 -5.39 13.22 6.26
C SER B 131 -5.77 12.25 5.12
N ALA B 132 -6.73 12.68 4.28
CA ALA B 132 -7.29 11.89 3.18
C ALA B 132 -8.21 12.80 2.36
N ALA B 133 -8.06 14.10 2.62
CA ALA B 133 -8.59 15.16 1.78
C ALA B 133 -8.67 14.83 0.26
N GLN B 134 -9.52 15.61 -0.42
CA GLN B 134 -9.42 15.90 -1.86
C GLN B 134 -8.98 17.39 -2.04
N THR B 135 -7.95 17.60 -2.88
CA THR B 135 -7.39 18.93 -3.05
C THR B 135 -7.49 19.23 -4.51
N ASN B 136 -8.53 20.01 -4.80
CA ASN B 136 -9.01 20.36 -6.14
C ASN B 136 -8.37 21.69 -6.57
N SER B 137 -9.08 22.45 -7.39
CA SER B 137 -8.52 23.70 -7.84
C SER B 137 -8.25 24.51 -6.61
N MET B 138 -9.29 24.58 -5.79
CA MET B 138 -9.34 25.52 -4.67
C MET B 138 -9.04 24.87 -3.32
N VAL B 139 -8.71 25.68 -2.31
CA VAL B 139 -8.57 25.16 -0.93
C VAL B 139 -9.05 26.00 0.27
N THR B 140 -9.82 25.38 1.16
CA THR B 140 -10.37 26.06 2.30
C THR B 140 -9.78 25.58 3.57
N LEU B 141 -9.51 26.52 4.47
CA LEU B 141 -9.15 26.20 5.83
C LEU B 141 -10.00 27.12 6.72
N GLY B 142 -9.71 27.05 8.04
CA GLY B 142 -10.59 27.51 9.11
C GLY B 142 -9.84 27.86 10.40
N CYS B 143 -10.45 28.72 11.22
CA CYS B 143 -10.13 28.88 12.62
C CYS B 143 -11.34 28.68 13.43
N LEU B 144 -11.18 27.84 14.46
CA LEU B 144 -12.24 27.71 15.43
C LEU B 144 -11.78 28.44 16.57
N VAL B 145 -12.58 29.45 16.90
CA VAL B 145 -12.26 30.38 17.98
C VAL B 145 -13.43 30.26 18.88
N LYS B 146 -13.14 29.67 20.04
CA LYS B 146 -14.14 29.01 20.85
C LYS B 146 -14.36 29.46 22.30
N GLY B 147 -15.64 29.51 22.63
CA GLY B 147 -16.13 29.67 23.98
C GLY B 147 -15.56 30.91 24.65
N TYR B 148 -15.74 32.06 24.00
CA TYR B 148 -15.19 33.26 24.60
C TYR B 148 -16.35 34.02 25.09
N PHE B 149 -16.05 34.85 26.07
CA PHE B 149 -16.85 36.00 26.50
C PHE B 149 -15.89 37.13 26.97
N PRO B 150 -16.16 38.45 26.85
CA PRO B 150 -17.29 39.10 26.14
C PRO B 150 -17.13 39.27 24.63
N GLU B 151 -18.12 39.78 23.88
CA GLU B 151 -17.86 40.11 22.47
C GLU B 151 -17.00 41.42 22.31
N PRO B 152 -16.14 41.58 21.29
CA PRO B 152 -16.03 40.69 20.11
C PRO B 152 -14.61 40.11 20.02
N VAL B 153 -14.40 39.36 18.96
CA VAL B 153 -13.08 38.80 18.78
C VAL B 153 -12.76 39.21 17.35
N THR B 154 -11.51 39.54 17.02
CA THR B 154 -11.19 40.06 15.68
C THR B 154 -10.18 39.27 14.97
N VAL B 155 -10.73 38.56 14.03
CA VAL B 155 -9.90 37.64 13.28
C VAL B 155 -9.48 38.20 11.89
N THR B 156 -8.19 38.14 11.62
CA THR B 156 -7.69 38.36 10.31
C THR B 156 -6.73 37.17 9.96
N TRP B 157 -6.44 37.05 8.69
CA TRP B 157 -5.53 36.02 8.23
C TRP B 157 -4.24 36.62 7.69
N ASN B 158 -3.11 36.10 8.14
CA ASN B 158 -1.78 36.57 7.72
C ASN B 158 -1.51 38.02 8.10
N SER B 159 -1.89 38.31 9.35
CA SER B 159 -2.08 39.66 9.85
C SER B 159 -2.60 40.63 8.77
N GLY B 160 -3.57 40.18 7.99
CA GLY B 160 -4.23 41.06 7.03
C GLY B 160 -3.88 41.00 5.54
N SER B 161 -2.71 40.46 5.20
CA SER B 161 -2.42 40.19 3.78
C SER B 161 -3.51 39.33 3.11
N LEU B 162 -3.71 38.10 3.57
CA LEU B 162 -4.79 37.23 3.13
C LEU B 162 -6.08 37.77 3.67
N SER B 163 -6.78 38.44 2.74
CA SER B 163 -8.01 39.16 3.06
C SER B 163 -9.09 38.99 2.01
N SER B 164 -8.77 38.26 0.95
CA SER B 164 -9.75 38.03 -0.08
C SER B 164 -10.34 36.61 -0.08
N GLY B 165 -11.67 36.54 -0.23
CA GLY B 165 -12.37 35.27 -0.19
C GLY B 165 -12.08 34.65 1.15
N VAL B 166 -12.62 35.23 2.22
CA VAL B 166 -12.46 34.68 3.57
C VAL B 166 -13.69 35.02 4.37
N HIS B 167 -14.39 34.02 4.87
CA HIS B 167 -15.57 34.34 5.63
C HIS B 167 -15.44 34.24 7.15
N THR B 168 -15.35 35.35 7.89
CA THR B 168 -15.63 35.24 9.32
C THR B 168 -17.10 35.29 9.58
N PHE B 169 -17.57 34.45 10.47
CA PHE B 169 -19.00 34.32 10.72
C PHE B 169 -19.43 35.13 11.95
N PRO B 170 -20.71 35.38 12.10
CA PRO B 170 -21.16 36.00 13.33
C PRO B 170 -20.91 35.00 14.43
N ALA B 171 -20.53 35.53 15.60
CA ALA B 171 -20.52 34.78 16.85
C ALA B 171 -21.90 34.08 17.03
N VAL B 172 -21.94 32.86 17.59
CA VAL B 172 -23.19 32.33 18.27
C VAL B 172 -23.01 32.19 19.79
N LEU B 173 -24.16 32.11 20.48
CA LEU B 173 -24.13 32.04 21.93
C LEU B 173 -24.42 30.61 22.35
N GLN B 174 -23.51 30.04 23.13
CA GLN B 174 -23.77 28.76 23.78
C GLN B 174 -24.00 28.79 25.31
N SER B 175 -23.24 28.00 26.07
CA SER B 175 -23.42 28.03 27.52
C SER B 175 -23.16 29.50 27.93
N ASP B 176 -24.08 30.40 27.54
CA ASP B 176 -23.83 31.84 27.39
C ASP B 176 -22.33 32.07 27.02
N LEU B 177 -21.72 31.23 26.19
CA LEU B 177 -20.46 31.66 25.69
C LEU B 177 -20.59 31.89 24.22
N TYR B 178 -19.46 32.29 23.63
CA TYR B 178 -19.50 32.76 22.26
C TYR B 178 -18.65 31.86 21.43
N THR B 179 -19.21 31.30 20.36
CA THR B 179 -18.32 30.61 19.45
C THR B 179 -18.40 31.03 17.98
N LEU B 180 -17.25 31.30 17.41
CA LEU B 180 -17.19 31.86 16.06
C LEU B 180 -16.04 31.18 15.27
N SER B 181 -16.23 31.11 13.93
CA SER B 181 -15.30 30.45 12.97
C SER B 181 -15.11 31.30 11.74
N SER B 182 -13.89 31.28 11.19
CA SER B 182 -13.61 31.97 9.94
C SER B 182 -13.01 31.04 8.95
N SER B 183 -13.44 31.11 7.71
CA SER B 183 -12.96 30.24 6.66
C SER B 183 -12.22 31.13 5.76
N VAL B 184 -11.27 30.55 5.06
CA VAL B 184 -10.48 31.30 4.05
C VAL B 184 -10.13 30.40 2.82
N THR B 185 -10.29 30.88 1.59
CA THR B 185 -9.94 30.00 0.51
C THR B 185 -8.82 30.55 -0.28
N VAL B 186 -7.77 29.71 -0.39
CA VAL B 186 -6.53 29.92 -1.15
C VAL B 186 -6.48 28.93 -2.31
N PRO B 187 -5.90 29.29 -3.41
CA PRO B 187 -5.77 28.35 -4.51
C PRO B 187 -4.81 27.27 -4.14
N SER B 188 -5.06 26.09 -4.69
CA SER B 188 -4.49 24.86 -4.16
C SER B 188 -3.00 24.94 -4.00
N SER B 189 -2.39 25.48 -5.05
CA SER B 189 -0.95 25.61 -5.22
C SER B 189 -0.33 26.43 -4.15
N THR B 190 -1.17 27.26 -3.52
CA THR B 190 -0.66 28.22 -2.56
C THR B 190 -0.58 27.62 -1.16
N TRP B 191 -1.20 26.45 -0.95
CA TRP B 191 -1.14 25.83 0.36
C TRP B 191 -0.98 24.32 0.34
N PRO B 192 -0.21 23.73 1.26
CA PRO B 192 0.52 24.41 2.36
C PRO B 192 1.82 24.89 1.89
N SER B 193 1.83 25.24 0.58
CA SER B 193 3.01 25.64 -0.16
C SER B 193 3.52 27.00 0.40
N GLU B 194 2.59 27.89 0.75
CA GLU B 194 2.92 29.02 1.63
C GLU B 194 2.00 29.13 2.85
N THR B 195 2.61 29.65 3.91
CA THR B 195 2.03 29.73 5.27
C THR B 195 0.72 30.54 5.34
N VAL B 196 -0.41 29.88 5.63
CA VAL B 196 -1.63 30.62 6.08
C VAL B 196 -1.79 30.59 7.58
N THR B 197 -1.67 31.76 8.20
CA THR B 197 -1.88 31.87 9.61
C THR B 197 -3.08 32.74 9.87
N CYS B 198 -3.85 32.38 10.91
CA CYS B 198 -5.02 33.14 11.26
C CYS B 198 -4.83 33.68 12.61
N ASN B 199 -4.92 35.00 12.69
CA ASN B 199 -4.72 35.70 13.93
C ASN B 199 -6.00 36.28 14.40
N VAL B 200 -6.15 36.20 15.69
CA VAL B 200 -7.40 36.55 16.32
C VAL B 200 -7.07 37.34 17.59
N ALA B 201 -7.94 38.27 17.95
CA ALA B 201 -7.80 38.67 19.30
C ALA B 201 -9.13 38.91 19.84
N HIS B 202 -9.13 38.90 21.17
CA HIS B 202 -10.25 39.17 22.04
C HIS B 202 -9.61 39.90 23.20
N PRO B 203 -9.89 41.20 23.37
CA PRO B 203 -9.88 41.89 24.68
C PRO B 203 -10.45 41.11 25.92
N ALA B 204 -9.45 40.50 26.61
CA ALA B 204 -9.32 39.27 27.50
C ALA B 204 -7.78 39.25 27.43
N SER B 205 -7.33 40.23 26.61
CA SER B 205 -6.01 40.48 26.15
C SER B 205 -5.30 39.25 25.55
N SER B 206 -6.07 38.18 25.28
CA SER B 206 -5.66 37.07 24.40
C SER B 206 -5.62 37.60 23.00
N THR B 207 -4.74 36.97 22.22
CA THR B 207 -4.15 37.50 20.99
C THR B 207 -3.39 36.34 20.42
N LYS B 208 -4.05 35.45 19.69
CA LYS B 208 -3.44 34.15 19.33
C LYS B 208 -3.25 34.12 17.85
N VAL B 209 -2.05 33.82 17.40
CA VAL B 209 -1.84 34.00 15.98
C VAL B 209 -1.52 32.60 15.40
N ASP B 210 -2.45 31.68 15.65
CA ASP B 210 -2.28 30.26 15.39
C ASP B 210 -2.22 29.82 13.93
N LYS B 211 -1.20 29.02 13.58
CA LYS B 211 -0.87 28.66 12.17
C LYS B 211 -1.53 27.39 11.65
N LYS B 212 -2.32 27.56 10.57
CA LYS B 212 -3.13 26.51 10.00
C LYS B 212 -2.22 25.57 9.26
N ILE B 213 -1.75 24.53 9.96
CA ILE B 213 -0.74 23.49 9.51
C ILE B 213 -1.27 22.11 9.08
N VAL B 214 -0.73 21.48 8.04
CA VAL B 214 -1.31 20.22 7.54
C VAL B 214 -1.25 19.05 8.54
N PRO B 215 -2.15 18.04 8.48
CA PRO B 215 -2.22 17.02 9.56
C PRO B 215 -1.51 15.63 9.37
N ARG B 216 -0.59 15.28 10.28
CA ARG B 216 0.38 14.18 10.09
C ARG B 216 -0.16 12.74 9.97
N ASP B 217 0.48 12.03 9.04
CA ASP B 217 0.13 10.67 8.51
C ASP B 217 -1.37 10.41 8.16
N GLN C 1 33.28 -68.00 -23.19
CA GLN C 1 32.50 -67.27 -24.28
C GLN C 1 31.12 -67.99 -24.65
N VAL C 2 30.52 -68.63 -23.62
CA VAL C 2 29.12 -69.05 -23.63
C VAL C 2 28.22 -67.83 -23.62
N VAL C 3 27.32 -67.70 -24.59
CA VAL C 3 26.53 -66.46 -24.72
C VAL C 3 25.08 -66.53 -24.23
N LEU C 4 24.76 -65.71 -23.21
CA LEU C 4 23.44 -65.72 -22.55
C LEU C 4 22.61 -64.66 -23.22
N THR C 5 21.43 -65.06 -23.72
CA THR C 5 20.51 -64.23 -24.46
C THR C 5 19.23 -64.33 -23.67
N GLN C 6 18.67 -63.16 -23.32
CA GLN C 6 17.59 -63.05 -22.36
C GLN C 6 16.29 -62.57 -22.95
N SER C 7 15.25 -63.36 -22.69
CA SER C 7 13.98 -63.50 -23.48
C SER C 7 13.20 -62.28 -23.97
N PRO C 8 12.75 -61.45 -23.00
CA PRO C 8 12.07 -60.18 -23.28
C PRO C 8 13.09 -59.13 -22.86
N GLY C 9 13.59 -58.31 -23.78
CA GLY C 9 14.70 -57.43 -23.42
C GLY C 9 14.19 -56.39 -22.46
N ILE C 10 13.06 -55.81 -22.85
CA ILE C 10 12.22 -54.94 -21.99
C ILE C 10 10.68 -55.29 -21.90
N MET C 11 10.12 -55.14 -20.72
CA MET C 11 8.76 -55.61 -20.43
C MET C 11 8.22 -55.00 -19.16
N SER C 12 6.90 -54.84 -19.17
CA SER C 12 6.24 -54.28 -18.02
C SER C 12 4.99 -55.07 -17.63
N ALA C 13 4.97 -55.41 -16.34
CA ALA C 13 3.97 -56.23 -15.67
C ALA C 13 3.09 -55.37 -14.83
N SER C 14 1.79 -55.76 -14.79
CA SER C 14 0.84 -55.19 -13.83
C SER C 14 1.18 -55.79 -12.45
N PRO C 15 0.95 -55.03 -11.38
CA PRO C 15 1.26 -55.52 -10.04
C PRO C 15 0.31 -56.58 -9.71
N GLY C 16 0.88 -57.68 -9.28
CA GLY C 16 0.11 -58.84 -8.89
C GLY C 16 -0.12 -59.77 -10.04
N GLU C 17 0.46 -59.44 -11.20
CA GLU C 17 0.39 -60.21 -12.46
C GLU C 17 1.51 -61.20 -12.38
N LYS C 18 1.41 -62.31 -13.11
CA LYS C 18 2.51 -63.26 -12.99
C LYS C 18 3.57 -62.85 -13.94
N VAL C 19 4.84 -62.91 -13.54
CA VAL C 19 5.83 -62.48 -14.52
C VAL C 19 7.08 -63.32 -14.56
N THR C 20 7.51 -63.64 -15.79
CA THR C 20 8.49 -64.71 -15.96
C THR C 20 9.43 -64.43 -17.11
N ILE C 21 10.71 -64.58 -16.89
CA ILE C 21 11.69 -64.10 -17.86
C ILE C 21 12.43 -65.33 -18.25
N THR C 22 12.82 -65.46 -19.52
CA THR C 22 13.82 -66.47 -19.86
C THR C 22 15.16 -65.88 -20.10
N CYS C 23 16.11 -66.81 -20.21
CA CYS C 23 17.49 -66.50 -20.59
C CYS C 23 18.16 -67.76 -21.04
N SER C 24 18.64 -67.68 -22.28
CA SER C 24 19.16 -68.81 -23.06
C SER C 24 20.64 -68.68 -23.32
N ALA C 25 21.31 -69.80 -23.14
CA ALA C 25 22.70 -69.88 -23.47
C ALA C 25 22.86 -70.71 -24.72
N SER C 26 24.02 -70.50 -25.31
CA SER C 26 24.41 -70.94 -26.64
C SER C 26 25.20 -72.28 -26.56
N SER C 27 25.19 -72.89 -25.39
CA SER C 27 25.61 -74.27 -25.24
C SER C 27 25.00 -74.62 -23.92
N SER C 28 24.78 -75.92 -23.66
CA SER C 28 24.47 -76.35 -22.29
C SER C 28 25.50 -75.87 -21.26
N VAL C 29 24.94 -75.32 -20.18
CA VAL C 29 25.62 -74.96 -18.92
C VAL C 29 24.91 -75.66 -17.69
N SER C 30 25.62 -75.88 -16.60
CA SER C 30 24.97 -76.75 -15.64
C SER C 30 23.91 -76.00 -14.92
N TYR C 31 24.34 -74.94 -14.22
CA TYR C 31 23.43 -74.15 -13.40
C TYR C 31 23.20 -72.81 -14.02
N MET C 32 22.44 -71.92 -13.33
CA MET C 32 22.34 -70.48 -13.68
C MET C 32 22.42 -69.53 -12.48
N TYR C 33 23.15 -68.45 -12.66
CA TYR C 33 22.98 -67.40 -11.70
C TYR C 33 22.29 -66.21 -12.28
N TRP C 34 21.69 -65.44 -11.39
CA TRP C 34 20.70 -64.46 -11.71
C TRP C 34 20.90 -63.40 -10.73
N PHE C 35 20.97 -62.20 -11.26
CA PHE C 35 20.98 -61.00 -10.46
C PHE C 35 19.86 -59.99 -10.77
N GLN C 36 19.16 -59.56 -9.72
CA GLN C 36 18.40 -58.32 -9.89
C GLN C 36 19.39 -57.20 -9.69
N GLN C 37 19.19 -56.09 -10.38
CA GLN C 37 19.83 -54.85 -9.97
C GLN C 37 18.94 -53.70 -10.32
N LYS C 38 19.12 -52.60 -9.57
CA LYS C 38 18.23 -51.43 -9.61
C LYS C 38 19.03 -50.17 -9.74
N PRO C 39 18.37 -49.23 -10.47
CA PRO C 39 18.81 -47.84 -10.65
C PRO C 39 19.73 -47.35 -9.59
N GLY C 40 20.91 -46.98 -10.05
CA GLY C 40 21.92 -46.42 -9.17
C GLY C 40 22.24 -47.27 -7.92
N THR C 41 22.09 -48.60 -8.06
CA THR C 41 22.54 -49.55 -7.06
C THR C 41 23.35 -50.74 -7.59
N SER C 42 24.09 -51.40 -6.71
CA SER C 42 24.85 -52.60 -7.05
C SER C 42 23.99 -53.78 -7.51
N PRO C 43 24.44 -54.54 -8.51
CA PRO C 43 23.90 -55.89 -8.71
C PRO C 43 23.73 -56.60 -7.39
N LYS C 44 22.56 -57.19 -7.22
CA LYS C 44 22.39 -58.07 -6.08
C LYS C 44 22.07 -59.38 -6.72
N LEU C 45 22.73 -60.43 -6.18
CA LEU C 45 22.62 -61.82 -6.67
C LEU C 45 21.30 -62.40 -6.23
N TRP C 46 20.46 -62.85 -7.14
CA TRP C 46 19.12 -63.17 -6.72
C TRP C 46 18.86 -64.65 -6.65
N ILE C 47 19.35 -65.37 -7.65
CA ILE C 47 19.14 -66.78 -7.66
C ILE C 47 20.46 -67.42 -8.02
N TYR C 48 20.93 -68.37 -7.22
CA TYR C 48 22.12 -69.16 -7.56
C TYR C 48 21.81 -70.65 -7.88
N SER C 49 22.75 -71.39 -8.43
CA SER C 49 22.45 -72.74 -8.86
C SER C 49 21.09 -72.91 -9.49
N THR C 50 20.82 -72.22 -10.59
CA THR C 50 19.71 -72.45 -11.46
C THR C 50 18.38 -72.11 -10.81
N SER C 51 18.25 -72.25 -9.47
CA SER C 51 16.93 -72.35 -8.77
C SER C 51 16.77 -71.90 -7.29
N ASN C 52 17.85 -71.46 -6.66
CA ASN C 52 17.87 -71.26 -5.22
C ASN C 52 17.84 -69.82 -4.89
N LEU C 53 16.92 -69.38 -4.02
CA LEU C 53 16.90 -67.96 -3.59
C LEU C 53 18.09 -67.66 -2.70
N ALA C 54 18.68 -66.47 -2.90
CA ALA C 54 19.89 -66.02 -2.18
C ALA C 54 19.41 -65.25 -1.00
N SER C 55 20.28 -65.03 -0.03
CA SER C 55 19.74 -64.41 1.16
C SER C 55 19.21 -63.03 0.91
N GLY C 56 17.90 -62.94 0.70
CA GLY C 56 17.14 -61.70 0.81
C GLY C 56 15.96 -61.67 -0.12
N VAL C 57 16.04 -62.53 -1.15
CA VAL C 57 15.00 -62.78 -2.16
C VAL C 57 13.65 -63.41 -1.62
N PRO C 58 12.53 -62.75 -1.90
CA PRO C 58 11.25 -63.21 -1.35
C PRO C 58 10.71 -64.41 -2.09
N ALA C 59 10.09 -65.40 -1.47
CA ALA C 59 9.70 -66.54 -2.27
C ALA C 59 8.57 -66.42 -3.33
N ARG C 60 8.35 -65.23 -3.89
CA ARG C 60 7.54 -65.16 -5.09
C ARG C 60 8.45 -65.37 -6.29
N PHE C 61 9.72 -65.55 -6.00
CA PHE C 61 10.70 -65.84 -6.99
C PHE C 61 11.00 -67.29 -6.99
N ARG C 62 11.04 -67.87 -8.17
CA ARG C 62 12.01 -68.95 -8.42
C ARG C 62 12.67 -68.76 -9.71
N GLY C 63 13.92 -69.18 -9.74
CA GLY C 63 14.58 -69.56 -10.95
C GLY C 63 14.23 -71.01 -11.16
N SER C 64 13.93 -71.40 -12.41
CA SER C 64 13.98 -72.80 -12.82
C SER C 64 14.90 -72.84 -14.02
N GLY C 65 15.23 -74.05 -14.51
CA GLY C 65 16.02 -74.20 -15.70
C GLY C 65 16.58 -75.59 -15.92
N SER C 66 16.59 -76.01 -17.18
CA SER C 66 17.11 -77.30 -17.57
C SER C 66 18.17 -77.02 -18.65
N GLY C 67 19.44 -77.36 -18.42
CA GLY C 67 20.40 -77.37 -19.52
C GLY C 67 20.77 -76.16 -20.36
N THR C 68 20.00 -75.86 -21.41
CA THR C 68 20.28 -74.69 -22.29
C THR C 68 19.35 -73.44 -22.25
N SER C 69 18.34 -73.45 -21.41
CA SER C 69 17.29 -72.46 -21.48
C SER C 69 16.61 -72.23 -20.11
N TYR C 70 17.31 -71.51 -19.24
CA TYR C 70 16.94 -71.35 -17.84
C TYR C 70 15.82 -70.31 -17.81
N SER C 71 15.26 -69.96 -16.63
CA SER C 71 14.32 -68.82 -16.55
C SER C 71 13.74 -68.55 -15.18
N LEU C 72 13.93 -67.32 -14.76
CA LEU C 72 13.35 -66.74 -13.55
C LEU C 72 11.85 -66.49 -13.64
N THR C 73 11.08 -66.90 -12.63
CA THR C 73 9.70 -66.42 -12.54
C THR C 73 9.37 -65.74 -11.21
N ILE C 74 8.72 -64.56 -11.26
CA ILE C 74 7.95 -63.97 -10.09
C ILE C 74 6.51 -64.43 -10.12
N SER C 75 6.01 -64.86 -8.96
CA SER C 75 4.69 -65.44 -8.99
C SER C 75 3.60 -64.32 -9.09
N ARG C 76 3.71 -63.34 -8.22
CA ARG C 76 2.78 -62.22 -8.14
C ARG C 76 3.62 -60.91 -8.00
N MET C 77 3.64 -60.06 -9.06
CA MET C 77 4.61 -58.94 -9.17
C MET C 77 4.44 -57.87 -8.17
N GLU C 78 5.50 -57.49 -7.48
CA GLU C 78 5.35 -56.39 -6.52
C GLU C 78 6.13 -55.17 -7.01
N ALA C 79 5.64 -53.96 -6.74
CA ALA C 79 6.47 -52.77 -6.91
C ALA C 79 7.89 -53.22 -6.80
N GLU C 80 8.25 -53.61 -5.61
CA GLU C 80 9.63 -53.67 -5.31
C GLU C 80 10.55 -54.41 -6.26
N ASP C 81 10.03 -55.44 -6.94
CA ASP C 81 10.77 -56.21 -8.00
C ASP C 81 11.00 -55.53 -9.34
N ALA C 82 10.38 -54.38 -9.56
CA ALA C 82 10.78 -53.64 -10.73
C ALA C 82 12.33 -53.41 -10.80
N ALA C 83 12.98 -54.18 -11.65
CA ALA C 83 14.39 -53.95 -11.87
C ALA C 83 14.85 -54.37 -13.23
N THR C 84 16.12 -54.21 -13.46
CA THR C 84 16.66 -55.18 -14.35
C THR C 84 17.03 -56.39 -13.50
N TYR C 85 17.06 -57.51 -14.21
CA TYR C 85 17.50 -58.83 -13.78
C TYR C 85 18.49 -59.34 -14.82
N TYR C 86 19.77 -59.49 -14.49
CA TYR C 86 20.70 -60.14 -15.41
C TYR C 86 20.97 -61.63 -15.07
N CYS C 87 20.98 -62.52 -16.07
CA CYS C 87 21.44 -63.90 -15.88
C CYS C 87 22.88 -64.04 -16.22
N GLN C 88 23.58 -64.81 -15.43
CA GLN C 88 25.02 -64.89 -15.53
C GLN C 88 25.36 -66.32 -15.32
N GLN C 89 26.23 -66.80 -16.19
CA GLN C 89 26.72 -68.18 -16.17
C GLN C 89 28.23 -68.32 -15.73
N ARG C 90 28.65 -69.54 -15.50
CA ARG C 90 29.80 -69.79 -14.66
C ARG C 90 30.39 -71.11 -15.12
N SER C 91 29.94 -71.61 -16.26
CA SER C 91 30.42 -72.90 -16.71
C SER C 91 31.90 -72.90 -17.14
N GLY C 92 32.45 -71.77 -17.52
CA GLY C 92 33.89 -71.73 -17.73
C GLY C 92 34.43 -70.33 -17.54
N TYR C 93 35.54 -70.05 -18.24
CA TYR C 93 36.03 -68.67 -18.60
C TYR C 93 35.87 -68.23 -20.12
N PRO C 94 35.52 -66.96 -20.35
CA PRO C 94 35.06 -66.03 -19.32
C PRO C 94 33.68 -66.37 -18.81
N ARG C 95 33.23 -65.48 -17.93
CA ARG C 95 31.91 -65.57 -17.38
C ARG C 95 31.14 -64.58 -18.19
N THR C 96 29.89 -64.79 -18.43
CA THR C 96 29.20 -63.95 -19.36
C THR C 96 27.95 -63.62 -18.62
N PHE C 97 27.45 -62.39 -18.74
CA PHE C 97 26.07 -62.19 -18.31
C PHE C 97 25.21 -61.98 -19.52
N GLY C 98 23.93 -61.79 -19.28
CA GLY C 98 22.96 -61.57 -20.34
C GLY C 98 22.54 -60.11 -20.39
N GLY C 99 21.90 -59.69 -21.48
CA GLY C 99 21.68 -58.27 -21.71
C GLY C 99 20.62 -57.83 -20.73
N GLY C 100 19.98 -58.86 -20.19
CA GLY C 100 19.07 -58.69 -19.10
C GLY C 100 17.73 -58.20 -19.54
N THR C 101 16.77 -58.38 -18.61
CA THR C 101 15.48 -57.76 -18.66
C THR C 101 15.36 -56.65 -17.65
N LYS C 102 14.93 -55.50 -18.13
CA LYS C 102 14.59 -54.45 -17.26
C LYS C 102 13.14 -54.63 -17.31
N LEU C 103 12.61 -54.88 -16.11
CA LEU C 103 11.20 -55.08 -15.74
C LEU C 103 10.56 -53.80 -15.24
N GLU C 104 9.35 -53.52 -15.72
CA GLU C 104 8.59 -52.43 -15.10
C GLU C 104 7.30 -52.74 -14.45
N ILE C 105 7.17 -52.39 -13.18
CA ILE C 105 5.83 -52.38 -12.61
C ILE C 105 4.92 -51.28 -13.19
N LYS C 106 3.67 -51.65 -13.37
CA LYS C 106 2.84 -50.89 -14.21
C LYS C 106 1.67 -50.36 -13.41
N ARG C 107 1.89 -49.24 -12.76
CA ARG C 107 0.86 -48.55 -11.99
C ARG C 107 -0.11 -47.72 -12.82
N ALA C 108 -0.78 -46.78 -12.16
CA ALA C 108 -1.88 -46.04 -12.79
C ALA C 108 -1.55 -44.62 -13.10
N ASP C 109 -2.33 -44.06 -14.04
CA ASP C 109 -2.11 -42.71 -14.48
C ASP C 109 -2.24 -41.72 -13.31
N ALA C 110 -1.12 -41.09 -13.04
CA ALA C 110 -0.99 -39.96 -12.11
C ALA C 110 -0.78 -38.77 -12.98
N ALA C 111 -1.29 -37.62 -12.54
CA ALA C 111 -0.80 -36.41 -13.19
C ALA C 111 0.43 -35.71 -12.50
N PRO C 112 1.20 -35.06 -13.38
CA PRO C 112 2.47 -34.43 -13.04
C PRO C 112 2.30 -33.05 -12.37
N THR C 113 3.38 -32.61 -11.70
CA THR C 113 3.33 -31.55 -10.69
C THR C 113 4.43 -30.60 -11.02
N VAL C 114 3.98 -29.75 -11.90
CA VAL C 114 4.71 -28.85 -12.70
C VAL C 114 5.05 -27.63 -11.97
N SER C 115 6.32 -27.29 -12.17
CA SER C 115 7.05 -26.29 -11.41
C SER C 115 8.03 -25.59 -12.31
N ILE C 116 8.01 -24.25 -12.22
CA ILE C 116 8.84 -23.43 -13.05
C ILE C 116 9.64 -22.44 -12.32
N PHE C 117 10.93 -22.58 -12.49
CA PHE C 117 11.86 -21.73 -11.83
C PHE C 117 12.60 -20.98 -12.92
N PRO C 118 12.64 -19.68 -12.71
CA PRO C 118 13.43 -18.76 -13.51
C PRO C 118 14.87 -18.75 -13.02
N PRO C 119 15.78 -18.30 -13.88
CA PRO C 119 17.22 -18.29 -13.65
C PRO C 119 17.68 -17.72 -12.32
N SER C 120 18.85 -18.04 -11.84
CA SER C 120 19.17 -17.80 -10.44
C SER C 120 20.18 -16.71 -10.35
N SER C 121 19.80 -15.55 -9.84
CA SER C 121 20.59 -14.29 -9.96
C SER C 121 22.10 -14.45 -10.12
N GLU C 122 22.58 -15.63 -9.72
CA GLU C 122 24.01 -15.95 -9.47
C GLU C 122 24.44 -16.65 -10.74
N GLN C 123 23.46 -17.25 -11.39
CA GLN C 123 23.62 -17.72 -12.73
C GLN C 123 23.73 -16.55 -13.73
N LEU C 124 22.90 -15.53 -13.51
CA LEU C 124 23.00 -14.31 -14.29
C LEU C 124 24.38 -13.59 -14.09
N THR C 125 24.92 -13.53 -12.87
CA THR C 125 26.27 -12.95 -12.62
C THR C 125 27.31 -13.47 -13.64
N SER C 126 26.92 -14.41 -14.50
CA SER C 126 27.90 -15.17 -15.29
C SER C 126 27.49 -15.36 -16.73
N GLY C 127 26.28 -14.89 -17.05
CA GLY C 127 25.76 -14.85 -18.41
C GLY C 127 24.72 -15.88 -18.79
N GLY C 128 24.30 -16.65 -17.79
CA GLY C 128 23.57 -17.86 -18.10
C GLY C 128 22.14 -17.72 -17.73
N ALA C 129 21.30 -18.22 -18.59
CA ALA C 129 19.92 -18.11 -18.28
C ALA C 129 19.34 -19.42 -18.69
N SER C 130 18.80 -20.04 -17.68
CA SER C 130 18.39 -21.42 -17.72
C SER C 130 17.16 -21.38 -16.92
N VAL C 131 16.10 -21.77 -17.59
CA VAL C 131 14.83 -21.70 -17.01
C VAL C 131 14.45 -23.14 -16.95
N VAL C 132 14.52 -23.69 -15.74
CA VAL C 132 14.14 -25.09 -15.55
C VAL C 132 12.68 -25.13 -15.15
N CYS C 133 12.16 -26.32 -15.17
CA CYS C 133 10.78 -26.47 -15.09
C CYS C 133 10.62 -27.99 -14.92
N PHE C 134 10.09 -28.34 -13.75
CA PHE C 134 10.00 -29.71 -13.23
C PHE C 134 8.54 -30.24 -13.38
N LEU C 135 8.43 -31.52 -13.80
CA LEU C 135 7.14 -32.23 -14.02
C LEU C 135 7.17 -33.46 -13.12
N ASN C 136 6.40 -33.43 -12.06
CA ASN C 136 6.68 -34.44 -11.07
C ASN C 136 5.66 -35.46 -10.80
N ASN C 137 6.15 -36.69 -10.81
CA ASN C 137 5.41 -37.89 -10.45
C ASN C 137 4.14 -38.16 -11.24
N PHE C 138 4.33 -38.55 -12.50
CA PHE C 138 3.21 -38.94 -13.31
C PHE C 138 3.38 -40.38 -13.67
N TYR C 139 2.30 -40.94 -14.20
CA TYR C 139 2.36 -42.22 -14.91
C TYR C 139 1.25 -42.15 -15.89
N PRO C 140 1.39 -42.66 -17.10
CA PRO C 140 2.58 -43.30 -17.62
C PRO C 140 3.62 -42.32 -18.02
N LYS C 141 4.73 -42.84 -18.53
CA LYS C 141 5.95 -42.14 -18.89
C LYS C 141 5.75 -41.07 -19.91
N ASP C 142 4.80 -41.30 -20.80
CA ASP C 142 4.74 -40.54 -22.03
C ASP C 142 4.04 -39.29 -21.70
N ILE C 143 4.79 -38.23 -21.99
CA ILE C 143 4.52 -36.83 -21.71
C ILE C 143 5.19 -35.91 -22.72
N ASN C 144 4.50 -34.92 -23.29
CA ASN C 144 5.22 -33.89 -24.07
C ASN C 144 5.29 -32.53 -23.40
N VAL C 145 6.40 -31.83 -23.62
CA VAL C 145 6.69 -30.53 -23.00
C VAL C 145 6.99 -29.51 -24.11
N LYS C 146 6.30 -28.34 -24.05
CA LYS C 146 6.45 -27.17 -24.99
C LYS C 146 6.83 -25.84 -24.31
N TRP C 147 7.87 -25.14 -24.81
CA TRP C 147 8.38 -23.89 -24.14
C TRP C 147 8.10 -22.59 -24.91
N LYS C 148 7.16 -21.77 -24.41
CA LYS C 148 6.75 -20.49 -25.05
C LYS C 148 7.50 -19.26 -24.49
N ILE C 149 8.44 -18.70 -25.29
CA ILE C 149 9.18 -17.50 -24.84
C ILE C 149 8.28 -16.28 -24.92
N ASP C 150 8.12 -15.59 -26.03
CA ASP C 150 7.19 -14.48 -25.83
C ASP C 150 5.74 -14.86 -26.07
N GLY C 151 5.50 -16.03 -26.64
CA GLY C 151 4.14 -16.55 -26.76
C GLY C 151 4.20 -17.57 -27.87
N SER C 152 5.45 -17.65 -28.32
CA SER C 152 5.97 -18.48 -29.40
C SER C 152 6.53 -19.79 -28.77
N GLU C 153 6.40 -20.96 -29.42
CA GLU C 153 7.14 -22.11 -28.90
C GLU C 153 8.65 -21.85 -28.94
N ARG C 154 9.41 -22.55 -28.11
CA ARG C 154 10.82 -22.56 -28.35
C ARG C 154 11.31 -23.95 -28.76
N GLN C 155 12.35 -23.95 -29.58
CA GLN C 155 13.12 -25.12 -29.90
C GLN C 155 14.52 -25.12 -29.45
N ASN C 156 15.33 -24.14 -29.76
CA ASN C 156 16.77 -24.26 -29.38
C ASN C 156 17.08 -24.14 -27.91
N GLY C 157 17.86 -25.09 -27.36
CA GLY C 157 18.39 -25.02 -25.99
C GLY C 157 17.86 -26.00 -24.96
N VAL C 158 16.64 -26.47 -25.24
CA VAL C 158 15.88 -27.36 -24.37
C VAL C 158 16.58 -28.67 -24.27
N LEU C 159 16.57 -29.20 -23.03
CA LEU C 159 17.06 -30.54 -22.68
C LEU C 159 16.14 -31.23 -21.63
N ASN C 160 15.51 -32.31 -22.03
CA ASN C 160 14.77 -33.11 -21.08
C ASN C 160 15.52 -34.30 -20.51
N SER C 161 15.25 -34.60 -19.23
CA SER C 161 15.86 -35.71 -18.51
C SER C 161 14.74 -36.45 -17.81
N TRP C 162 14.53 -37.78 -17.98
CA TRP C 162 13.55 -38.52 -17.08
C TRP C 162 14.18 -39.31 -15.98
N THR C 163 13.30 -39.91 -15.21
CA THR C 163 13.71 -40.72 -14.06
C THR C 163 13.19 -42.16 -14.09
N ASP C 164 13.89 -43.03 -13.35
CA ASP C 164 13.29 -44.36 -13.24
C ASP C 164 12.01 -44.37 -12.35
N GLN C 165 11.20 -45.40 -12.45
CA GLN C 165 10.02 -45.26 -11.66
C GLN C 165 10.57 -45.19 -10.29
N ASP C 166 9.72 -44.71 -9.42
CA ASP C 166 10.15 -44.13 -8.18
C ASP C 166 10.10 -45.13 -7.08
N SER C 167 11.23 -45.31 -6.40
CA SER C 167 11.30 -46.12 -5.17
C SER C 167 9.98 -46.27 -4.32
N LYS C 168 9.15 -45.22 -4.24
CA LYS C 168 7.95 -45.26 -3.34
C LYS C 168 6.55 -45.30 -4.02
N ASP C 169 6.19 -44.28 -4.79
CA ASP C 169 5.02 -44.36 -5.63
C ASP C 169 5.62 -44.54 -6.97
N SER C 170 5.24 -45.57 -7.68
CA SER C 170 6.13 -46.03 -8.72
C SER C 170 6.00 -45.23 -10.02
N THR C 171 6.13 -43.92 -9.83
CA THR C 171 6.16 -42.88 -10.88
C THR C 171 7.52 -42.40 -11.46
N TYR C 172 7.35 -42.02 -12.72
CA TYR C 172 8.29 -41.25 -13.53
C TYR C 172 8.05 -39.80 -13.19
N SER C 173 9.10 -38.99 -13.20
CA SER C 173 8.97 -37.55 -13.11
C SER C 173 10.12 -37.04 -13.85
N MET C 174 10.00 -35.88 -14.47
CA MET C 174 10.91 -35.47 -15.52
C MET C 174 11.28 -33.97 -15.50
N SER C 175 12.48 -33.65 -15.93
CA SER C 175 12.91 -32.26 -16.07
C SER C 175 13.08 -31.84 -17.51
N SER C 176 13.08 -30.51 -17.66
CA SER C 176 13.17 -29.78 -18.89
C SER C 176 13.82 -28.44 -18.56
N THR C 177 14.94 -28.14 -19.19
CA THR C 177 15.78 -27.06 -18.76
C THR C 177 16.20 -26.31 -20.00
N LEU C 178 15.43 -25.28 -20.33
CA LEU C 178 15.70 -24.31 -21.44
C LEU C 178 16.87 -23.39 -21.17
N THR C 179 17.81 -23.24 -22.12
CA THR C 179 18.82 -22.20 -21.91
C THR C 179 19.16 -21.14 -22.96
N LEU C 180 19.49 -19.96 -22.46
CA LEU C 180 19.91 -18.90 -23.33
C LEU C 180 21.04 -18.12 -22.67
N THR C 181 21.60 -17.27 -23.51
CA THR C 181 22.46 -16.16 -23.13
C THR C 181 21.72 -15.33 -22.08
N LYS C 182 22.41 -14.73 -21.12
CA LYS C 182 21.66 -13.92 -20.16
C LYS C 182 20.79 -13.08 -21.01
N ASP C 183 21.36 -12.66 -22.13
CA ASP C 183 20.89 -11.47 -22.80
C ASP C 183 19.68 -11.87 -23.57
N GLU C 184 19.65 -13.07 -24.06
CA GLU C 184 18.54 -13.39 -24.89
C GLU C 184 17.27 -13.47 -24.05
N TYR C 185 17.44 -14.13 -22.91
CA TYR C 185 16.42 -14.33 -21.92
C TYR C 185 15.96 -12.98 -21.55
N GLU C 186 16.92 -12.17 -21.12
CA GLU C 186 16.67 -10.78 -20.79
C GLU C 186 15.82 -10.12 -21.91
N ARG C 187 16.01 -10.58 -23.18
CA ARG C 187 15.33 -9.98 -24.32
C ARG C 187 13.93 -10.49 -24.58
N HIS C 188 13.28 -11.20 -23.66
CA HIS C 188 11.83 -11.30 -23.71
C HIS C 188 11.34 -11.23 -22.29
N ASN C 189 10.06 -11.51 -22.09
CA ASN C 189 9.54 -11.41 -20.74
C ASN C 189 8.61 -12.53 -20.26
N SER C 190 7.79 -13.11 -21.16
CA SER C 190 7.14 -14.40 -20.84
C SER C 190 8.21 -15.58 -20.89
N TYR C 191 7.82 -16.78 -20.44
CA TYR C 191 8.71 -17.94 -20.34
C TYR C 191 7.71 -18.84 -19.79
N THR C 192 7.01 -19.49 -20.65
CA THR C 192 6.02 -20.47 -20.25
C THR C 192 6.55 -21.90 -20.50
N CYS C 193 6.14 -22.89 -19.70
CA CYS C 193 6.43 -24.29 -20.05
C CYS C 193 5.19 -25.20 -19.91
N GLU C 194 4.84 -25.83 -21.03
CA GLU C 194 3.62 -26.62 -21.08
C GLU C 194 3.74 -28.12 -21.33
N ALA C 195 3.19 -28.84 -20.35
CA ALA C 195 3.30 -30.26 -20.22
C ALA C 195 2.08 -30.82 -20.84
N THR C 196 2.24 -31.84 -21.65
CA THR C 196 1.03 -32.55 -22.09
C THR C 196 1.11 -34.05 -21.91
N HIS C 197 0.09 -34.56 -21.28
CA HIS C 197 0.18 -35.90 -20.84
C HIS C 197 -1.12 -36.53 -21.24
N LYS C 198 -1.06 -37.85 -21.36
CA LYS C 198 -2.27 -38.69 -21.34
C LYS C 198 -3.27 -38.24 -20.26
N THR C 199 -2.70 -37.82 -19.15
CA THR C 199 -3.41 -37.67 -17.93
C THR C 199 -4.61 -36.72 -18.04
N SER C 200 -4.50 -35.68 -18.89
CA SER C 200 -5.54 -34.64 -19.14
C SER C 200 -5.25 -33.85 -20.41
N THR C 201 -6.34 -33.47 -21.10
CA THR C 201 -6.42 -32.75 -22.42
C THR C 201 -6.05 -31.25 -22.35
N SER C 202 -6.30 -30.71 -21.17
CA SER C 202 -5.63 -29.50 -20.69
C SER C 202 -4.12 -29.80 -20.46
N PRO C 203 -3.22 -29.14 -21.17
CA PRO C 203 -1.83 -29.05 -20.74
C PRO C 203 -1.79 -28.49 -19.33
N ILE C 204 -0.88 -28.96 -18.49
CA ILE C 204 -0.58 -28.23 -17.27
C ILE C 204 0.22 -27.13 -17.90
N VAL C 205 -0.25 -25.90 -17.71
CA VAL C 205 0.53 -24.71 -18.03
C VAL C 205 1.05 -24.05 -16.74
N LYS C 206 2.38 -23.85 -16.66
CA LYS C 206 2.95 -22.97 -15.64
C LYS C 206 3.87 -22.07 -16.40
N SER C 207 3.95 -20.83 -15.93
CA SER C 207 4.77 -19.81 -16.56
C SER C 207 5.09 -18.74 -15.57
N PHE C 208 5.54 -17.60 -16.08
CA PHE C 208 6.09 -16.47 -15.31
C PHE C 208 6.59 -15.43 -16.31
N ASN C 209 6.94 -14.24 -15.81
CA ASN C 209 7.12 -13.06 -16.63
C ASN C 209 8.22 -12.24 -16.07
N ARG C 210 9.31 -12.02 -16.82
CA ARG C 210 10.46 -11.49 -16.13
C ARG C 210 10.23 -10.13 -15.47
N ASN C 211 9.17 -9.44 -15.88
CA ASN C 211 8.90 -8.17 -15.23
C ASN C 211 7.94 -8.27 -14.04
N GLU C 212 7.17 -9.35 -14.00
CA GLU C 212 6.56 -9.83 -12.76
C GLU C 212 5.06 -9.49 -12.60
N GLU D 1 26.40 -57.17 7.96
CA GLU D 1 27.35 -56.03 7.89
C GLU D 1 28.57 -56.56 7.22
N VAL D 2 28.38 -57.28 6.12
CA VAL D 2 29.44 -57.47 5.16
C VAL D 2 29.37 -56.28 4.23
N LYS D 3 30.53 -55.80 3.79
CA LYS D 3 30.68 -54.58 2.98
C LYS D 3 32.04 -54.62 2.29
N LEU D 4 32.00 -54.50 0.97
CA LEU D 4 33.17 -54.19 0.13
C LEU D 4 32.98 -52.77 -0.43
N GLU D 5 34.09 -52.01 -0.50
CA GLU D 5 34.01 -50.55 -0.80
C GLU D 5 35.09 -50.07 -1.70
N GLU D 6 34.79 -49.85 -2.95
CA GLU D 6 35.89 -49.72 -3.90
C GLU D 6 36.42 -48.29 -3.81
N SER D 7 37.72 -48.14 -3.91
CA SER D 7 38.33 -46.83 -4.03
C SER D 7 38.94 -46.52 -5.47
N GLY D 8 38.90 -45.26 -5.93
CA GLY D 8 39.99 -44.75 -6.78
C GLY D 8 39.85 -44.48 -8.27
N GLY D 9 38.81 -45.05 -8.84
CA GLY D 9 38.38 -44.73 -10.20
C GLY D 9 38.31 -43.24 -10.33
N GLY D 10 37.77 -42.76 -11.45
CA GLY D 10 37.84 -41.33 -11.81
C GLY D 10 38.07 -40.98 -13.26
N LEU D 11 39.08 -40.13 -13.53
CA LEU D 11 39.41 -39.77 -14.95
C LEU D 11 40.78 -40.22 -15.46
N VAL D 12 40.77 -41.00 -16.55
CA VAL D 12 42.00 -41.14 -17.34
C VAL D 12 42.00 -40.93 -18.83
N GLN D 13 43.19 -40.55 -19.26
CA GLN D 13 43.46 -40.14 -20.61
C GLN D 13 43.84 -41.46 -21.20
N PRO D 14 43.18 -41.92 -22.27
CA PRO D 14 43.57 -43.18 -22.92
C PRO D 14 45.02 -43.60 -22.65
N GLY D 15 45.24 -44.85 -22.25
CA GLY D 15 46.59 -45.39 -22.12
C GLY D 15 47.20 -45.09 -20.76
N GLY D 16 46.33 -44.65 -19.85
CA GLY D 16 46.70 -44.12 -18.56
C GLY D 16 46.66 -45.32 -17.69
N SER D 17 46.84 -45.08 -16.40
CA SER D 17 46.97 -46.15 -15.46
C SER D 17 46.16 -45.86 -14.25
N MET D 18 45.04 -46.53 -14.09
CA MET D 18 44.38 -46.47 -12.83
C MET D 18 44.71 -47.69 -12.01
N LYS D 19 44.73 -47.53 -10.69
CA LYS D 19 44.64 -48.67 -9.74
C LYS D 19 43.41 -48.75 -8.81
N LEU D 20 42.34 -49.41 -9.26
CA LEU D 20 41.17 -49.71 -8.45
C LEU D 20 41.50 -50.52 -7.18
N SER D 21 41.36 -49.94 -5.98
CA SER D 21 41.47 -50.67 -4.70
C SER D 21 40.10 -51.22 -4.30
N CYS D 22 40.05 -52.16 -3.38
CA CYS D 22 38.75 -52.57 -2.85
C CYS D 22 38.86 -53.18 -1.48
N ALA D 23 38.04 -52.70 -0.57
CA ALA D 23 38.30 -52.95 0.84
C ALA D 23 37.15 -53.71 1.53
N ALA D 24 37.41 -54.99 1.86
CA ALA D 24 36.36 -55.83 2.42
C ALA D 24 36.52 -55.99 3.93
N SER D 25 35.39 -56.24 4.56
CA SER D 25 35.22 -55.97 5.97
C SER D 25 33.85 -56.57 6.27
N GLY D 26 33.79 -57.44 7.30
CA GLY D 26 32.58 -58.17 7.65
C GLY D 26 32.35 -59.60 7.20
N PHE D 27 33.39 -60.39 6.98
CA PHE D 27 33.28 -61.78 6.50
C PHE D 27 34.71 -62.27 6.44
N THR D 28 34.95 -63.54 6.11
CA THR D 28 36.36 -63.90 6.03
C THR D 28 36.95 -63.67 4.63
N PHE D 29 37.50 -62.45 4.44
CA PHE D 29 38.00 -62.08 3.10
C PHE D 29 39.01 -63.13 2.62
N SER D 30 39.92 -63.50 3.51
CA SER D 30 40.95 -64.46 3.22
C SER D 30 40.35 -65.74 2.60
N ASP D 31 39.09 -66.00 2.93
CA ASP D 31 38.41 -67.18 2.45
C ASP D 31 37.70 -66.88 1.18
N ALA D 32 37.94 -65.71 0.59
CA ALA D 32 37.14 -65.22 -0.54
C ALA D 32 37.81 -65.16 -1.84
N TRP D 33 37.10 -65.71 -2.80
CA TRP D 33 37.39 -65.56 -4.20
C TRP D 33 36.80 -64.26 -4.54
N MET D 34 37.39 -63.52 -5.46
CA MET D 34 36.88 -62.17 -5.72
C MET D 34 36.76 -62.02 -7.22
N ASP D 35 35.83 -61.16 -7.60
CA ASP D 35 35.64 -60.92 -8.98
C ASP D 35 35.52 -59.41 -9.07
N TRP D 36 35.80 -58.90 -10.25
CA TRP D 36 35.56 -57.53 -10.57
C TRP D 36 34.57 -57.59 -11.72
N VAL D 37 33.36 -57.15 -11.50
CA VAL D 37 32.50 -56.97 -12.62
C VAL D 37 32.60 -55.50 -12.87
N ARG D 38 32.41 -55.07 -14.11
CA ARG D 38 32.34 -53.64 -14.43
C ARG D 38 31.02 -53.47 -15.19
N GLN D 39 30.54 -52.23 -15.25
CA GLN D 39 29.25 -51.94 -15.84
C GLN D 39 29.26 -50.73 -16.65
N SER D 40 28.86 -50.96 -17.88
CA SER D 40 28.81 -49.92 -18.87
C SER D 40 27.40 -49.91 -19.28
N PRO D 41 26.96 -48.83 -19.86
CA PRO D 41 25.62 -48.86 -20.46
C PRO D 41 25.60 -49.58 -21.81
N GLU D 42 26.55 -49.34 -22.69
CA GLU D 42 26.68 -50.02 -24.01
C GLU D 42 26.80 -51.58 -24.06
N LYS D 43 27.72 -52.17 -23.29
CA LYS D 43 27.77 -53.64 -23.07
C LYS D 43 26.96 -54.13 -21.81
N GLY D 44 26.66 -53.23 -20.90
CA GLY D 44 25.84 -53.63 -19.79
C GLY D 44 26.90 -54.10 -18.86
N LEU D 45 26.64 -55.30 -18.30
CA LEU D 45 27.40 -55.97 -17.22
C LEU D 45 28.32 -57.05 -17.76
N GLU D 46 29.58 -56.93 -17.41
CA GLU D 46 30.57 -57.88 -17.86
C GLU D 46 31.59 -58.15 -16.73
N TRP D 47 31.94 -59.44 -16.60
CA TRP D 47 32.86 -59.92 -15.63
C TRP D 47 34.17 -59.42 -16.15
N VAL D 48 35.12 -59.16 -15.28
CA VAL D 48 36.36 -58.61 -15.77
C VAL D 48 37.55 -59.46 -15.47
N ALA D 49 37.69 -59.91 -14.21
CA ALA D 49 38.75 -60.80 -13.76
C ALA D 49 38.27 -61.58 -12.53
N GLU D 50 38.81 -62.78 -12.32
CA GLU D 50 38.67 -63.44 -11.03
C GLU D 50 39.98 -63.90 -10.36
N ILE D 51 40.23 -63.40 -9.15
CA ILE D 51 41.35 -63.84 -8.30
C ILE D 51 40.84 -64.71 -7.14
N ARG D 52 41.38 -65.91 -7.13
CA ARG D 52 40.87 -67.02 -6.33
C ARG D 52 41.42 -67.03 -4.91
N SER D 53 40.86 -67.90 -4.08
CA SER D 53 41.33 -67.92 -2.74
C SER D 53 42.62 -68.64 -2.58
N LYS D 54 43.37 -68.30 -1.51
CA LYS D 54 44.66 -68.96 -1.22
C LYS D 54 44.41 -70.41 -1.12
N VAL D 55 43.39 -70.81 -0.38
CA VAL D 55 43.11 -72.23 -0.36
C VAL D 55 43.17 -72.83 -1.76
N ASN D 56 42.63 -72.17 -2.83
CA ASN D 56 42.77 -72.60 -4.27
C ASN D 56 43.59 -71.66 -5.15
N ASN D 57 44.64 -71.14 -4.51
CA ASN D 57 45.81 -70.45 -5.09
C ASN D 57 45.71 -69.17 -5.90
N HIS D 58 45.02 -68.22 -5.32
CA HIS D 58 45.19 -66.91 -5.78
C HIS D 58 45.11 -66.98 -7.32
N ALA D 59 44.41 -67.98 -7.84
CA ALA D 59 44.48 -68.22 -9.27
C ALA D 59 43.63 -67.33 -10.16
N ILE D 60 44.33 -66.67 -11.04
CA ILE D 60 43.78 -65.53 -11.70
C ILE D 60 43.24 -65.79 -13.05
N HIS D 61 42.01 -65.40 -13.35
CA HIS D 61 41.74 -65.17 -14.77
C HIS D 61 41.10 -63.92 -15.11
N TYR D 62 41.24 -63.64 -16.42
CA TYR D 62 40.77 -62.41 -17.00
C TYR D 62 39.85 -62.71 -18.11
N ALA D 63 39.02 -61.72 -18.34
CA ALA D 63 38.15 -61.71 -19.46
C ALA D 63 39.07 -61.38 -20.62
N GLU D 64 38.66 -61.81 -21.82
CA GLU D 64 39.53 -61.72 -22.96
C GLU D 64 39.95 -60.25 -23.06
N SER D 65 38.94 -59.39 -23.15
CA SER D 65 39.01 -57.94 -23.37
C SER D 65 39.96 -57.13 -22.50
N VAL D 66 41.00 -57.76 -21.96
CA VAL D 66 41.75 -57.23 -20.80
C VAL D 66 43.10 -57.89 -20.73
N LYS D 67 43.15 -59.09 -21.29
CA LYS D 67 44.32 -59.92 -21.22
C LYS D 67 45.67 -59.27 -21.60
N GLY D 68 46.24 -58.55 -20.63
CA GLY D 68 47.62 -58.11 -20.72
C GLY D 68 47.74 -56.73 -20.14
N ARG D 69 46.58 -56.12 -19.94
CA ARG D 69 46.48 -54.73 -19.51
C ARG D 69 46.20 -54.47 -18.00
N PHE D 70 45.01 -54.83 -17.52
CA PHE D 70 44.70 -54.82 -16.07
C PHE D 70 45.46 -55.94 -15.36
N THR D 71 45.39 -55.98 -14.04
CA THR D 71 46.14 -57.01 -13.37
C THR D 71 45.61 -57.23 -12.00
N VAL D 72 44.50 -57.91 -11.88
CA VAL D 72 43.99 -58.21 -10.55
C VAL D 72 45.06 -58.79 -9.65
N SER D 73 45.05 -58.34 -8.40
CA SER D 73 45.90 -58.92 -7.38
C SER D 73 45.14 -58.71 -6.10
N ARG D 74 45.61 -59.46 -5.07
CA ARG D 74 45.16 -59.26 -3.66
C ARG D 74 46.26 -59.38 -2.62
N ASP D 75 46.10 -58.56 -1.59
CA ASP D 75 46.74 -58.79 -0.31
C ASP D 75 45.63 -59.11 0.67
N ASP D 76 45.81 -60.21 1.37
CA ASP D 76 44.75 -60.75 2.17
C ASP D 76 44.72 -59.97 3.45
N SER D 77 45.90 -59.96 4.06
CA SER D 77 46.17 -59.27 5.28
C SER D 77 45.32 -58.03 5.42
N LYS D 78 45.08 -57.31 4.35
CA LYS D 78 44.36 -56.09 4.50
C LYS D 78 42.98 -56.26 4.07
N SER D 79 42.70 -57.49 3.65
CA SER D 79 41.37 -57.83 3.20
C SER D 79 40.77 -56.76 2.24
N SER D 80 41.56 -56.52 1.19
CA SER D 80 41.22 -55.77 -0.02
C SER D 80 41.69 -56.53 -1.25
N VAL D 81 41.32 -56.00 -2.39
CA VAL D 81 41.56 -56.65 -3.65
C VAL D 81 41.50 -55.55 -4.67
N TYR D 82 42.46 -55.58 -5.58
CA TYR D 82 42.71 -54.47 -6.48
C TYR D 82 42.60 -54.76 -7.97
N LEU D 83 42.13 -53.77 -8.73
CA LEU D 83 42.32 -53.76 -10.15
C LEU D 83 43.42 -52.80 -10.47
N GLN D 84 44.45 -53.29 -11.10
CA GLN D 84 45.51 -52.37 -11.41
C GLN D 84 45.55 -52.25 -12.92
N MET D 85 44.73 -51.34 -13.43
CA MET D 85 44.61 -51.01 -14.87
C MET D 85 45.81 -50.21 -15.42
N ASN D 86 46.54 -50.79 -16.36
CA ASN D 86 47.58 -50.09 -17.11
C ASN D 86 47.15 -50.10 -18.54
N SER D 87 47.55 -49.04 -19.24
CA SER D 87 47.15 -48.82 -20.63
C SER D 87 45.65 -48.95 -20.99
N LEU D 88 44.90 -47.93 -20.60
CA LEU D 88 43.45 -48.05 -20.59
C LEU D 88 42.81 -47.71 -21.95
N ARG D 89 41.64 -48.20 -22.28
CA ARG D 89 41.05 -47.93 -23.60
C ARG D 89 39.73 -47.17 -23.44
N ALA D 90 39.34 -46.39 -24.44
CA ALA D 90 38.01 -45.75 -24.55
C ALA D 90 36.80 -46.44 -23.94
N GLU D 91 36.55 -47.62 -24.40
CA GLU D 91 35.44 -48.32 -23.85
C GLU D 91 35.99 -49.32 -22.85
N ASP D 92 37.14 -49.03 -22.27
CA ASP D 92 37.43 -49.58 -20.97
C ASP D 92 36.60 -48.98 -19.83
N THR D 93 36.15 -47.75 -20.08
CA THR D 93 35.34 -46.99 -19.15
C THR D 93 34.00 -47.62 -18.72
N GLY D 94 33.84 -47.84 -17.43
CA GLY D 94 32.56 -48.33 -16.91
C GLY D 94 32.47 -48.19 -15.40
N ILE D 95 31.55 -48.89 -14.70
CA ILE D 95 31.63 -48.86 -13.22
C ILE D 95 32.28 -50.11 -12.74
N TYR D 96 33.44 -50.03 -12.16
CA TYR D 96 33.94 -51.30 -11.66
C TYR D 96 33.51 -51.69 -10.20
N TYR D 97 32.58 -52.65 -10.14
CA TYR D 97 32.21 -53.37 -8.90
C TYR D 97 33.29 -54.34 -8.51
N CYS D 98 33.49 -54.47 -7.20
CA CYS D 98 34.46 -55.43 -6.71
C CYS D 98 33.70 -56.51 -6.00
N SER D 99 33.94 -57.77 -6.32
CA SER D 99 33.02 -58.77 -5.86
C SER D 99 33.40 -59.59 -4.66
N GLY D 100 32.33 -59.93 -3.94
CA GLY D 100 32.32 -60.71 -2.73
C GLY D 100 32.69 -62.13 -3.01
N TRP D 101 31.85 -63.09 -2.57
CA TRP D 101 32.15 -64.53 -2.52
C TRP D 101 32.09 -64.88 -3.97
N SER D 102 31.20 -65.72 -4.46
CA SER D 102 31.31 -65.75 -5.94
C SER D 102 30.18 -64.97 -6.44
N PHE D 103 30.43 -63.66 -6.55
CA PHE D 103 29.41 -62.62 -6.80
C PHE D 103 28.31 -62.76 -5.79
N LEU D 104 28.67 -63.16 -4.55
CA LEU D 104 27.72 -63.08 -3.44
C LEU D 104 27.49 -61.66 -2.89
N TYR D 105 28.53 -60.86 -2.76
CA TYR D 105 28.43 -59.49 -2.23
C TYR D 105 28.95 -58.41 -3.22
N TRP D 106 28.51 -57.17 -3.15
CA TRP D 106 28.88 -56.21 -4.19
C TRP D 106 29.05 -54.76 -3.70
N GLY D 107 30.25 -54.27 -3.80
CA GLY D 107 30.48 -52.87 -3.52
C GLY D 107 29.51 -51.96 -4.26
N GLN D 108 29.56 -50.69 -3.81
CA GLN D 108 28.86 -49.56 -4.41
C GLN D 108 29.33 -49.34 -5.89
N GLY D 109 30.63 -49.38 -6.16
CA GLY D 109 31.15 -49.23 -7.52
C GLY D 109 31.85 -47.91 -7.62
N THR D 110 32.85 -47.78 -8.55
CA THR D 110 33.57 -46.54 -8.89
C THR D 110 33.46 -46.28 -10.35
N LEU D 111 33.48 -44.97 -10.70
CA LEU D 111 33.25 -44.50 -12.10
C LEU D 111 34.53 -44.36 -12.89
N VAL D 112 34.88 -45.43 -13.59
CA VAL D 112 36.14 -45.43 -14.30
C VAL D 112 35.89 -44.87 -15.71
N THR D 113 36.32 -43.62 -15.88
CA THR D 113 36.19 -42.82 -17.09
C THR D 113 37.53 -42.59 -17.80
N VAL D 114 37.71 -43.23 -18.96
CA VAL D 114 38.72 -42.71 -19.86
C VAL D 114 38.08 -41.83 -20.92
N SER D 115 38.50 -40.55 -20.89
CA SER D 115 38.15 -39.58 -21.89
C SER D 115 39.37 -38.78 -22.15
N ALA D 116 39.35 -38.32 -23.38
CA ALA D 116 40.05 -37.16 -23.86
C ALA D 116 39.94 -35.91 -22.94
N ALA D 117 38.71 -35.69 -22.47
CA ALA D 117 38.25 -34.43 -21.82
C ALA D 117 38.95 -34.16 -20.53
N LYS D 118 38.80 -32.93 -20.10
CA LYS D 118 39.29 -32.66 -18.80
C LYS D 118 38.24 -32.13 -17.87
N THR D 119 38.57 -32.28 -16.59
CA THR D 119 37.62 -32.15 -15.51
C THR D 119 37.07 -30.73 -15.52
N THR D 120 35.89 -30.59 -14.96
CA THR D 120 35.16 -29.34 -15.03
C THR D 120 34.28 -29.55 -13.84
N PRO D 121 34.42 -28.68 -12.87
CA PRO D 121 33.50 -28.66 -11.74
C PRO D 121 32.18 -28.06 -12.20
N PRO D 122 31.08 -28.37 -11.50
CA PRO D 122 29.74 -27.91 -11.87
C PRO D 122 29.43 -26.59 -11.25
N SER D 123 28.69 -25.76 -11.97
CA SER D 123 28.18 -24.54 -11.33
C SER D 123 26.96 -24.97 -10.47
N VAL D 124 26.75 -24.35 -9.30
CA VAL D 124 25.56 -24.77 -8.55
C VAL D 124 24.47 -23.70 -8.32
N TYR D 125 23.28 -23.96 -8.80
CA TYR D 125 22.33 -22.89 -8.76
C TYR D 125 21.11 -23.24 -7.96
N PRO D 126 20.81 -22.36 -7.02
CA PRO D 126 19.63 -22.44 -6.19
C PRO D 126 18.45 -22.20 -7.08
N LEU D 127 17.47 -23.09 -7.16
CA LEU D 127 16.24 -22.74 -7.86
C LEU D 127 15.13 -22.59 -6.85
N ALA D 128 14.82 -21.35 -6.55
CA ALA D 128 13.78 -20.96 -5.65
C ALA D 128 12.63 -20.47 -6.54
N PRO D 129 11.36 -20.58 -6.12
CA PRO D 129 10.23 -20.33 -7.02
C PRO D 129 10.11 -18.97 -7.59
N GLY D 130 10.99 -18.04 -7.26
CA GLY D 130 11.06 -16.81 -8.03
C GLY D 130 10.02 -15.68 -7.93
N SER D 131 10.49 -14.59 -7.29
CA SER D 131 9.87 -13.25 -7.09
C SER D 131 8.45 -13.31 -6.65
N ALA D 132 7.49 -13.40 -7.57
CA ALA D 132 6.09 -13.60 -7.12
C ALA D 132 5.43 -14.97 -7.34
N ALA D 133 6.01 -15.99 -6.69
CA ALA D 133 5.41 -17.31 -6.53
C ALA D 133 3.92 -17.29 -6.10
N GLN D 134 3.18 -18.24 -6.64
CA GLN D 134 2.01 -18.73 -5.94
C GLN D 134 2.53 -19.81 -4.95
N THR D 135 1.77 -20.07 -3.87
CA THR D 135 1.97 -21.26 -3.02
C THR D 135 0.64 -21.91 -2.66
N ASN D 136 0.67 -23.22 -2.53
CA ASN D 136 -0.48 -24.07 -2.24
C ASN D 136 0.00 -25.11 -1.23
N SER D 137 -0.59 -26.31 -1.28
CA SER D 137 -0.27 -27.32 -0.27
C SER D 137 1.21 -27.61 -0.20
N MET D 138 1.89 -27.63 -1.35
CA MET D 138 3.26 -28.14 -1.44
C MET D 138 4.24 -26.99 -1.69
N VAL D 139 5.54 -27.18 -1.49
CA VAL D 139 6.43 -26.48 -2.40
C VAL D 139 7.41 -27.42 -3.15
N THR D 140 7.92 -27.02 -4.31
CA THR D 140 9.08 -27.67 -4.94
C THR D 140 10.18 -26.65 -5.06
N LEU D 141 11.36 -27.00 -4.59
CA LEU D 141 12.54 -26.23 -4.97
C LEU D 141 13.59 -27.13 -5.69
N GLY D 142 14.86 -26.73 -5.79
CA GLY D 142 15.80 -27.67 -6.33
C GLY D 142 17.05 -27.12 -6.90
N CYS D 143 17.85 -27.96 -7.55
CA CYS D 143 19.18 -27.53 -7.88
C CYS D 143 19.62 -27.59 -9.34
N LEU D 144 20.41 -26.60 -9.73
CA LEU D 144 21.09 -26.68 -11.00
C LEU D 144 22.56 -26.76 -10.70
N VAL D 145 23.13 -27.83 -11.23
CA VAL D 145 24.52 -28.19 -11.01
C VAL D 145 25.06 -28.36 -12.42
N LYS D 146 25.64 -27.25 -12.92
CA LYS D 146 25.77 -26.99 -14.35
C LYS D 146 27.13 -27.30 -14.79
N GLY D 147 27.23 -27.99 -15.91
CA GLY D 147 28.47 -28.18 -16.62
C GLY D 147 29.72 -28.66 -15.87
N TYR D 148 29.65 -29.87 -15.31
CA TYR D 148 30.83 -30.52 -14.71
C TYR D 148 31.36 -31.59 -15.61
N PHE D 149 32.59 -32.03 -15.36
CA PHE D 149 33.05 -33.23 -15.99
C PHE D 149 34.20 -33.93 -15.32
N PRO D 150 34.07 -35.23 -15.09
CA PRO D 150 32.99 -36.07 -15.61
C PRO D 150 31.93 -36.41 -14.59
N GLU D 151 31.44 -37.65 -14.70
CA GLU D 151 30.51 -38.23 -13.76
C GLU D 151 31.11 -39.04 -12.64
N PRO D 152 30.27 -39.42 -11.71
CA PRO D 152 28.89 -38.91 -11.66
C PRO D 152 29.03 -37.80 -10.62
N VAL D 153 27.97 -37.05 -10.33
CA VAL D 153 28.07 -36.14 -9.23
C VAL D 153 26.98 -36.49 -8.18
N THR D 154 27.35 -36.65 -6.91
CA THR D 154 26.30 -36.96 -5.89
C THR D 154 25.51 -35.77 -5.31
N VAL D 155 24.22 -35.64 -5.57
CA VAL D 155 23.46 -34.60 -4.90
C VAL D 155 22.51 -35.13 -3.86
N THR D 156 22.60 -34.57 -2.65
CA THR D 156 21.59 -34.80 -1.58
C THR D 156 21.01 -33.52 -0.87
N TRP D 157 20.13 -33.73 0.12
CA TRP D 157 19.32 -32.63 0.70
C TRP D 157 19.28 -32.42 2.25
N ASN D 158 19.87 -31.32 2.71
CA ASN D 158 20.02 -31.16 4.14
C ASN D 158 20.87 -32.33 4.57
N SER D 159 22.17 -32.13 4.59
CA SER D 159 23.09 -33.22 4.42
C SER D 159 22.37 -34.58 4.48
N GLY D 160 21.37 -34.72 3.61
CA GLY D 160 20.80 -36.01 3.29
C GLY D 160 19.70 -36.45 4.20
N SER D 161 19.20 -35.48 4.97
CA SER D 161 18.10 -35.72 5.86
C SER D 161 16.82 -35.65 5.02
N LEU D 162 16.55 -34.50 4.39
CA LEU D 162 15.42 -34.38 3.45
C LEU D 162 15.76 -35.37 2.39
N SER D 163 14.84 -36.28 2.10
CA SER D 163 15.09 -37.35 1.12
C SER D 163 13.83 -38.07 0.72
N SER D 164 12.72 -37.71 1.39
CA SER D 164 11.33 -37.97 0.98
C SER D 164 10.83 -36.91 -0.07
N GLY D 165 10.38 -37.38 -1.23
CA GLY D 165 10.08 -36.47 -2.32
C GLY D 165 11.29 -35.69 -2.82
N VAL D 166 12.39 -36.35 -3.23
CA VAL D 166 13.49 -35.72 -4.00
C VAL D 166 13.49 -36.35 -5.35
N HIS D 167 13.87 -35.60 -6.37
CA HIS D 167 14.21 -36.21 -7.65
C HIS D 167 15.54 -35.64 -8.16
N THR D 168 16.60 -36.43 -8.11
CA THR D 168 17.80 -36.11 -8.89
C THR D 168 17.73 -36.73 -10.28
N PHE D 169 17.86 -35.90 -11.30
CA PHE D 169 17.67 -36.44 -12.66
C PHE D 169 18.97 -37.02 -13.28
N PRO D 170 18.91 -37.99 -14.13
CA PRO D 170 20.16 -38.42 -14.73
C PRO D 170 20.83 -37.25 -15.52
N ALA D 171 22.17 -37.23 -15.55
CA ALA D 171 22.93 -36.15 -16.20
C ALA D 171 22.65 -36.10 -17.68
N VAL D 172 23.17 -35.06 -18.36
CA VAL D 172 23.02 -34.84 -19.83
C VAL D 172 24.22 -34.13 -20.38
N LEU D 173 24.74 -34.68 -21.46
CA LEU D 173 25.99 -34.23 -22.04
C LEU D 173 25.73 -33.15 -23.07
N GLN D 174 26.34 -31.97 -22.91
CA GLN D 174 26.39 -31.00 -24.01
C GLN D 174 27.77 -30.85 -24.62
N SER D 175 28.21 -29.59 -24.61
CA SER D 175 29.49 -29.18 -25.18
C SER D 175 30.63 -30.01 -24.54
N ASP D 176 30.61 -31.32 -24.84
CA ASP D 176 31.07 -32.32 -23.86
C ASP D 176 31.08 -31.80 -22.34
N LEU D 177 29.88 -31.46 -21.84
CA LEU D 177 29.73 -31.13 -20.42
C LEU D 177 28.39 -31.52 -19.90
N TYR D 178 28.40 -31.78 -18.60
CA TYR D 178 27.39 -32.59 -17.97
C TYR D 178 26.42 -31.78 -17.14
N THR D 179 25.14 -31.76 -17.51
CA THR D 179 24.22 -30.99 -16.67
C THR D 179 23.17 -31.78 -15.87
N LEU D 180 22.79 -31.27 -14.72
CA LEU D 180 22.08 -32.12 -13.78
C LEU D 180 21.24 -31.31 -12.85
N SER D 181 20.01 -31.80 -12.71
CA SER D 181 18.99 -31.15 -11.93
C SER D 181 18.61 -32.05 -10.78
N SER D 182 18.19 -31.42 -9.69
CA SER D 182 17.46 -32.08 -8.63
C SER D 182 16.32 -31.24 -8.09
N SER D 183 15.09 -31.76 -8.12
CA SER D 183 14.00 -31.09 -7.42
C SER D 183 14.08 -31.53 -5.96
N VAL D 184 12.98 -31.32 -5.21
CA VAL D 184 12.82 -31.64 -3.78
C VAL D 184 11.56 -30.91 -3.32
N THR D 185 10.70 -31.60 -2.60
CA THR D 185 9.39 -31.10 -2.35
C THR D 185 8.94 -31.32 -0.94
N VAL D 186 8.65 -30.18 -0.33
CA VAL D 186 8.26 -30.03 1.04
C VAL D 186 6.81 -29.49 1.19
N PRO D 187 6.25 -29.74 2.37
CA PRO D 187 5.02 -29.04 2.79
C PRO D 187 5.34 -27.58 3.00
N SER D 188 4.51 -26.75 2.38
CA SER D 188 4.63 -25.28 2.35
C SER D 188 5.00 -24.68 3.69
N SER D 189 4.30 -25.14 4.68
CA SER D 189 4.53 -24.73 6.02
C SER D 189 6.03 -24.81 6.41
N THR D 190 6.86 -25.51 5.63
CA THR D 190 8.21 -25.80 6.12
C THR D 190 9.32 -25.04 5.49
N TRP D 191 8.98 -24.39 4.39
CA TRP D 191 9.94 -23.61 3.71
C TRP D 191 9.39 -22.24 3.35
N PRO D 192 10.16 -21.17 3.62
CA PRO D 192 11.48 -21.22 4.25
C PRO D 192 11.43 -21.11 5.76
N SER D 193 10.31 -21.62 6.32
CA SER D 193 10.09 -21.58 7.76
C SER D 193 11.39 -22.12 8.35
N GLU D 194 11.50 -23.44 8.51
CA GLU D 194 12.78 -24.09 8.70
C GLU D 194 13.42 -24.05 7.34
N THR D 195 14.76 -24.11 7.31
CA THR D 195 15.63 -23.95 6.12
C THR D 195 16.02 -25.21 5.36
N VAL D 196 16.08 -25.13 4.04
CA VAL D 196 16.48 -26.32 3.30
C VAL D 196 17.60 -26.26 2.26
N THR D 197 18.75 -26.87 2.59
CA THR D 197 19.97 -26.85 1.77
C THR D 197 20.10 -27.99 0.75
N CYS D 198 20.87 -27.73 -0.31
CA CYS D 198 21.29 -28.72 -1.29
C CYS D 198 22.84 -28.84 -1.26
N ASN D 199 23.30 -30.06 -0.96
CA ASN D 199 24.73 -30.50 -0.93
C ASN D 199 25.21 -31.26 -2.21
N VAL D 200 25.94 -30.57 -3.07
CA VAL D 200 26.47 -31.15 -4.31
C VAL D 200 27.91 -31.63 -4.19
N ALA D 201 28.18 -32.83 -4.69
CA ALA D 201 29.56 -33.30 -4.72
C ALA D 201 29.96 -33.93 -6.05
N HIS D 202 31.23 -33.76 -6.33
CA HIS D 202 31.83 -34.16 -7.58
C HIS D 202 33.36 -34.13 -7.32
N PRO D 203 34.00 -35.29 -7.44
CA PRO D 203 35.46 -35.32 -7.35
C PRO D 203 36.30 -35.31 -8.70
N ALA D 204 37.39 -34.58 -8.52
CA ALA D 204 37.51 -33.18 -9.05
C ALA D 204 37.19 -32.14 -7.86
N SER D 205 37.94 -32.31 -6.78
CA SER D 205 37.49 -32.11 -5.43
C SER D 205 36.33 -31.08 -5.07
N SER D 206 35.32 -30.91 -5.94
CA SER D 206 34.20 -29.95 -5.64
C SER D 206 33.17 -30.38 -4.61
N THR D 207 32.71 -29.41 -3.84
CA THR D 207 31.57 -29.67 -2.92
C THR D 207 30.71 -28.44 -2.46
N LYS D 208 29.80 -27.95 -3.31
CA LYS D 208 28.94 -26.86 -2.93
C LYS D 208 27.89 -27.47 -2.00
N VAL D 209 27.64 -26.77 -0.90
CA VAL D 209 26.48 -26.98 -0.03
C VAL D 209 25.72 -25.66 -0.30
N ASP D 210 24.59 -25.70 -1.01
CA ASP D 210 23.97 -24.45 -1.51
C ASP D 210 22.49 -24.44 -1.19
N LYS D 211 21.98 -23.28 -0.73
CA LYS D 211 20.74 -23.22 0.07
C LYS D 211 19.42 -22.63 -0.56
N LYS D 212 18.55 -23.33 -1.31
CA LYS D 212 17.32 -22.63 -1.77
C LYS D 212 16.69 -21.66 -0.72
N ILE D 213 16.53 -20.43 -1.14
CA ILE D 213 16.32 -19.25 -0.27
C ILE D 213 15.33 -18.33 -0.93
N VAL D 214 14.47 -17.73 -0.15
CA VAL D 214 13.44 -16.93 -0.75
C VAL D 214 13.98 -15.68 -1.56
N PRO D 215 13.41 -15.41 -2.74
CA PRO D 215 13.91 -14.31 -3.57
C PRO D 215 13.19 -12.94 -3.43
N ARG D 216 13.99 -11.88 -3.58
CA ARG D 216 13.61 -10.49 -3.27
C ARG D 216 12.56 -9.73 -4.19
N ASP D 217 11.38 -9.38 -3.61
CA ASP D 217 10.25 -8.66 -4.29
C ASP D 217 9.44 -9.48 -5.31
N GLN E 1 -23.86 -29.01 18.29
CA GLN E 1 -24.89 -30.09 18.10
C GLN E 1 -25.45 -30.05 16.63
N VAL E 2 -24.54 -29.78 15.68
CA VAL E 2 -24.74 -30.12 14.27
C VAL E 2 -24.20 -31.48 14.14
N VAL E 3 -25.02 -32.40 13.63
CA VAL E 3 -24.52 -33.74 13.37
C VAL E 3 -24.07 -33.96 11.93
N LEU E 4 -22.77 -34.21 11.84
CA LEU E 4 -22.13 -34.36 10.58
C LEU E 4 -22.28 -35.84 10.27
N THR E 5 -22.82 -36.17 9.10
CA THR E 5 -23.12 -37.54 8.78
C THR E 5 -22.50 -37.86 7.47
N GLN E 6 -21.53 -38.78 7.54
CA GLN E 6 -20.61 -39.00 6.44
C GLN E 6 -21.09 -40.06 5.50
N SER E 7 -21.17 -39.72 4.21
CA SER E 7 -21.75 -40.62 3.16
C SER E 7 -21.35 -42.15 3.11
N PRO E 8 -20.05 -42.50 2.94
CA PRO E 8 -19.58 -43.88 2.92
C PRO E 8 -18.91 -44.23 4.23
N GLY E 9 -19.44 -45.27 4.90
CA GLY E 9 -18.87 -45.79 6.15
C GLY E 9 -17.58 -46.59 5.95
N ILE E 10 -17.62 -47.49 4.95
CA ILE E 10 -16.44 -48.20 4.42
C ILE E 10 -16.51 -48.18 2.90
N MET E 11 -15.39 -47.82 2.30
CA MET E 11 -15.22 -48.05 0.88
C MET E 11 -13.74 -48.32 0.61
N SER E 12 -13.51 -49.19 -0.35
CA SER E 12 -12.23 -49.34 -0.96
C SER E 12 -12.50 -49.04 -2.40
N ALA E 13 -11.58 -48.31 -3.00
CA ALA E 13 -11.58 -48.08 -4.41
C ALA E 13 -10.13 -48.43 -4.88
N SER E 14 -9.90 -48.60 -6.19
CA SER E 14 -8.56 -48.95 -6.74
C SER E 14 -7.69 -47.76 -7.16
N PRO E 15 -6.37 -47.98 -7.26
CA PRO E 15 -5.41 -46.98 -7.74
C PRO E 15 -5.70 -46.53 -9.13
N GLY E 16 -5.58 -45.21 -9.31
CA GLY E 16 -6.06 -44.51 -10.48
C GLY E 16 -7.52 -44.06 -10.36
N GLU E 17 -8.36 -44.96 -9.88
CA GLU E 17 -9.74 -44.66 -9.64
C GLU E 17 -9.90 -43.42 -8.74
N LYS E 18 -11.08 -42.76 -8.89
CA LYS E 18 -11.47 -41.47 -8.27
C LYS E 18 -12.28 -41.64 -7.00
N VAL E 19 -11.73 -41.31 -5.86
CA VAL E 19 -12.55 -41.29 -4.64
C VAL E 19 -13.37 -39.97 -4.42
N THR E 20 -14.62 -40.16 -4.07
CA THR E 20 -15.42 -39.04 -3.60
C THR E 20 -16.17 -39.25 -2.20
N ILE E 21 -15.79 -38.46 -1.19
CA ILE E 21 -16.40 -38.63 0.14
C ILE E 21 -17.29 -37.44 0.56
N THR E 22 -18.49 -37.81 1.06
CA THR E 22 -19.57 -36.87 1.35
C THR E 22 -19.64 -36.61 2.87
N CYS E 23 -20.08 -35.42 3.27
CA CYS E 23 -20.30 -35.15 4.69
C CYS E 23 -21.52 -34.26 4.79
N SER E 24 -22.56 -34.69 5.50
CA SER E 24 -23.77 -33.94 5.36
C SER E 24 -24.34 -33.61 6.66
N ALA E 25 -24.35 -32.28 6.92
CA ALA E 25 -24.54 -31.62 8.23
C ALA E 25 -25.96 -31.43 8.60
N SER E 26 -26.20 -31.56 9.90
CA SER E 26 -27.52 -31.51 10.49
C SER E 26 -28.29 -30.29 10.03
N SER E 27 -27.59 -29.14 9.87
CA SER E 27 -28.13 -27.75 9.61
C SER E 27 -27.05 -26.72 9.21
N SER E 28 -27.11 -26.18 7.99
CA SER E 28 -25.98 -25.45 7.38
C SER E 28 -24.86 -25.00 8.29
N VAL E 29 -23.65 -25.29 7.86
CA VAL E 29 -22.53 -24.59 8.41
C VAL E 29 -21.84 -23.95 7.21
N SER E 30 -20.77 -23.21 7.44
CA SER E 30 -20.25 -22.38 6.34
C SER E 30 -18.93 -22.94 5.77
N TYR E 31 -18.39 -23.89 6.50
CA TYR E 31 -17.15 -24.48 6.10
C TYR E 31 -17.06 -25.81 6.73
N MET E 32 -16.79 -26.81 5.89
CA MET E 32 -16.37 -28.09 6.43
C MET E 32 -14.90 -28.14 6.66
N TYR E 33 -14.53 -29.01 7.57
CA TYR E 33 -13.18 -29.46 7.57
C TYR E 33 -13.10 -30.95 7.40
N TRP E 34 -11.87 -31.39 7.36
CA TRP E 34 -11.56 -32.73 7.02
C TRP E 34 -10.23 -32.95 7.71
N PHE E 35 -10.15 -34.01 8.52
CA PHE E 35 -8.82 -34.58 8.75
C PHE E 35 -8.78 -36.06 8.32
N GLN E 36 -7.57 -36.60 8.29
CA GLN E 36 -7.33 -37.87 7.72
C GLN E 36 -6.77 -38.57 8.87
N GLN E 37 -7.11 -39.83 9.02
CA GLN E 37 -6.32 -40.55 9.97
C GLN E 37 -5.75 -41.76 9.34
N LYS E 38 -4.48 -41.98 9.59
CA LYS E 38 -3.89 -43.25 9.24
C LYS E 38 -3.61 -43.92 10.54
N PRO E 39 -4.10 -45.16 10.60
CA PRO E 39 -4.01 -46.06 11.75
C PRO E 39 -2.84 -45.89 12.61
N GLY E 40 -3.08 -45.63 13.88
CA GLY E 40 -2.06 -45.68 14.89
C GLY E 40 -1.31 -44.38 15.00
N THR E 41 -1.82 -43.37 14.32
CA THR E 41 -1.18 -42.07 14.28
C THR E 41 -2.32 -41.07 14.31
N SER E 42 -2.18 -40.04 15.16
CA SER E 42 -3.16 -38.92 15.37
C SER E 42 -3.60 -38.28 14.07
N PRO E 43 -4.85 -37.83 14.00
CA PRO E 43 -5.41 -37.37 12.69
C PRO E 43 -4.70 -36.13 12.29
N LYS E 44 -4.61 -35.86 11.02
CA LYS E 44 -3.95 -34.65 10.70
C LYS E 44 -4.78 -33.80 9.78
N LEU E 45 -5.21 -32.64 10.23
CA LEU E 45 -5.84 -31.67 9.35
C LEU E 45 -5.57 -31.73 7.79
N TRP E 46 -6.63 -31.85 7.03
CA TRP E 46 -6.49 -32.11 5.62
C TRP E 46 -7.10 -31.02 4.74
N ILE E 47 -8.38 -30.69 4.94
CA ILE E 47 -8.87 -29.56 4.18
C ILE E 47 -9.56 -28.63 5.06
N TYR E 48 -9.03 -27.43 5.19
CA TYR E 48 -9.69 -26.48 6.06
C TYR E 48 -10.37 -25.41 5.29
N SER E 49 -11.63 -25.20 5.68
CA SER E 49 -12.51 -24.13 5.24
C SER E 49 -13.00 -24.49 3.95
N THR E 50 -13.53 -25.69 3.95
CA THR E 50 -14.35 -26.15 2.88
C THR E 50 -13.52 -26.56 1.66
N SER E 51 -12.39 -25.88 1.44
CA SER E 51 -11.72 -25.97 0.15
C SER E 51 -10.25 -25.69 0.16
N ASN E 52 -9.76 -25.28 1.31
CA ASN E 52 -8.33 -25.08 1.42
C ASN E 52 -7.53 -26.34 1.74
N LEU E 53 -6.49 -26.58 0.96
CA LEU E 53 -5.64 -27.69 1.33
C LEU E 53 -4.80 -27.35 2.55
N ALA E 54 -4.80 -28.21 3.57
CA ALA E 54 -3.80 -28.01 4.60
C ALA E 54 -2.51 -28.31 3.89
N SER E 55 -1.41 -27.67 4.28
CA SER E 55 -0.07 -28.07 3.82
C SER E 55 0.22 -29.62 3.80
N GLY E 56 0.99 -30.08 2.82
CA GLY E 56 1.40 -31.47 2.76
C GLY E 56 0.43 -32.23 1.90
N VAL E 57 -0.82 -31.75 1.82
CA VAL E 57 -1.87 -32.51 1.13
C VAL E 57 -1.67 -32.44 -0.36
N PRO E 58 -1.42 -33.56 -1.01
CA PRO E 58 -1.41 -33.62 -2.45
C PRO E 58 -2.65 -33.05 -3.15
N ALA E 59 -2.31 -32.41 -4.25
CA ALA E 59 -3.17 -31.54 -4.97
C ALA E 59 -4.27 -32.31 -5.63
N ARG E 60 -4.10 -33.62 -5.80
CA ARG E 60 -5.18 -34.49 -6.28
C ARG E 60 -6.47 -34.37 -5.38
N PHE E 61 -6.26 -33.94 -4.13
CA PHE E 61 -7.32 -33.79 -3.15
C PHE E 61 -8.19 -32.51 -3.27
N ARG E 62 -9.49 -32.65 -3.45
CA ARG E 62 -10.27 -31.41 -3.35
C ARG E 62 -11.41 -31.33 -2.33
N GLY E 63 -11.37 -30.25 -1.56
CA GLY E 63 -12.50 -29.84 -0.75
C GLY E 63 -13.47 -29.02 -1.59
N SER E 64 -14.74 -29.38 -1.43
CA SER E 64 -15.85 -28.63 -2.00
C SER E 64 -17.00 -28.88 -1.09
N GLY E 65 -18.13 -28.27 -1.43
CA GLY E 65 -19.34 -28.33 -0.63
C GLY E 65 -19.86 -26.94 -0.32
N SER E 66 -21.03 -26.89 0.29
CA SER E 66 -21.58 -25.63 0.81
C SER E 66 -22.95 -25.87 1.40
N GLY E 67 -23.28 -25.05 2.38
CA GLY E 67 -24.55 -25.16 3.07
C GLY E 67 -24.66 -26.38 3.95
N THR E 68 -25.50 -27.29 3.54
CA THR E 68 -25.80 -28.36 4.43
C THR E 68 -25.15 -29.61 4.02
N SER E 69 -24.65 -29.63 2.79
CA SER E 69 -24.20 -30.89 2.17
C SER E 69 -22.78 -30.78 1.42
N TYR E 70 -21.70 -31.25 2.10
CA TYR E 70 -20.25 -31.08 1.75
C TYR E 70 -19.51 -32.26 1.06
N SER E 71 -18.14 -32.26 1.01
CA SER E 71 -17.40 -33.30 0.22
C SER E 71 -15.97 -33.09 -0.29
N LEU E 72 -15.14 -34.00 0.17
CA LEU E 72 -13.78 -34.21 -0.35
C LEU E 72 -13.73 -35.34 -1.38
N THR E 73 -13.07 -35.03 -2.51
CA THR E 73 -12.80 -35.91 -3.66
C THR E 73 -11.29 -36.11 -3.82
N ILE E 74 -10.84 -37.38 -3.88
CA ILE E 74 -9.49 -37.74 -4.42
C ILE E 74 -9.61 -38.05 -5.89
N SER E 75 -8.90 -37.29 -6.72
CA SER E 75 -9.13 -37.42 -8.16
C SER E 75 -8.71 -38.79 -8.70
N ARG E 76 -7.42 -39.07 -8.56
CA ARG E 76 -6.87 -40.35 -8.96
C ARG E 76 -6.11 -40.89 -7.76
N MET E 77 -6.85 -41.73 -7.03
CA MET E 77 -6.47 -42.37 -5.77
C MET E 77 -5.12 -42.98 -5.73
N GLU E 78 -4.35 -42.52 -4.76
CA GLU E 78 -3.06 -43.11 -4.45
C GLU E 78 -3.21 -44.02 -3.23
N ALA E 79 -2.39 -45.07 -3.16
CA ALA E 79 -2.42 -45.95 -2.01
C ALA E 79 -2.11 -45.20 -0.74
N GLU E 80 -1.23 -44.19 -0.79
CA GLU E 80 -0.99 -43.38 0.40
C GLU E 80 -2.35 -42.76 0.96
N ASP E 81 -3.43 -42.98 0.24
CA ASP E 81 -4.71 -42.39 0.58
C ASP E 81 -5.68 -43.39 1.24
N ALA E 82 -5.19 -44.59 1.42
CA ALA E 82 -5.90 -45.55 2.20
C ALA E 82 -5.87 -44.91 3.56
N ALA E 83 -7.03 -44.58 4.12
CA ALA E 83 -7.05 -43.96 5.46
C ALA E 83 -8.45 -43.59 5.95
N THR E 84 -8.58 -43.08 7.16
CA THR E 84 -9.88 -42.69 7.60
C THR E 84 -10.01 -41.18 7.57
N TYR E 85 -10.93 -40.71 6.75
CA TYR E 85 -11.09 -39.29 6.56
C TYR E 85 -12.29 -38.85 7.37
N TYR E 86 -12.16 -37.79 8.15
CA TYR E 86 -13.36 -37.20 8.80
C TYR E 86 -13.49 -35.70 8.63
N CYS E 87 -14.75 -35.33 8.43
CA CYS E 87 -15.12 -33.98 8.32
C CYS E 87 -15.50 -33.43 9.70
N GLN E 88 -15.15 -32.17 9.96
CA GLN E 88 -15.48 -31.45 11.19
C GLN E 88 -16.16 -30.15 10.77
N GLN E 89 -17.09 -29.66 11.58
CA GLN E 89 -17.50 -28.25 11.50
C GLN E 89 -17.09 -27.55 12.77
N ARG E 90 -17.26 -26.22 12.73
CA ARG E 90 -16.66 -25.27 13.67
C ARG E 90 -17.59 -24.08 13.94
N SER E 91 -18.89 -24.28 13.72
CA SER E 91 -19.87 -23.18 13.78
C SER E 91 -20.25 -22.96 15.19
N GLY E 92 -20.49 -24.03 15.93
CA GLY E 92 -20.90 -23.88 17.31
C GLY E 92 -19.84 -24.39 18.24
N TYR E 93 -20.16 -24.42 19.51
CA TYR E 93 -19.59 -25.42 20.39
C TYR E 93 -20.77 -26.23 20.74
N PRO E 94 -20.65 -27.54 20.68
CA PRO E 94 -19.36 -28.21 20.71
C PRO E 94 -19.01 -28.59 19.29
N ARG E 95 -17.74 -28.82 19.02
CA ARG E 95 -17.44 -29.18 17.67
C ARG E 95 -17.74 -30.65 17.32
N THR E 96 -18.32 -30.78 16.16
CA THR E 96 -18.83 -32.02 15.79
C THR E 96 -18.03 -32.47 14.66
N PHE E 97 -17.58 -33.73 14.77
CA PHE E 97 -16.81 -34.50 13.79
C PHE E 97 -17.70 -35.57 13.34
N GLY E 98 -17.54 -35.90 12.08
CA GLY E 98 -18.36 -36.91 11.46
C GLY E 98 -17.91 -38.33 11.69
N GLY E 99 -18.74 -39.21 11.13
CA GLY E 99 -18.63 -40.64 11.33
C GLY E 99 -17.29 -41.24 10.96
N GLY E 100 -16.74 -40.84 9.81
CA GLY E 100 -15.52 -41.42 9.31
C GLY E 100 -15.77 -42.35 8.14
N THR E 101 -15.04 -42.08 7.06
CA THR E 101 -14.91 -42.96 5.91
C THR E 101 -13.58 -43.61 6.07
N LYS E 102 -13.62 -44.92 6.26
CA LYS E 102 -12.43 -45.68 6.22
C LYS E 102 -12.30 -46.01 4.75
N LEU E 103 -11.35 -45.32 4.05
CA LEU E 103 -10.99 -45.58 2.61
C LEU E 103 -9.81 -46.52 2.55
N GLU E 104 -9.99 -47.66 1.87
CA GLU E 104 -9.03 -48.76 1.90
C GLU E 104 -8.50 -48.96 0.54
N ILE E 105 -7.20 -49.15 0.38
CA ILE E 105 -6.67 -49.20 -1.00
C ILE E 105 -6.74 -50.57 -1.65
N LYS E 106 -7.53 -50.68 -2.71
CA LYS E 106 -7.63 -51.99 -3.34
C LYS E 106 -6.43 -52.24 -4.22
N ARG E 107 -5.41 -52.87 -3.63
CA ARG E 107 -4.33 -53.54 -4.36
C ARG E 107 -4.64 -54.98 -4.92
N ALA E 108 -3.66 -55.58 -5.59
CA ALA E 108 -3.92 -56.88 -6.24
C ALA E 108 -3.38 -57.93 -5.33
N ASP E 109 -4.11 -59.04 -5.25
CA ASP E 109 -3.90 -60.14 -4.31
C ASP E 109 -2.53 -60.45 -3.88
N ALA E 110 -2.41 -60.91 -2.66
CA ALA E 110 -1.09 -61.26 -2.15
C ALA E 110 -1.15 -62.62 -1.45
N ALA E 111 -0.07 -63.38 -1.52
CA ALA E 111 -0.02 -64.61 -0.70
C ALA E 111 0.71 -64.41 0.59
N PRO E 112 0.12 -65.03 1.59
CA PRO E 112 0.64 -65.10 2.95
C PRO E 112 2.04 -65.76 3.13
N THR E 113 2.83 -65.22 4.01
CA THR E 113 4.18 -65.72 4.08
C THR E 113 4.15 -66.36 5.46
N VAL E 114 4.03 -67.67 5.45
CA VAL E 114 3.53 -68.24 6.69
C VAL E 114 4.68 -68.67 7.52
N SER E 115 4.52 -68.69 8.82
CA SER E 115 5.60 -69.10 9.70
C SER E 115 5.07 -69.33 11.12
N ILE E 116 5.63 -70.33 11.79
CA ILE E 116 5.09 -70.89 13.00
C ILE E 116 6.21 -71.25 13.94
N PHE E 117 6.02 -70.80 15.16
CA PHE E 117 7.02 -70.86 16.18
C PHE E 117 6.46 -71.66 17.28
N PRO E 118 7.30 -72.51 17.82
CA PRO E 118 6.99 -73.28 19.01
C PRO E 118 7.08 -72.34 20.20
N PRO E 119 6.53 -72.77 21.34
CA PRO E 119 6.79 -72.20 22.68
C PRO E 119 8.25 -71.93 23.05
N SER E 120 8.48 -70.88 23.83
CA SER E 120 9.80 -70.41 24.26
C SER E 120 10.16 -71.15 25.53
N SER E 121 11.43 -71.40 25.84
CA SER E 121 11.68 -72.13 27.05
C SER E 121 10.94 -71.38 28.06
N GLU E 122 11.51 -70.21 28.31
CA GLU E 122 11.13 -69.27 29.37
C GLU E 122 9.63 -69.25 29.65
N GLN E 123 8.79 -69.47 28.63
CA GLN E 123 7.35 -69.64 28.79
C GLN E 123 6.85 -71.03 29.29
N LEU E 124 7.62 -72.09 29.03
CA LEU E 124 7.20 -73.42 29.48
C LEU E 124 7.48 -73.46 30.99
N THR E 125 8.62 -72.93 31.36
CA THR E 125 8.96 -72.68 32.76
C THR E 125 7.83 -72.12 33.61
N SER E 126 6.75 -71.70 33.01
CA SER E 126 5.79 -70.99 33.82
C SER E 126 4.45 -71.71 33.65
N GLY E 127 4.52 -72.88 33.04
CA GLY E 127 3.34 -73.71 32.83
C GLY E 127 2.38 -73.15 31.78
N GLY E 128 2.98 -72.56 30.73
CA GLY E 128 2.24 -72.12 29.56
C GLY E 128 2.89 -72.43 28.24
N ALA E 129 2.08 -72.78 27.26
CA ALA E 129 2.63 -72.97 25.94
C ALA E 129 1.67 -72.45 24.91
N SER E 130 2.11 -71.37 24.22
CA SER E 130 1.33 -70.69 23.18
C SER E 130 2.18 -70.94 22.02
N VAL E 131 1.55 -71.42 20.96
CA VAL E 131 2.29 -71.65 19.72
C VAL E 131 1.72 -70.72 18.66
N VAL E 132 2.58 -69.78 18.27
CA VAL E 132 2.15 -68.68 17.39
C VAL E 132 2.40 -68.91 15.86
N CYS E 133 1.46 -68.53 15.05
CA CYS E 133 1.79 -68.71 13.67
C CYS E 133 1.38 -67.50 12.84
N PHE E 134 2.38 -66.76 12.34
CA PHE E 134 2.22 -65.48 11.64
C PHE E 134 1.73 -65.67 10.19
N LEU E 135 1.01 -64.72 9.62
CA LEU E 135 0.52 -64.92 8.26
C LEU E 135 0.66 -63.62 7.52
N ASN E 136 1.73 -63.52 6.73
CA ASN E 136 2.24 -62.19 6.37
C ASN E 136 2.00 -61.56 4.99
N ASN E 137 2.31 -60.26 4.94
CA ASN E 137 1.89 -59.34 3.89
C ASN E 137 1.14 -60.04 2.81
N PHE E 138 -0.19 -60.16 2.94
CA PHE E 138 -1.00 -60.82 1.93
C PHE E 138 -2.17 -60.02 1.66
N TYR E 139 -2.94 -60.33 0.62
CA TYR E 139 -4.13 -59.53 0.27
C TYR E 139 -4.92 -60.36 -0.69
N PRO E 140 -6.25 -60.22 -0.77
CA PRO E 140 -7.11 -59.44 0.09
C PRO E 140 -7.09 -59.75 1.58
N LYS E 141 -7.85 -59.00 2.42
CA LYS E 141 -7.99 -59.25 3.88
C LYS E 141 -8.39 -60.66 4.43
N ASP E 142 -9.39 -61.30 3.85
CA ASP E 142 -9.90 -62.62 4.36
C ASP E 142 -8.86 -63.70 4.23
N ILE E 143 -8.82 -64.60 5.19
CA ILE E 143 -7.85 -65.66 5.09
C ILE E 143 -8.28 -66.63 6.16
N ASN E 144 -7.71 -67.85 6.11
CA ASN E 144 -8.05 -68.90 7.11
C ASN E 144 -7.02 -69.79 7.86
N VAL E 145 -6.73 -69.39 9.10
CA VAL E 145 -6.05 -70.23 10.04
C VAL E 145 -6.84 -71.42 10.56
N LYS E 146 -6.46 -72.61 10.07
CA LYS E 146 -6.66 -73.92 10.69
C LYS E 146 -5.43 -74.30 11.53
N TRP E 147 -5.73 -74.93 12.65
CA TRP E 147 -4.73 -75.26 13.60
C TRP E 147 -4.96 -76.70 13.84
N LYS E 148 -4.07 -77.59 13.44
CA LYS E 148 -4.40 -78.97 13.64
C LYS E 148 -3.44 -79.45 14.74
N ILE E 149 -3.78 -80.40 15.66
CA ILE E 149 -2.69 -80.86 16.58
C ILE E 149 -1.91 -82.13 16.25
N ASP E 150 -2.46 -83.30 16.51
CA ASP E 150 -1.68 -84.46 16.06
C ASP E 150 -2.21 -84.91 14.69
N GLY E 151 -2.69 -83.92 13.94
CA GLY E 151 -3.26 -84.16 12.62
C GLY E 151 -4.74 -83.84 12.49
N SER E 152 -5.45 -83.81 13.65
CA SER E 152 -6.81 -83.23 13.72
C SER E 152 -6.78 -81.79 14.23
N GLU E 153 -7.65 -81.00 13.63
CA GLU E 153 -7.82 -79.59 13.85
C GLU E 153 -8.05 -79.22 15.31
N ARG E 154 -7.32 -78.24 15.85
CA ARG E 154 -7.76 -77.58 17.12
C ARG E 154 -8.45 -76.22 16.94
N GLN E 155 -9.55 -76.02 17.66
CA GLN E 155 -10.34 -74.87 17.40
C GLN E 155 -10.24 -73.85 18.47
N ASN E 156 -9.66 -74.21 19.60
CA ASN E 156 -9.83 -73.42 20.82
C ASN E 156 -8.55 -73.29 21.63
N GLY E 157 -8.39 -72.15 22.29
CA GLY E 157 -7.07 -71.72 22.75
C GLY E 157 -6.45 -70.76 21.70
N VAL E 158 -7.22 -70.43 20.62
CA VAL E 158 -6.72 -69.70 19.44
C VAL E 158 -7.21 -68.30 19.16
N LEU E 159 -6.35 -67.31 19.43
CA LEU E 159 -6.74 -65.93 19.27
C LEU E 159 -5.89 -65.20 18.25
N ASN E 160 -6.60 -64.64 17.25
CA ASN E 160 -6.10 -63.87 16.08
C ASN E 160 -6.23 -62.36 16.21
N SER E 161 -5.53 -61.66 15.29
CA SER E 161 -5.40 -60.20 15.22
C SER E 161 -4.95 -59.81 13.80
N TRP E 162 -5.48 -58.73 13.27
CA TRP E 162 -5.26 -58.45 11.87
C TRP E 162 -4.66 -57.05 11.67
N THR E 163 -3.50 -56.90 11.05
CA THR E 163 -2.85 -55.59 10.97
C THR E 163 -3.48 -54.58 9.98
N ASP E 164 -3.38 -53.28 10.24
CA ASP E 164 -4.10 -52.39 9.32
C ASP E 164 -3.28 -52.36 8.06
N GLN E 165 -3.80 -51.87 6.92
CA GLN E 165 -3.00 -51.89 5.64
C GLN E 165 -1.48 -51.58 5.84
N ASP E 166 -0.62 -52.14 5.02
CA ASP E 166 0.80 -51.79 5.25
C ASP E 166 1.32 -50.50 4.55
N SER E 167 1.45 -49.42 5.31
CA SER E 167 2.12 -48.23 4.85
C SER E 167 3.04 -48.36 3.63
N LYS E 168 3.95 -49.32 3.61
CA LYS E 168 4.85 -49.42 2.44
C LYS E 168 4.22 -50.03 1.21
N ASP E 169 3.29 -50.95 1.46
CA ASP E 169 3.00 -52.12 0.63
C ASP E 169 1.66 -52.66 1.06
N SER E 170 0.59 -51.98 0.67
CA SER E 170 -0.74 -52.05 1.33
C SER E 170 -1.41 -53.42 1.69
N THR E 171 -0.76 -54.20 2.57
CA THR E 171 -1.04 -55.63 2.72
C THR E 171 -1.58 -55.94 4.04
N TYR E 172 -2.60 -56.76 4.14
CA TYR E 172 -2.96 -57.19 5.48
C TYR E 172 -1.95 -58.25 5.93
N SER E 173 -1.78 -58.39 7.27
CA SER E 173 -0.97 -59.45 7.91
C SER E 173 -1.72 -59.86 9.11
N MET E 174 -1.77 -61.14 9.36
CA MET E 174 -2.59 -61.55 10.46
C MET E 174 -1.79 -62.50 11.33
N SER E 175 -2.11 -62.58 12.60
CA SER E 175 -1.35 -63.49 13.47
C SER E 175 -2.19 -64.34 14.42
N SER E 176 -1.93 -65.67 14.36
CA SER E 176 -2.63 -66.65 15.19
C SER E 176 -1.73 -67.15 16.28
N THR E 177 -2.26 -67.12 17.51
CA THR E 177 -1.65 -67.79 18.68
C THR E 177 -2.53 -68.86 19.33
N LEU E 178 -2.07 -70.10 19.24
CA LEU E 178 -2.65 -71.23 19.97
C LEU E 178 -1.97 -71.34 21.29
N THR E 179 -2.79 -71.09 22.32
CA THR E 179 -2.34 -71.16 23.71
C THR E 179 -2.91 -72.34 24.45
N LEU E 180 -2.00 -73.08 25.08
CA LEU E 180 -2.34 -74.28 25.84
C LEU E 180 -1.40 -74.43 27.04
N THR E 181 -1.46 -75.58 27.70
CA THR E 181 -0.73 -75.71 28.95
C THR E 181 0.49 -76.45 28.61
N LYS E 182 1.55 -76.14 29.37
CA LYS E 182 2.84 -76.88 29.38
C LYS E 182 2.53 -78.38 29.33
N ASP E 183 2.04 -78.86 30.46
CA ASP E 183 1.45 -80.16 30.61
C ASP E 183 0.74 -80.69 29.36
N GLU E 184 -0.13 -79.91 28.76
CA GLU E 184 -0.94 -80.39 27.65
C GLU E 184 -0.31 -80.26 26.28
N TYR E 185 0.80 -79.56 26.27
CA TYR E 185 1.41 -79.23 25.03
C TYR E 185 2.29 -80.38 24.72
N GLU E 186 2.90 -80.87 25.78
CA GLU E 186 3.89 -81.93 25.70
C GLU E 186 3.26 -83.32 25.75
N ARG E 187 1.95 -83.37 25.93
CA ARG E 187 1.21 -84.61 25.73
C ARG E 187 1.14 -84.87 24.21
N HIS E 188 1.71 -84.02 23.38
CA HIS E 188 1.59 -84.21 21.92
C HIS E 188 2.80 -83.85 21.03
N ASN E 189 2.63 -83.96 19.71
CA ASN E 189 3.79 -83.71 18.90
C ASN E 189 3.61 -82.93 17.62
N SER E 190 2.98 -83.46 16.58
CA SER E 190 2.71 -82.62 15.40
C SER E 190 1.93 -81.29 15.72
N TYR E 191 2.54 -80.14 15.38
CA TYR E 191 1.92 -78.81 15.50
C TYR E 191 2.03 -78.13 14.18
N THR E 192 0.93 -78.16 13.46
CA THR E 192 0.75 -77.75 12.10
C THR E 192 -0.13 -76.52 12.10
N CYS E 193 -0.18 -75.72 11.01
CA CYS E 193 -0.86 -74.37 10.99
C CYS E 193 -1.28 -73.99 9.52
N GLU E 194 -2.55 -73.78 9.18
CA GLU E 194 -2.80 -73.71 7.72
C GLU E 194 -3.70 -72.66 7.11
N ALA E 195 -3.05 -71.53 6.89
CA ALA E 195 -3.58 -70.37 6.19
C ALA E 195 -4.22 -70.81 4.91
N THR E 196 -5.46 -70.40 4.68
CA THR E 196 -6.07 -70.65 3.42
C THR E 196 -6.66 -69.42 2.91
N HIS E 197 -5.83 -68.83 2.03
CA HIS E 197 -6.13 -67.62 1.29
C HIS E 197 -6.81 -67.84 -0.09
N LYS E 198 -7.70 -66.95 -0.49
CA LYS E 198 -8.23 -66.89 -1.86
C LYS E 198 -7.13 -67.03 -2.90
N THR E 199 -5.96 -66.50 -2.59
CA THR E 199 -4.87 -66.38 -3.52
C THR E 199 -4.34 -67.71 -4.01
N SER E 200 -4.49 -68.77 -3.21
CA SER E 200 -4.21 -70.12 -3.71
C SER E 200 -5.18 -71.19 -3.27
N THR E 201 -5.29 -72.25 -4.06
CA THR E 201 -6.05 -73.41 -3.60
C THR E 201 -5.26 -74.20 -2.57
N SER E 202 -3.99 -74.50 -2.88
CA SER E 202 -3.07 -75.16 -1.93
C SER E 202 -2.91 -74.22 -0.69
N PRO E 203 -3.44 -74.53 0.50
CA PRO E 203 -3.24 -73.69 1.65
C PRO E 203 -1.79 -73.82 2.02
N ILE E 204 -1.17 -72.86 2.69
CA ILE E 204 0.20 -73.10 3.13
C ILE E 204 0.13 -73.70 4.49
N VAL E 205 0.84 -74.82 4.61
CA VAL E 205 1.07 -75.49 5.91
C VAL E 205 2.44 -75.18 6.43
N LYS E 206 2.57 -74.62 7.60
CA LYS E 206 3.92 -74.67 8.09
C LYS E 206 3.84 -75.39 9.42
N SER E 207 4.64 -76.46 9.57
CA SER E 207 4.49 -77.37 10.71
C SER E 207 5.76 -77.52 11.50
N PHE E 208 5.67 -78.31 12.56
CA PHE E 208 6.84 -78.71 13.31
C PHE E 208 6.43 -79.76 14.37
N ASN E 209 7.37 -80.65 14.78
CA ASN E 209 7.16 -81.70 15.82
C ASN E 209 7.76 -81.36 17.22
N ARG E 210 7.21 -81.87 18.29
CA ARG E 210 7.71 -81.46 19.60
C ARG E 210 9.10 -82.03 19.91
N ASN E 211 9.17 -83.34 20.19
CA ASN E 211 10.39 -84.17 20.21
C ASN E 211 11.32 -84.11 18.98
N GLU E 212 10.72 -84.05 17.77
CA GLU E 212 11.27 -83.59 16.42
C GLU E 212 11.40 -84.62 15.25
N GLU F 1 9.42 -28.85 13.22
CA GLU F 1 9.62 -28.26 14.55
C GLU F 1 8.39 -28.40 15.48
N VAL F 2 7.17 -28.39 14.92
CA VAL F 2 6.01 -28.19 15.82
C VAL F 2 5.71 -29.43 16.66
N LYS F 3 5.98 -29.32 17.96
CA LYS F 3 5.79 -30.51 18.78
C LYS F 3 4.90 -30.33 19.99
N LEU F 4 3.87 -31.17 20.09
CA LEU F 4 3.11 -31.33 21.32
C LEU F 4 3.19 -32.77 21.89
N GLU F 5 3.76 -32.96 23.10
CA GLU F 5 3.87 -34.29 23.73
C GLU F 5 2.84 -34.24 24.84
N GLU F 6 1.74 -34.98 24.69
CA GLU F 6 0.77 -35.28 25.76
C GLU F 6 1.38 -36.21 26.81
N SER F 7 0.95 -36.07 28.06
CA SER F 7 1.47 -36.91 29.13
C SER F 7 0.47 -37.27 30.21
N GLY F 8 0.36 -38.55 30.52
CA GLY F 8 -0.05 -38.84 31.89
C GLY F 8 -1.37 -39.56 32.06
N GLY F 9 -1.84 -39.98 30.91
CA GLY F 9 -2.84 -41.01 30.86
C GLY F 9 -2.20 -42.19 31.51
N GLY F 10 -2.89 -43.30 31.35
CA GLY F 10 -2.71 -44.44 32.22
C GLY F 10 -4.03 -44.95 32.72
N LEU F 11 -3.95 -45.63 33.87
CA LEU F 11 -5.09 -46.43 34.34
C LEU F 11 -5.96 -45.62 35.24
N VAL F 12 -7.27 -45.65 35.14
CA VAL F 12 -7.88 -45.24 36.38
C VAL F 12 -9.13 -45.93 36.75
N GLN F 13 -9.23 -46.03 38.08
CA GLN F 13 -10.39 -46.39 38.82
C GLN F 13 -11.64 -45.65 38.28
N PRO F 14 -12.74 -46.31 37.97
CA PRO F 14 -13.84 -45.55 37.37
C PRO F 14 -14.18 -44.62 38.47
N GLY F 15 -14.69 -43.43 38.23
CA GLY F 15 -14.83 -42.47 39.32
C GLY F 15 -13.51 -41.79 39.75
N GLY F 16 -12.37 -42.46 39.58
CA GLY F 16 -11.08 -41.83 39.78
C GLY F 16 -10.80 -40.52 39.03
N SER F 17 -9.53 -40.17 38.95
CA SER F 17 -9.21 -38.79 38.67
C SER F 17 -7.90 -38.46 37.95
N MET F 18 -8.03 -38.01 36.70
CA MET F 18 -6.85 -37.87 35.83
C MET F 18 -6.54 -36.52 35.26
N LYS F 19 -5.28 -36.09 35.52
CA LYS F 19 -4.75 -34.89 34.86
C LYS F 19 -3.74 -35.27 33.83
N LEU F 20 -4.06 -34.99 32.56
CA LEU F 20 -3.09 -35.02 31.49
C LEU F 20 -2.32 -33.68 31.30
N SER F 21 -0.99 -33.76 31.27
CA SER F 21 -0.14 -32.65 30.79
C SER F 21 0.03 -32.58 29.26
N CYS F 22 0.56 -31.46 28.76
CA CYS F 22 0.76 -31.25 27.30
C CYS F 22 1.54 -29.97 26.93
N ALA F 23 2.88 -30.11 26.92
CA ALA F 23 3.84 -29.07 26.49
C ALA F 23 4.02 -29.12 25.00
N ALA F 24 4.07 -27.93 24.40
CA ALA F 24 4.36 -27.77 23.00
C ALA F 24 5.73 -27.07 22.82
N SER F 25 6.24 -27.06 21.59
CA SER F 25 7.54 -26.48 21.29
C SER F 25 7.58 -26.01 19.82
N GLY F 26 8.48 -25.04 19.53
CA GLY F 26 8.68 -24.52 18.19
C GLY F 26 7.42 -23.89 17.64
N PHE F 27 6.95 -22.84 18.33
CA PHE F 27 5.82 -22.01 17.92
C PHE F 27 5.26 -21.32 19.14
N THR F 28 4.73 -20.15 18.87
CA THR F 28 4.26 -19.26 19.91
C THR F 28 3.12 -19.92 20.69
N PHE F 29 3.43 -20.47 21.81
CA PHE F 29 2.43 -21.34 22.33
C PHE F 29 1.27 -20.48 22.69
N SER F 30 1.63 -19.65 23.64
CA SER F 30 1.05 -18.35 23.91
C SER F 30 -0.01 -17.84 22.96
N ASP F 31 0.12 -18.20 21.69
CA ASP F 31 -0.61 -17.58 20.59
C ASP F 31 -1.77 -18.45 20.14
N ALA F 32 -1.78 -19.65 20.70
CA ALA F 32 -2.50 -20.72 20.11
C ALA F 32 -3.59 -21.07 21.00
N TRP F 33 -4.76 -21.26 20.40
CA TRP F 33 -5.86 -21.99 21.02
C TRP F 33 -5.38 -23.46 21.13
N MET F 34 -6.03 -24.20 22.01
CA MET F 34 -5.74 -25.59 22.12
C MET F 34 -7.07 -26.12 22.39
N ASP F 35 -7.37 -27.24 21.79
CA ASP F 35 -8.39 -28.12 22.29
C ASP F 35 -7.74 -29.45 22.67
N TRP F 36 -8.47 -30.20 23.50
CA TRP F 36 -8.27 -31.62 23.68
C TRP F 36 -9.32 -32.36 22.86
N VAL F 37 -8.86 -33.32 22.08
CA VAL F 37 -9.78 -34.16 21.34
C VAL F 37 -9.41 -35.60 21.64
N ARG F 38 -10.45 -36.42 21.74
CA ARG F 38 -10.40 -37.74 22.30
C ARG F 38 -10.99 -38.70 21.36
N GLN F 39 -10.38 -39.89 21.35
CA GLN F 39 -10.67 -40.95 20.39
C GLN F 39 -10.78 -42.39 20.98
N SER F 40 -11.85 -43.06 20.58
CA SER F 40 -12.16 -44.37 21.05
C SER F 40 -12.89 -44.86 19.87
N PRO F 41 -12.78 -46.15 19.58
CA PRO F 41 -13.16 -46.66 18.25
C PRO F 41 -14.69 -46.73 18.09
N GLU F 42 -15.36 -47.14 19.17
CA GLU F 42 -16.80 -46.91 19.39
C GLU F 42 -17.18 -45.46 18.95
N LYS F 43 -16.78 -44.53 19.83
CA LYS F 43 -17.12 -43.11 19.83
C LYS F 43 -16.70 -42.47 18.52
N GLY F 44 -15.41 -42.63 18.17
CA GLY F 44 -14.85 -42.08 16.96
C GLY F 44 -14.03 -40.88 17.37
N LEU F 45 -14.22 -39.80 16.60
CA LEU F 45 -13.55 -38.52 16.89
C LEU F 45 -14.48 -37.60 17.70
N GLU F 46 -13.98 -37.13 18.85
CA GLU F 46 -14.86 -36.47 19.79
C GLU F 46 -14.24 -35.29 20.58
N TRP F 47 -14.63 -34.06 20.20
CA TRP F 47 -14.05 -32.89 20.81
C TRP F 47 -14.51 -32.75 22.22
N VAL F 48 -13.59 -32.34 23.08
CA VAL F 48 -13.76 -32.24 24.54
C VAL F 48 -13.67 -30.79 25.12
N ALA F 49 -12.69 -30.03 24.71
CA ALA F 49 -12.45 -28.74 25.34
C ALA F 49 -11.82 -27.77 24.33
N GLU F 50 -11.86 -26.47 24.59
CA GLU F 50 -10.93 -25.58 23.88
C GLU F 50 -10.55 -24.52 24.81
N ILE F 51 -9.29 -24.11 24.75
CA ILE F 51 -8.84 -22.95 25.48
C ILE F 51 -8.23 -21.87 24.52
N ARG F 52 -9.12 -21.01 24.05
CA ARG F 52 -8.73 -19.78 23.42
C ARG F 52 -7.40 -19.31 23.96
N SER F 53 -6.82 -18.38 23.22
CA SER F 53 -5.44 -17.98 23.39
C SER F 53 -5.49 -16.97 24.49
N LYS F 54 -4.44 -16.21 24.85
CA LYS F 54 -4.74 -15.01 25.71
C LYS F 54 -5.43 -13.88 24.97
N VAL F 55 -4.76 -13.33 23.98
CA VAL F 55 -5.41 -12.33 23.15
C VAL F 55 -6.92 -12.46 23.00
N ASN F 56 -7.52 -13.66 23.06
CA ASN F 56 -8.98 -13.78 23.25
C ASN F 56 -9.36 -14.53 24.53
N ASN F 57 -8.75 -14.04 25.60
CA ASN F 57 -9.04 -14.34 27.04
C ASN F 57 -9.39 -15.69 27.38
N HIS F 58 -8.57 -16.60 26.94
CA HIS F 58 -8.45 -17.87 27.58
C HIS F 58 -9.85 -18.53 27.62
N ALA F 59 -10.81 -17.97 26.89
CA ALA F 59 -12.20 -18.49 26.99
C ALA F 59 -12.27 -19.98 26.72
N ILE F 60 -13.03 -20.63 27.58
CA ILE F 60 -13.22 -22.04 27.48
C ILE F 60 -14.63 -22.41 27.01
N HIS F 61 -14.74 -23.62 26.44
CA HIS F 61 -16.03 -24.26 26.17
C HIS F 61 -15.81 -25.72 26.24
N TYR F 62 -16.83 -26.46 26.63
CA TYR F 62 -16.70 -27.91 26.76
C TYR F 62 -17.73 -28.70 25.89
N ALA F 63 -17.35 -29.93 25.61
CA ALA F 63 -18.27 -30.93 25.09
C ALA F 63 -19.27 -31.19 26.22
N GLU F 64 -20.56 -31.31 25.93
CA GLU F 64 -21.51 -31.25 27.09
C GLU F 64 -21.17 -32.32 28.17
N SER F 65 -21.41 -33.55 27.76
CA SER F 65 -20.84 -34.76 28.27
C SER F 65 -19.76 -34.55 29.34
N VAL F 66 -18.75 -33.75 29.01
CA VAL F 66 -17.60 -33.50 29.85
C VAL F 66 -17.90 -32.64 31.06
N LYS F 67 -18.79 -31.68 30.83
CA LYS F 67 -18.99 -30.49 31.67
C LYS F 67 -19.11 -30.77 33.16
N GLY F 68 -18.31 -30.10 33.95
CA GLY F 68 -18.52 -30.19 35.38
C GLY F 68 -17.42 -31.01 35.96
N ARG F 69 -16.72 -31.72 35.09
CA ARG F 69 -15.77 -32.76 35.47
C ARG F 69 -14.33 -32.59 34.86
N PHE F 70 -14.21 -32.43 33.53
CA PHE F 70 -12.92 -31.98 32.97
C PHE F 70 -12.71 -30.47 33.19
N THR F 71 -11.53 -30.00 32.94
CA THR F 71 -11.29 -28.64 33.29
C THR F 71 -10.00 -28.27 32.62
N VAL F 72 -10.17 -27.45 31.60
CA VAL F 72 -9.05 -27.28 30.72
C VAL F 72 -8.39 -26.01 31.04
N SER F 73 -7.08 -26.04 31.11
CA SER F 73 -6.34 -24.83 31.36
C SER F 73 -4.95 -24.78 30.72
N ARG F 74 -4.20 -23.75 31.00
CA ARG F 74 -2.92 -23.82 30.40
C ARG F 74 -2.11 -22.90 31.14
N ASP F 75 -0.82 -23.09 31.11
CA ASP F 75 0.08 -22.06 31.55
C ASP F 75 1.00 -21.67 30.39
N ASP F 76 0.71 -20.55 29.70
CA ASP F 76 1.53 -20.09 28.55
C ASP F 76 3.04 -20.19 28.70
N SER F 77 3.53 -20.15 29.94
CA SER F 77 4.96 -20.16 30.28
C SER F 77 5.67 -21.55 30.21
N LYS F 78 5.07 -22.54 30.87
CA LYS F 78 5.45 -23.94 30.66
C LYS F 78 5.08 -24.35 29.23
N SER F 79 4.43 -23.41 28.54
CA SER F 79 3.87 -23.59 27.20
C SER F 79 3.23 -24.96 27.08
N SER F 80 2.46 -25.37 28.09
CA SER F 80 1.72 -26.63 28.03
C SER F 80 0.30 -26.34 28.22
N VAL F 81 -0.54 -27.29 27.89
CA VAL F 81 -1.94 -27.19 28.24
C VAL F 81 -2.25 -28.46 29.00
N TYR F 82 -3.44 -28.55 29.59
CA TYR F 82 -3.75 -29.55 30.59
C TYR F 82 -5.19 -29.90 30.48
N LEU F 83 -5.51 -31.13 30.84
CA LEU F 83 -6.92 -31.55 30.99
C LEU F 83 -7.13 -32.26 32.30
N GLN F 84 -7.93 -31.58 33.16
CA GLN F 84 -8.41 -32.15 34.44
C GLN F 84 -9.81 -32.85 34.39
N MET F 85 -9.69 -34.18 34.39
CA MET F 85 -10.78 -35.16 34.35
C MET F 85 -10.97 -35.76 35.75
N ASN F 86 -12.23 -35.72 36.18
CA ASN F 86 -12.66 -35.96 37.53
C ASN F 86 -13.94 -36.72 37.43
N SER F 87 -14.33 -37.34 38.54
CA SER F 87 -15.45 -38.22 38.47
C SER F 87 -15.38 -38.80 37.03
N LEU F 88 -14.35 -39.62 36.85
CA LEU F 88 -14.08 -40.32 35.63
C LEU F 88 -14.95 -41.53 35.44
N ARG F 89 -15.91 -41.37 34.55
CA ARG F 89 -16.71 -42.47 34.06
C ARG F 89 -15.90 -43.42 33.24
N ALA F 90 -16.56 -44.03 32.25
CA ALA F 90 -16.01 -45.13 31.46
C ALA F 90 -15.99 -44.93 29.96
N GLU F 91 -16.53 -43.83 29.50
CA GLU F 91 -17.00 -43.68 28.13
C GLU F 91 -16.28 -42.46 27.85
N ASP F 92 -15.53 -42.22 28.90
CA ASP F 92 -14.47 -41.33 29.03
C ASP F 92 -13.23 -42.11 28.54
N THR F 93 -13.35 -43.42 28.26
CA THR F 93 -12.17 -44.18 27.80
C THR F 93 -11.72 -43.83 26.37
N GLY F 94 -10.44 -43.48 26.22
CA GLY F 94 -9.87 -43.18 24.91
C GLY F 94 -8.48 -42.55 24.89
N ILE F 95 -7.95 -42.36 23.68
CA ILE F 95 -6.78 -41.45 23.48
C ILE F 95 -7.11 -39.95 23.41
N TYR F 96 -6.34 -39.21 24.18
CA TYR F 96 -6.45 -37.79 24.20
C TYR F 96 -5.30 -37.02 23.47
N TYR F 97 -5.46 -36.68 22.21
CA TYR F 97 -4.54 -35.72 21.63
C TYR F 97 -4.86 -34.40 22.25
N CYS F 98 -3.84 -33.60 22.46
CA CYS F 98 -4.05 -32.22 22.71
C CYS F 98 -3.66 -31.70 21.36
N SER F 99 -4.54 -30.92 20.73
CA SER F 99 -4.24 -30.21 19.45
C SER F 99 -3.98 -28.68 19.60
N GLY F 100 -3.31 -28.11 18.59
CA GLY F 100 -2.93 -26.70 18.60
C GLY F 100 -3.44 -25.93 17.41
N TRP F 101 -3.50 -24.62 17.59
CA TRP F 101 -3.84 -23.67 16.51
C TRP F 101 -5.18 -24.00 15.89
N SER F 102 -6.07 -24.48 16.74
CA SER F 102 -7.38 -24.87 16.31
C SER F 102 -7.17 -26.11 15.41
N PHE F 103 -6.62 -27.15 16.00
CA PHE F 103 -6.55 -28.42 15.29
C PHE F 103 -5.54 -28.48 14.13
N LEU F 104 -4.49 -27.69 14.18
CA LEU F 104 -3.56 -27.72 13.06
C LEU F 104 -2.44 -28.59 13.45
N TYR F 105 -2.38 -28.76 14.73
CA TYR F 105 -1.34 -29.46 15.33
C TYR F 105 -2.03 -30.52 16.18
N TRP F 106 -1.41 -31.69 16.25
CA TRP F 106 -1.97 -32.88 16.83
C TRP F 106 -0.79 -33.65 17.40
N GLY F 107 -0.81 -33.95 18.69
CA GLY F 107 0.26 -34.71 19.30
C GLY F 107 -0.03 -36.16 19.08
N GLN F 108 0.67 -36.99 19.81
CA GLN F 108 0.59 -38.44 19.65
C GLN F 108 -0.63 -39.09 20.37
N GLY F 109 -0.90 -38.68 21.62
CA GLY F 109 -2.07 -39.11 22.39
C GLY F 109 -1.59 -39.79 23.65
N THR F 110 -2.25 -39.61 24.80
CA THR F 110 -2.11 -40.60 25.86
C THR F 110 -3.35 -41.36 25.90
N LEU F 111 -3.21 -42.60 26.37
CA LEU F 111 -4.33 -43.49 26.46
C LEU F 111 -4.92 -43.55 27.88
N VAL F 112 -6.15 -43.08 27.96
CA VAL F 112 -6.86 -43.01 29.22
C VAL F 112 -7.93 -44.14 29.23
N THR F 113 -7.64 -45.17 30.09
CA THR F 113 -8.43 -46.45 30.38
C THR F 113 -9.11 -46.48 31.76
N VAL F 114 -10.43 -46.34 31.80
CA VAL F 114 -11.08 -46.32 33.10
C VAL F 114 -11.63 -47.68 33.42
N SER F 115 -11.07 -48.24 34.50
CA SER F 115 -11.27 -49.65 34.86
C SER F 115 -10.93 -50.03 36.29
N ALA F 116 -11.98 -50.44 36.98
CA ALA F 116 -11.98 -51.66 37.72
C ALA F 116 -10.60 -52.30 37.88
N ALA F 117 -10.17 -52.98 36.80
CA ALA F 117 -8.97 -53.86 36.68
C ALA F 117 -7.64 -53.34 37.31
N LYS F 118 -6.73 -54.25 37.62
CA LYS F 118 -5.44 -53.76 38.04
C LYS F 118 -4.54 -53.85 36.84
N THR F 119 -3.43 -53.12 36.95
CA THR F 119 -2.21 -53.15 36.14
C THR F 119 -1.54 -54.55 36.14
N THR F 120 -1.13 -55.06 34.99
CA THR F 120 -0.50 -56.37 34.87
C THR F 120 0.66 -56.33 33.89
N PRO F 121 1.91 -56.40 34.36
CA PRO F 121 3.04 -56.30 33.44
C PRO F 121 3.04 -57.56 32.58
N PRO F 122 3.52 -57.43 31.34
CA PRO F 122 3.35 -58.47 30.35
C PRO F 122 4.63 -59.27 30.31
N SER F 123 4.55 -60.33 29.55
CA SER F 123 5.55 -61.33 29.64
C SER F 123 6.09 -61.39 28.24
N VAL F 124 7.41 -61.26 28.07
CA VAL F 124 7.99 -61.24 26.74
C VAL F 124 8.76 -62.50 26.48
N TYR F 125 8.28 -63.21 25.45
CA TYR F 125 8.70 -64.56 25.10
C TYR F 125 9.17 -64.52 23.65
N PRO F 126 10.34 -65.09 23.33
CA PRO F 126 10.93 -65.00 21.99
C PRO F 126 10.34 -66.03 21.14
N LEU F 127 9.82 -65.61 20.00
CA LEU F 127 9.46 -66.50 18.94
C LEU F 127 10.66 -66.43 18.02
N ALA F 128 11.48 -67.50 18.04
CA ALA F 128 12.55 -67.72 17.10
C ALA F 128 12.38 -69.10 16.44
N PRO F 129 12.93 -69.31 15.24
CA PRO F 129 12.43 -70.30 14.26
C PRO F 129 12.51 -71.74 14.61
N GLY F 130 11.76 -72.56 13.87
CA GLY F 130 11.61 -73.98 14.16
C GLY F 130 12.95 -74.63 14.54
N SER F 131 13.08 -75.03 15.83
CA SER F 131 14.12 -75.97 16.42
C SER F 131 15.16 -76.61 15.41
N ALA F 132 14.59 -77.14 14.31
CA ALA F 132 15.23 -77.75 13.15
C ALA F 132 14.98 -76.84 11.95
N ALA F 133 14.16 -75.83 12.21
CA ALA F 133 14.12 -74.62 11.45
C ALA F 133 13.89 -74.83 10.00
N GLN F 134 13.68 -73.70 9.39
CA GLN F 134 14.17 -73.50 8.05
C GLN F 134 14.67 -72.04 7.91
N THR F 135 15.67 -71.93 7.01
CA THR F 135 16.41 -70.73 6.63
C THR F 135 16.45 -70.66 5.08
N ASN F 136 15.25 -70.49 4.54
CA ASN F 136 15.04 -70.10 3.17
C ASN F 136 15.55 -68.69 3.16
N SER F 137 15.11 -67.87 2.21
CA SER F 137 15.78 -66.59 1.99
C SER F 137 15.59 -65.58 3.14
N MET F 138 14.34 -65.49 3.60
CA MET F 138 13.87 -64.50 4.57
C MET F 138 13.63 -65.19 5.91
N VAL F 139 14.44 -64.97 6.94
CA VAL F 139 14.17 -65.64 8.20
C VAL F 139 13.21 -64.79 8.91
N THR F 140 12.18 -65.36 9.54
CA THR F 140 11.27 -64.56 10.41
C THR F 140 11.40 -64.80 11.91
N LEU F 141 11.78 -63.76 12.67
CA LEU F 141 11.79 -63.79 14.15
C LEU F 141 10.44 -63.31 14.70
N GLY F 142 10.27 -63.28 16.04
CA GLY F 142 9.01 -62.86 16.69
C GLY F 142 9.14 -62.22 18.08
N CYS F 143 8.04 -61.71 18.65
CA CYS F 143 7.93 -61.44 20.10
C CYS F 143 6.59 -61.68 20.64
N LEU F 144 6.57 -62.48 21.68
CA LEU F 144 5.37 -62.60 22.45
C LEU F 144 5.54 -61.72 23.61
N VAL F 145 4.49 -60.96 23.78
CA VAL F 145 4.40 -59.95 24.76
C VAL F 145 3.01 -60.37 25.18
N LYS F 146 2.99 -61.17 26.24
CA LYS F 146 1.77 -61.77 26.78
C LYS F 146 1.47 -61.28 28.14
N GLY F 147 0.17 -61.12 28.36
CA GLY F 147 -0.37 -61.00 29.69
C GLY F 147 -0.12 -59.66 30.33
N TYR F 148 -0.65 -58.59 29.75
CA TYR F 148 -0.49 -57.29 30.39
C TYR F 148 -1.83 -56.61 30.44
N PHE F 149 -1.84 -55.46 31.14
CA PHE F 149 -2.95 -54.51 31.23
C PHE F 149 -2.42 -53.23 31.92
N PRO F 150 -2.80 -52.01 31.50
CA PRO F 150 -3.76 -51.75 30.43
C PRO F 150 -3.03 -51.62 29.12
N GLU F 151 -3.75 -51.24 28.06
CA GLU F 151 -3.04 -50.79 26.90
C GLU F 151 -2.37 -49.43 27.29
N PRO F 152 -1.24 -49.19 26.70
CA PRO F 152 -0.70 -50.04 25.65
C PRO F 152 0.67 -50.52 25.93
N VAL F 153 1.12 -51.31 24.98
CA VAL F 153 2.48 -51.78 24.99
C VAL F 153 3.08 -51.29 23.68
N THR F 154 4.42 -51.26 23.61
CA THR F 154 5.09 -50.83 22.37
C THR F 154 6.41 -51.54 22.06
N VAL F 155 6.47 -52.22 20.92
CA VAL F 155 7.70 -52.90 20.61
C VAL F 155 8.44 -52.34 19.43
N THR F 156 9.70 -52.02 19.73
CA THR F 156 10.77 -51.88 18.74
C THR F 156 11.83 -52.99 18.90
N TRP F 157 12.80 -52.93 17.97
CA TRP F 157 13.59 -54.02 17.44
C TRP F 157 14.94 -53.43 17.08
N ASN F 158 16.02 -54.06 17.50
CA ASN F 158 17.33 -53.45 17.29
C ASN F 158 17.12 -51.97 17.57
N SER F 159 16.27 -51.74 18.59
CA SER F 159 15.90 -50.42 19.18
C SER F 159 15.69 -49.35 18.17
N GLY F 160 14.96 -49.70 17.13
CA GLY F 160 14.75 -48.75 16.07
C GLY F 160 15.23 -49.32 14.76
N SER F 161 16.53 -49.59 14.63
CA SER F 161 17.08 -49.95 13.33
C SER F 161 16.31 -51.01 12.64
N LEU F 162 16.00 -52.10 13.28
CA LEU F 162 15.31 -53.05 12.46
C LEU F 162 13.89 -52.56 12.33
N SER F 163 13.52 -51.91 11.25
CA SER F 163 12.27 -51.16 11.29
C SER F 163 11.37 -51.44 10.14
N SER F 164 12.00 -51.87 9.04
CA SER F 164 11.32 -52.55 7.93
C SER F 164 10.87 -54.03 8.23
N GLY F 165 9.87 -54.47 7.50
CA GLY F 165 9.36 -55.80 7.77
C GLY F 165 8.94 -56.04 9.24
N VAL F 166 8.79 -54.95 10.01
CA VAL F 166 8.11 -55.25 11.23
C VAL F 166 6.63 -55.05 11.08
N HIS F 167 5.95 -56.14 11.44
CA HIS F 167 4.54 -56.20 11.86
C HIS F 167 4.35 -56.37 13.37
N THR F 168 3.95 -55.30 14.04
CA THR F 168 3.49 -55.40 15.39
C THR F 168 2.02 -55.59 15.28
N PHE F 169 1.48 -56.57 16.00
CA PHE F 169 0.08 -56.84 15.83
C PHE F 169 -0.73 -56.04 16.87
N PRO F 170 -1.95 -55.55 16.52
CA PRO F 170 -2.79 -54.91 17.53
C PRO F 170 -3.14 -55.94 18.60
N ALA F 171 -3.26 -55.51 19.85
CA ALA F 171 -3.60 -56.44 20.98
C ALA F 171 -4.98 -57.15 21.04
N VAL F 172 -5.00 -58.08 21.97
CA VAL F 172 -6.23 -58.74 22.30
C VAL F 172 -6.48 -58.90 23.82
N LEU F 173 -7.79 -58.80 24.09
CA LEU F 173 -8.41 -59.01 25.38
C LEU F 173 -8.79 -60.46 25.66
N GLN F 174 -8.15 -60.98 26.70
CA GLN F 174 -8.39 -62.32 27.25
C GLN F 174 -9.16 -62.23 28.54
N SER F 175 -8.43 -62.45 29.62
CA SER F 175 -9.06 -62.47 30.92
C SER F 175 -8.81 -61.11 31.60
N ASP F 176 -9.62 -60.11 31.19
CA ASP F 176 -9.18 -58.72 31.23
C ASP F 176 -7.63 -58.57 31.11
N LEU F 177 -7.12 -59.24 30.09
CA LEU F 177 -5.70 -59.37 29.84
C LEU F 177 -5.36 -59.26 28.36
N TYR F 178 -4.27 -58.55 28.18
CA TYR F 178 -3.87 -58.18 26.89
C TYR F 178 -2.81 -59.11 26.47
N THR F 179 -3.00 -59.66 25.28
CA THR F 179 -1.83 -60.21 24.59
C THR F 179 -1.68 -59.96 23.11
N LEU F 180 -0.40 -59.85 22.73
CA LEU F 180 0.05 -59.19 21.52
C LEU F 180 1.43 -59.73 21.13
N SER F 181 1.67 -59.85 19.83
CA SER F 181 2.91 -60.43 19.32
C SER F 181 3.32 -59.52 18.22
N SER F 182 4.61 -59.58 17.91
CA SER F 182 5.14 -58.86 16.78
C SER F 182 6.19 -59.62 15.98
N SER F 183 5.89 -59.75 14.68
CA SER F 183 6.79 -60.30 13.68
C SER F 183 7.81 -59.28 13.27
N VAL F 184 9.06 -59.70 13.10
CA VAL F 184 9.97 -59.03 12.16
C VAL F 184 10.72 -60.09 11.39
N THR F 185 10.95 -59.75 10.13
CA THR F 185 11.50 -60.67 9.13
C THR F 185 12.72 -60.14 8.39
N VAL F 186 13.81 -60.92 8.35
CA VAL F 186 15.08 -60.41 7.91
C VAL F 186 15.70 -61.35 6.91
N PRO F 187 16.71 -60.94 6.10
CA PRO F 187 17.52 -61.88 5.35
C PRO F 187 18.18 -62.90 6.30
N SER F 188 18.19 -64.14 5.86
CA SER F 188 18.69 -65.27 6.62
C SER F 188 20.20 -65.11 6.90
N SER F 189 20.88 -64.40 6.00
CA SER F 189 22.30 -64.13 6.19
C SER F 189 22.35 -63.31 7.40
N THR F 190 21.34 -62.51 7.61
CA THR F 190 21.48 -61.51 8.62
C THR F 190 21.18 -62.03 10.02
N TRP F 191 20.80 -63.30 10.12
CA TRP F 191 20.42 -63.95 11.37
C TRP F 191 20.48 -65.48 11.28
N PRO F 192 20.96 -66.10 12.33
CA PRO F 192 21.38 -65.49 13.58
C PRO F 192 22.55 -64.61 13.47
N SER F 193 23.06 -64.44 12.25
CA SER F 193 24.33 -63.78 11.95
C SER F 193 24.72 -62.61 12.87
N GLU F 194 24.00 -61.51 12.64
CA GLU F 194 23.86 -60.37 13.53
C GLU F 194 22.74 -60.58 14.54
N THR F 195 22.82 -59.87 15.65
CA THR F 195 21.91 -60.18 16.74
C THR F 195 20.57 -59.55 16.31
N VAL F 196 19.41 -60.03 16.81
CA VAL F 196 18.16 -59.23 16.72
C VAL F 196 17.15 -59.27 17.88
N THR F 197 17.14 -58.19 18.64
CA THR F 197 16.51 -58.08 19.96
C THR F 197 15.19 -57.25 19.90
N CYS F 198 14.02 -57.71 20.39
CA CYS F 198 12.83 -56.82 20.32
C CYS F 198 12.77 -56.10 21.59
N ASN F 199 12.16 -54.93 21.64
CA ASN F 199 12.06 -54.23 22.91
C ASN F 199 10.71 -53.71 23.06
N VAL F 200 10.08 -54.26 24.09
CA VAL F 200 8.71 -53.98 24.46
C VAL F 200 8.74 -53.12 25.69
N ALA F 201 7.69 -52.29 25.79
CA ALA F 201 7.52 -51.32 26.87
C ALA F 201 6.05 -51.15 26.98
N HIS F 202 5.67 -51.04 28.25
CA HIS F 202 4.30 -50.95 28.70
C HIS F 202 4.49 -50.16 29.98
N PRO F 203 3.95 -48.93 30.06
CA PRO F 203 3.89 -48.18 31.33
C PRO F 203 2.95 -48.66 32.54
N ALA F 204 3.69 -48.92 33.61
CA ALA F 204 3.53 -50.08 34.55
C ALA F 204 4.92 -50.70 34.42
N SER F 205 5.73 -49.82 33.81
CA SER F 205 7.20 -49.70 33.81
C SER F 205 8.16 -50.72 33.28
N SER F 206 7.64 -51.78 32.64
CA SER F 206 8.51 -52.72 31.92
C SER F 206 9.06 -52.04 30.69
N THR F 207 10.38 -52.11 30.59
CA THR F 207 11.08 -52.09 29.31
C THR F 207 11.82 -53.43 29.26
N LYS F 208 11.29 -54.36 28.47
CA LYS F 208 11.90 -55.65 28.33
C LYS F 208 12.49 -55.68 26.92
N VAL F 209 13.81 -55.78 26.93
CA VAL F 209 14.66 -55.95 25.77
C VAL F 209 14.94 -57.48 25.78
N ASP F 210 14.34 -58.16 24.80
CA ASP F 210 14.41 -59.64 24.68
C ASP F 210 14.88 -60.04 23.28
N LYS F 211 16.00 -60.78 23.26
CA LYS F 211 16.80 -61.13 22.08
C LYS F 211 16.44 -62.47 21.42
N LYS F 212 15.85 -62.43 20.22
CA LYS F 212 15.59 -63.62 19.44
C LYS F 212 16.92 -64.36 19.29
N ILE F 213 16.87 -65.68 19.55
CA ILE F 213 18.02 -66.55 19.35
C ILE F 213 17.74 -67.96 18.96
N VAL F 214 18.51 -68.37 17.97
CA VAL F 214 18.73 -69.75 17.54
C VAL F 214 18.71 -70.75 18.73
N PRO F 215 17.77 -71.69 18.73
CA PRO F 215 17.53 -72.64 19.88
C PRO F 215 17.93 -74.18 19.88
N ARG F 216 18.89 -74.59 20.73
CA ARG F 216 19.42 -75.98 20.87
C ARG F 216 18.77 -77.30 20.34
N ASP F 217 19.27 -77.68 19.15
CA ASP F 217 18.83 -78.78 18.22
C ASP F 217 17.37 -78.78 17.71
N GLN G 1 0.68 22.95 -37.46
CA GLN G 1 -0.32 22.58 -38.56
C GLN G 1 -1.68 21.77 -38.20
N VAL G 2 -2.03 21.70 -36.89
CA VAL G 2 -3.41 21.43 -36.43
C VAL G 2 -4.08 22.73 -35.98
N VAL G 3 -5.33 22.89 -36.38
CA VAL G 3 -5.98 24.17 -36.21
C VAL G 3 -7.20 24.11 -35.34
N LEU G 4 -7.09 24.99 -34.35
CA LEU G 4 -8.15 25.18 -33.39
C LEU G 4 -9.26 26.18 -33.85
N THR G 5 -10.50 25.75 -33.69
CA THR G 5 -11.69 26.59 -33.87
C THR G 5 -12.59 26.76 -32.59
N GLN G 6 -12.36 27.82 -31.81
CA GLN G 6 -13.26 28.11 -30.72
C GLN G 6 -14.65 28.39 -31.28
N SER G 7 -15.70 28.10 -30.49
CA SER G 7 -17.11 28.18 -30.93
C SER G 7 -17.73 29.56 -31.06
N PRO G 8 -18.36 30.24 -30.07
CA PRO G 8 -18.82 31.59 -30.39
C PRO G 8 -17.60 32.47 -30.31
N GLY G 9 -17.46 33.37 -31.28
CA GLY G 9 -16.35 34.30 -31.27
C GLY G 9 -16.45 35.20 -30.05
N ILE G 10 -17.66 35.64 -29.75
CA ILE G 10 -17.90 36.54 -28.65
C ILE G 10 -19.21 36.03 -28.16
N MET G 11 -19.39 36.07 -26.84
CA MET G 11 -20.72 35.99 -26.29
C MET G 11 -20.94 36.83 -25.02
N SER G 12 -22.21 37.06 -24.75
CA SER G 12 -22.69 37.57 -23.47
C SER G 12 -23.72 36.56 -22.88
N ALA G 13 -23.56 36.32 -21.59
CA ALA G 13 -24.46 35.45 -20.83
C ALA G 13 -24.71 36.22 -19.53
N SER G 14 -25.77 35.88 -18.80
CA SER G 14 -26.22 36.73 -17.73
C SER G 14 -25.79 36.05 -16.46
N PRO G 15 -25.63 36.72 -15.29
CA PRO G 15 -25.31 35.97 -14.04
C PRO G 15 -26.24 34.80 -13.67
N GLY G 16 -25.63 33.68 -13.31
CA GLY G 16 -26.39 32.52 -12.98
C GLY G 16 -26.56 31.58 -14.16
N GLU G 17 -26.53 32.09 -15.39
CA GLU G 17 -26.71 31.16 -16.52
C GLU G 17 -25.48 30.34 -16.84
N LYS G 18 -25.75 29.16 -17.41
CA LYS G 18 -24.78 28.19 -17.95
C LYS G 18 -24.05 28.70 -19.15
N VAL G 19 -22.75 28.51 -19.17
CA VAL G 19 -22.10 28.92 -20.37
C VAL G 19 -21.24 27.83 -20.99
N THR G 20 -21.51 27.53 -22.28
CA THR G 20 -20.69 26.56 -22.97
C THR G 20 -19.94 26.84 -24.30
N ILE G 21 -18.70 27.24 -24.10
CA ILE G 21 -17.73 27.32 -25.14
C ILE G 21 -17.40 25.89 -25.73
N THR G 22 -17.01 25.87 -27.02
CA THR G 22 -16.49 24.74 -27.77
C THR G 22 -15.08 25.09 -28.34
N CYS G 23 -14.45 24.17 -29.10
CA CYS G 23 -13.08 24.27 -29.65
C CYS G 23 -12.73 22.98 -30.36
N SER G 24 -12.37 23.11 -31.62
CA SER G 24 -12.30 22.02 -32.57
C SER G 24 -10.87 21.78 -33.04
N ALA G 25 -10.54 20.55 -33.38
CA ALA G 25 -9.25 20.25 -33.99
C ALA G 25 -9.39 19.70 -35.47
N SER G 26 -8.48 20.14 -36.37
CA SER G 26 -8.50 19.68 -37.80
C SER G 26 -8.31 18.14 -37.92
N SER G 27 -7.27 17.64 -37.21
CA SER G 27 -6.97 16.24 -36.90
C SER G 27 -7.17 15.98 -35.39
N SER G 28 -7.37 14.71 -34.97
CA SER G 28 -7.65 14.33 -33.53
C SER G 28 -6.53 14.64 -32.51
N VAL G 29 -6.94 14.77 -31.26
CA VAL G 29 -6.00 14.89 -30.17
C VAL G 29 -6.59 14.42 -28.82
N SER G 30 -5.70 14.04 -27.92
CA SER G 30 -6.01 13.44 -26.62
C SER G 30 -6.56 14.44 -25.65
N TYR G 31 -6.06 15.67 -25.78
CA TYR G 31 -6.24 16.65 -24.76
C TYR G 31 -6.15 18.03 -25.31
N MET G 32 -7.05 18.90 -24.80
CA MET G 32 -7.02 20.37 -24.92
C MET G 32 -6.50 21.01 -23.66
N TYR G 33 -5.80 22.13 -23.83
CA TYR G 33 -5.52 23.04 -22.70
C TYR G 33 -6.47 24.21 -22.80
N TRP G 34 -6.54 25.07 -21.80
CA TRP G 34 -7.52 26.14 -21.89
C TRP G 34 -6.99 27.22 -21.13
N PHE G 35 -7.02 28.39 -21.72
CA PHE G 35 -6.60 29.58 -20.96
C PHE G 35 -7.67 30.57 -20.83
N GLN G 36 -7.57 31.35 -19.78
CA GLN G 36 -8.47 32.47 -19.72
C GLN G 36 -7.49 33.57 -19.66
N GLN G 37 -7.94 34.68 -20.16
CA GLN G 37 -7.14 35.86 -20.13
C GLN G 37 -8.11 36.99 -20.07
N LYS G 38 -7.95 37.91 -19.07
CA LYS G 38 -8.68 39.22 -19.04
C LYS G 38 -7.91 40.44 -19.61
N PRO G 39 -8.59 41.56 -19.93
CA PRO G 39 -7.93 42.70 -20.61
C PRO G 39 -6.57 43.11 -19.95
N GLY G 40 -5.53 43.37 -20.78
CA GLY G 40 -4.20 43.78 -20.31
C GLY G 40 -3.67 42.99 -19.10
N THR G 41 -4.22 41.81 -18.83
CA THR G 41 -3.44 40.85 -18.08
C THR G 41 -2.97 39.63 -18.91
N SER G 42 -1.89 38.99 -18.43
CA SER G 42 -1.39 37.75 -19.06
C SER G 42 -2.51 36.75 -19.03
N PRO G 43 -2.50 35.87 -20.03
CA PRO G 43 -3.39 34.74 -20.03
C PRO G 43 -2.96 33.91 -18.86
N LYS G 44 -3.90 33.12 -18.35
CA LYS G 44 -3.62 32.25 -17.24
C LYS G 44 -4.14 30.87 -17.53
N LEU G 45 -3.61 29.86 -16.80
CA LEU G 45 -3.97 28.43 -17.06
C LEU G 45 -5.27 27.95 -16.44
N TRP G 46 -6.29 27.69 -17.25
CA TRP G 46 -7.59 27.28 -16.74
C TRP G 46 -7.90 25.81 -16.46
N ILE G 47 -8.08 25.17 -17.58
CA ILE G 47 -8.17 23.75 -17.57
C ILE G 47 -6.86 23.23 -18.25
N TYR G 48 -6.37 22.08 -17.83
CA TYR G 48 -5.36 21.33 -18.59
C TYR G 48 -5.76 19.83 -18.76
N SER G 49 -5.23 19.12 -19.75
CA SER G 49 -5.53 17.69 -19.83
C SER G 49 -7.07 17.56 -19.96
N THR G 50 -7.62 18.35 -20.84
CA THR G 50 -9.03 18.25 -21.14
C THR G 50 -9.90 18.59 -19.97
N SER G 51 -9.58 18.14 -18.74
CA SER G 51 -10.50 18.43 -17.60
C SER G 51 -9.90 18.57 -16.27
N ASN G 52 -8.70 19.09 -16.21
CA ASN G 52 -8.07 19.32 -14.95
C ASN G 52 -7.92 20.79 -14.67
N LEU G 53 -8.52 21.29 -13.58
CA LEU G 53 -8.43 22.75 -13.24
C LEU G 53 -7.08 23.16 -12.76
N ALA G 54 -6.71 24.38 -13.07
CA ALA G 54 -5.49 24.77 -12.42
C ALA G 54 -5.79 25.50 -11.11
N SER G 55 -5.01 25.12 -10.11
CA SER G 55 -4.96 25.77 -8.83
C SER G 55 -5.42 27.26 -8.84
N GLY G 56 -6.58 27.61 -8.24
CA GLY G 56 -7.20 28.93 -8.44
C GLY G 56 -8.50 29.05 -9.30
N VAL G 57 -8.74 28.10 -10.22
CA VAL G 57 -9.94 28.11 -11.09
C VAL G 57 -11.13 27.69 -10.33
N PRO G 58 -12.18 28.47 -10.30
CA PRO G 58 -13.37 28.05 -9.58
C PRO G 58 -13.93 26.80 -10.15
N ALA G 59 -14.45 25.96 -9.25
CA ALA G 59 -15.04 24.67 -9.55
C ALA G 59 -16.30 24.71 -10.43
N ARG G 60 -16.82 25.94 -10.67
CA ARG G 60 -18.00 26.17 -11.56
C ARG G 60 -17.56 25.86 -12.97
N PHE G 61 -16.28 26.10 -13.20
CA PHE G 61 -15.65 25.92 -14.46
C PHE G 61 -15.25 24.48 -14.61
N ARG G 62 -15.55 23.94 -15.78
CA ARG G 62 -15.22 22.55 -16.02
C ARG G 62 -15.02 22.21 -17.53
N GLY G 63 -14.17 21.24 -17.84
CA GLY G 63 -13.88 21.03 -19.24
C GLY G 63 -14.18 19.65 -19.76
N SER G 64 -15.23 19.47 -20.55
CA SER G 64 -15.46 18.16 -21.17
C SER G 64 -14.55 18.07 -22.41
N GLY G 65 -14.54 16.97 -23.15
CA GLY G 65 -13.79 16.93 -24.41
C GLY G 65 -13.03 15.71 -24.91
N SER G 66 -13.68 15.01 -25.83
CA SER G 66 -13.15 13.78 -26.45
C SER G 66 -12.50 13.87 -27.86
N GLY G 67 -11.19 13.89 -27.94
CA GLY G 67 -10.55 13.68 -29.24
C GLY G 67 -10.49 14.76 -30.33
N THR G 68 -11.56 14.89 -31.11
CA THR G 68 -11.61 15.99 -32.08
C THR G 68 -12.29 17.19 -31.50
N SER G 69 -13.27 16.96 -30.63
CA SER G 69 -14.13 18.02 -30.15
C SER G 69 -14.02 18.18 -28.67
N TYR G 70 -13.71 19.40 -28.23
CA TYR G 70 -13.48 19.73 -26.81
C TYR G 70 -14.31 20.95 -26.45
N SER G 71 -14.59 21.17 -25.16
CA SER G 71 -15.60 22.18 -24.77
C SER G 71 -15.57 22.49 -23.28
N LEU G 72 -15.10 23.72 -22.90
CA LEU G 72 -15.17 24.28 -21.48
C LEU G 72 -16.50 24.92 -20.99
N THR G 73 -17.00 24.47 -19.81
CA THR G 73 -18.30 24.97 -19.22
C THR G 73 -18.31 25.75 -17.93
N ILE G 74 -19.05 26.85 -17.94
CA ILE G 74 -19.31 27.56 -16.70
C ILE G 74 -20.72 27.22 -16.46
N SER G 75 -20.92 26.58 -15.31
CA SER G 75 -22.13 25.88 -14.90
C SER G 75 -23.26 26.86 -14.77
N ARG G 76 -22.92 27.98 -14.09
CA ARG G 76 -23.79 29.09 -13.69
C ARG G 76 -22.78 30.20 -13.63
N MET G 77 -22.81 31.09 -14.61
CA MET G 77 -21.79 32.14 -14.78
C MET G 77 -21.73 33.23 -13.68
N GLU G 78 -20.53 33.63 -13.24
CA GLU G 78 -20.46 34.86 -12.43
C GLU G 78 -19.85 35.99 -13.23
N ALA G 79 -20.06 37.19 -12.74
CA ALA G 79 -19.35 38.38 -13.16
C ALA G 79 -17.92 38.14 -13.52
N GLU G 80 -17.12 37.53 -12.68
CA GLU G 80 -15.71 37.53 -13.06
C GLU G 80 -15.34 36.43 -14.04
N ASP G 81 -16.25 36.04 -14.87
CA ASP G 81 -15.80 35.02 -15.79
C ASP G 81 -15.76 35.68 -17.14
N ALA G 82 -16.06 36.95 -17.16
CA ALA G 82 -15.99 37.66 -18.40
C ALA G 82 -14.51 37.65 -18.74
N ALA G 83 -14.20 37.06 -19.89
CA ALA G 83 -12.83 36.88 -20.34
C ALA G 83 -12.84 36.37 -21.76
N THR G 84 -11.69 36.40 -22.40
CA THR G 84 -11.55 35.60 -23.58
C THR G 84 -10.82 34.41 -23.00
N TYR G 85 -11.15 33.24 -23.54
CA TYR G 85 -10.58 31.97 -23.15
C TYR G 85 -9.93 31.30 -24.38
N TYR G 86 -8.72 30.82 -24.24
CA TYR G 86 -8.05 30.30 -25.41
C TYR G 86 -7.75 28.78 -25.33
N CYS G 87 -8.08 27.99 -26.37
CA CYS G 87 -7.65 26.59 -26.29
C CYS G 87 -6.36 26.32 -27.02
N GLN G 88 -5.37 25.89 -26.24
CA GLN G 88 -4.13 25.26 -26.70
C GLN G 88 -4.39 23.80 -27.17
N GLN G 89 -3.60 23.33 -28.15
CA GLN G 89 -3.42 21.88 -28.37
C GLN G 89 -1.95 21.64 -28.20
N ARG G 90 -1.62 20.57 -27.49
CA ARG G 90 -0.22 20.29 -27.10
C ARG G 90 0.37 19.09 -27.86
N SER G 91 -0.41 18.58 -28.84
CA SER G 91 -0.16 17.36 -29.62
C SER G 91 1.11 17.27 -30.38
N GLY G 92 1.45 18.36 -31.07
CA GLY G 92 2.51 18.34 -32.06
C GLY G 92 3.35 19.56 -31.85
N TYR G 93 4.05 19.94 -32.90
CA TYR G 93 4.60 21.28 -32.98
C TYR G 93 4.21 21.79 -34.35
N PRO G 94 3.74 23.01 -34.33
CA PRO G 94 3.85 23.84 -33.15
C PRO G 94 2.62 23.72 -32.21
N ARG G 95 2.68 24.42 -31.08
CA ARG G 95 1.52 24.61 -30.24
C ARG G 95 0.53 25.58 -30.92
N THR G 96 -0.75 25.35 -30.70
CA THR G 96 -1.70 26.07 -31.51
C THR G 96 -2.88 26.43 -30.68
N PHE G 97 -3.33 27.69 -30.83
CA PHE G 97 -4.55 28.22 -30.19
C PHE G 97 -5.75 28.30 -31.06
N GLY G 98 -6.89 28.50 -30.44
CA GLY G 98 -8.07 28.91 -31.16
C GLY G 98 -8.11 30.44 -31.19
N GLY G 99 -9.18 30.97 -31.82
CA GLY G 99 -9.41 32.42 -31.88
C GLY G 99 -9.75 33.00 -30.52
N GLY G 100 -10.64 32.29 -29.86
CA GLY G 100 -11.03 32.66 -28.53
C GLY G 100 -12.53 32.90 -28.49
N THR G 101 -13.16 32.42 -27.42
CA THR G 101 -14.46 32.90 -27.04
C THR G 101 -14.23 34.00 -26.03
N LYS G 102 -15.00 35.04 -26.28
CA LYS G 102 -14.92 36.32 -25.66
C LYS G 102 -16.18 36.33 -24.89
N LEU G 103 -16.06 35.97 -23.60
CA LEU G 103 -17.18 35.98 -22.70
C LEU G 103 -17.40 37.40 -22.21
N GLU G 104 -18.63 37.87 -22.32
CA GLU G 104 -19.05 39.12 -21.68
C GLU G 104 -20.11 38.93 -20.59
N ILE G 105 -19.85 39.47 -19.40
CA ILE G 105 -20.96 39.51 -18.43
C ILE G 105 -22.13 40.55 -18.68
N LYS G 106 -23.37 40.11 -18.57
CA LYS G 106 -24.49 40.90 -18.99
C LYS G 106 -25.03 41.31 -17.73
N ARG G 107 -24.61 42.47 -17.24
CA ARG G 107 -25.15 43.08 -16.00
C ARG G 107 -26.42 43.98 -16.14
N ALA G 108 -26.53 44.97 -15.28
CA ALA G 108 -27.79 45.68 -15.21
C ALA G 108 -27.66 47.09 -15.78
N ASP G 109 -28.62 47.53 -16.57
CA ASP G 109 -28.44 48.87 -17.03
C ASP G 109 -27.98 49.81 -15.95
N ALA G 110 -26.97 50.58 -16.36
CA ALA G 110 -26.21 51.60 -15.58
C ALA G 110 -26.32 53.02 -16.19
N ALA G 111 -25.89 54.06 -15.48
CA ALA G 111 -25.62 55.33 -16.23
C ALA G 111 -24.23 56.01 -16.30
N PRO G 112 -24.05 56.52 -17.47
CA PRO G 112 -23.02 57.48 -17.78
C PRO G 112 -22.82 58.48 -16.67
N THR G 113 -21.57 58.69 -16.31
CA THR G 113 -21.29 59.73 -15.37
C THR G 113 -20.34 60.70 -16.00
N VAL G 114 -20.90 61.41 -16.96
CA VAL G 114 -20.19 62.45 -17.64
C VAL G 114 -19.65 63.57 -16.73
N SER G 115 -18.39 63.94 -16.95
CA SER G 115 -17.82 65.18 -16.51
C SER G 115 -17.04 65.58 -17.76
N ILE G 116 -16.52 66.83 -17.81
CA ILE G 116 -16.07 67.51 -19.06
C ILE G 116 -15.02 68.55 -18.76
N PHE G 117 -13.87 68.42 -19.40
CA PHE G 117 -12.78 69.27 -19.01
C PHE G 117 -12.14 70.01 -20.17
N PRO G 118 -11.93 71.29 -19.94
CA PRO G 118 -11.31 72.17 -20.92
C PRO G 118 -9.83 72.22 -20.76
N PRO G 119 -9.18 72.60 -21.82
CA PRO G 119 -7.72 72.75 -21.90
C PRO G 119 -6.91 73.40 -20.78
N SER G 120 -5.93 72.61 -20.43
CA SER G 120 -5.10 72.75 -19.29
C SER G 120 -4.20 73.83 -19.64
N SER G 121 -4.43 75.01 -19.07
CA SER G 121 -3.66 76.22 -19.40
C SER G 121 -2.20 75.96 -19.76
N GLU G 122 -1.58 74.93 -19.18
CA GLU G 122 -0.24 74.53 -19.67
C GLU G 122 -0.24 73.84 -21.09
N GLN G 123 -1.26 73.01 -21.37
CA GLN G 123 -1.54 72.55 -22.75
C GLN G 123 -1.71 73.79 -23.62
N LEU G 124 -2.64 74.65 -23.21
CA LEU G 124 -2.80 75.95 -23.86
C LEU G 124 -1.41 76.58 -24.21
N THR G 125 -0.55 76.82 -23.20
CA THR G 125 0.75 77.42 -23.49
C THR G 125 1.19 76.90 -24.90
N SER G 126 1.32 75.59 -25.11
CA SER G 126 1.73 75.05 -26.45
C SER G 126 0.63 74.95 -27.63
N GLY G 127 -0.37 75.85 -27.66
CA GLY G 127 -1.19 75.97 -28.85
C GLY G 127 -2.18 74.84 -29.17
N GLY G 128 -2.13 73.76 -28.39
CA GLY G 128 -3.20 72.77 -28.42
C GLY G 128 -4.30 73.18 -27.43
N ALA G 129 -5.55 72.93 -27.79
CA ALA G 129 -6.62 72.88 -26.78
C ALA G 129 -7.24 71.53 -26.95
N SER G 130 -7.42 70.83 -25.83
CA SER G 130 -8.11 69.55 -25.96
C SER G 130 -9.32 69.41 -25.04
N VAL G 131 -10.41 68.96 -25.61
CA VAL G 131 -11.62 69.05 -24.83
C VAL G 131 -12.11 67.68 -24.51
N VAL G 132 -11.45 67.11 -23.50
CA VAL G 132 -11.81 65.82 -22.95
C VAL G 132 -13.12 65.72 -22.16
N CYS G 133 -13.74 64.58 -22.41
CA CYS G 133 -14.96 64.22 -21.78
C CYS G 133 -14.89 62.79 -21.38
N PHE G 134 -15.49 62.48 -20.25
CA PHE G 134 -15.29 61.23 -19.62
C PHE G 134 -16.70 60.78 -19.52
N LEU G 135 -16.96 59.52 -19.75
CA LEU G 135 -18.34 59.09 -19.69
C LEU G 135 -18.29 57.80 -18.95
N ASN G 136 -18.70 57.81 -17.70
CA ASN G 136 -18.24 56.73 -16.87
C ASN G 136 -19.21 55.86 -16.24
N ASN G 137 -18.84 54.58 -16.37
CA ASN G 137 -19.50 53.37 -15.87
C ASN G 137 -20.93 53.14 -16.28
N PHE G 138 -21.14 52.79 -17.53
CA PHE G 138 -22.49 52.62 -18.03
C PHE G 138 -22.71 51.20 -18.48
N TYR G 139 -23.94 50.86 -18.77
CA TYR G 139 -24.17 49.58 -19.35
C TYR G 139 -25.52 49.62 -20.09
N PRO G 140 -25.75 48.95 -21.23
CA PRO G 140 -24.75 48.32 -22.11
C PRO G 140 -23.63 49.18 -22.63
N LYS G 141 -22.85 48.61 -23.57
CA LYS G 141 -21.63 49.21 -24.16
C LYS G 141 -21.89 50.42 -25.04
N ASP G 142 -23.05 50.44 -25.67
CA ASP G 142 -23.36 51.43 -26.67
C ASP G 142 -23.77 52.83 -26.20
N ILE G 143 -22.97 53.77 -26.70
CA ILE G 143 -22.96 55.20 -26.42
C ILE G 143 -22.61 55.99 -27.67
N ASN G 144 -23.00 57.25 -27.64
CA ASN G 144 -22.81 58.22 -28.71
C ASN G 144 -22.46 59.51 -28.01
N VAL G 145 -21.30 60.02 -28.35
CA VAL G 145 -20.81 61.23 -27.72
C VAL G 145 -20.91 62.34 -28.78
N LYS G 146 -21.65 63.42 -28.49
CA LYS G 146 -21.79 64.49 -29.47
C LYS G 146 -21.01 65.63 -28.96
N TRP G 147 -20.36 66.36 -29.86
CA TRP G 147 -19.65 67.58 -29.53
C TRP G 147 -20.18 68.72 -30.33
N LYS G 148 -20.82 69.68 -29.68
CA LYS G 148 -21.22 70.89 -30.31
C LYS G 148 -20.11 71.86 -29.93
N ILE G 149 -19.67 72.71 -30.87
CA ILE G 149 -19.01 73.96 -30.41
C ILE G 149 -20.02 75.06 -30.10
N ASP G 150 -20.30 76.00 -30.97
CA ASP G 150 -20.97 77.09 -30.32
C ASP G 150 -22.43 76.83 -30.36
N GLY G 151 -22.83 75.74 -31.05
CA GLY G 151 -24.22 75.35 -31.05
C GLY G 151 -24.60 74.28 -32.07
N SER G 152 -23.86 74.30 -33.16
CA SER G 152 -23.89 73.26 -34.17
C SER G 152 -22.74 72.33 -33.81
N GLU G 153 -22.85 71.10 -34.30
CA GLU G 153 -22.01 69.99 -33.86
C GLU G 153 -20.73 69.75 -34.66
N ARG G 154 -19.59 69.67 -33.94
CA ARG G 154 -18.33 69.27 -34.57
C ARG G 154 -18.27 67.78 -34.70
N GLN G 155 -17.65 67.35 -35.80
CA GLN G 155 -17.39 65.94 -36.00
C GLN G 155 -15.95 65.69 -36.07
N ASN G 156 -15.21 66.56 -36.70
CA ASN G 156 -13.78 66.29 -36.85
C ASN G 156 -12.81 66.67 -35.67
N GLY G 157 -11.97 65.73 -35.22
CA GLY G 157 -11.13 65.94 -34.04
C GLY G 157 -11.62 65.23 -32.75
N VAL G 158 -12.82 64.64 -32.84
CA VAL G 158 -13.33 63.71 -31.83
C VAL G 158 -12.48 62.51 -31.97
N LEU G 159 -11.97 62.02 -30.86
CA LEU G 159 -11.46 60.66 -30.84
C LEU G 159 -11.91 60.02 -29.54
N ASN G 160 -12.61 58.92 -29.71
CA ASN G 160 -13.09 58.11 -28.59
C ASN G 160 -12.30 56.80 -28.33
N SER G 161 -12.19 56.42 -27.06
CA SER G 161 -11.72 55.11 -26.62
C SER G 161 -12.90 54.37 -25.91
N TRP G 162 -12.78 53.08 -25.62
CA TRP G 162 -13.69 52.50 -24.61
C TRP G 162 -12.93 51.54 -23.75
N THR G 163 -13.32 51.44 -22.48
CA THR G 163 -12.69 50.52 -21.55
C THR G 163 -13.35 49.15 -21.76
N ASP G 164 -12.78 48.07 -21.20
CA ASP G 164 -13.42 46.74 -21.23
C ASP G 164 -14.23 46.64 -19.96
N GLN G 165 -15.23 45.74 -19.86
CA GLN G 165 -16.09 45.70 -18.63
C GLN G 165 -15.26 45.77 -17.36
N ASP G 166 -15.46 46.75 -16.50
CA ASP G 166 -14.50 46.87 -15.41
C ASP G 166 -14.70 45.71 -14.43
N SER G 167 -13.77 45.52 -13.51
CA SER G 167 -13.76 44.30 -12.70
C SER G 167 -14.51 44.35 -11.34
N LYS G 168 -14.41 45.43 -10.52
CA LYS G 168 -15.27 45.60 -9.30
C LYS G 168 -16.76 45.69 -9.62
N ASP G 169 -17.07 46.03 -10.90
CA ASP G 169 -18.33 46.66 -11.33
C ASP G 169 -18.67 46.50 -12.84
N SER G 170 -18.35 45.39 -13.52
CA SER G 170 -18.91 45.06 -14.84
C SER G 170 -19.14 46.24 -15.84
N THR G 171 -18.39 47.36 -15.69
CA THR G 171 -18.82 48.60 -16.35
C THR G 171 -18.00 49.21 -17.42
N TYR G 172 -18.67 49.43 -18.53
CA TYR G 172 -18.12 50.13 -19.65
C TYR G 172 -17.87 51.60 -19.24
N SER G 173 -16.87 52.28 -19.80
CA SER G 173 -16.74 53.76 -19.69
C SER G 173 -16.08 54.11 -20.94
N MET G 174 -15.83 55.40 -21.19
CA MET G 174 -15.21 55.84 -22.48
C MET G 174 -14.79 57.31 -22.57
N SER G 175 -13.60 57.61 -23.04
CA SER G 175 -13.33 59.01 -23.18
C SER G 175 -13.73 59.49 -24.58
N SER G 176 -14.03 60.79 -24.71
CA SER G 176 -13.90 61.51 -25.94
C SER G 176 -13.07 62.69 -25.60
N THR G 177 -11.96 62.83 -26.30
CA THR G 177 -11.07 63.94 -26.10
C THR G 177 -11.17 64.67 -27.38
N LEU G 178 -11.55 65.95 -27.30
CA LEU G 178 -11.71 66.83 -28.47
C LEU G 178 -10.52 67.76 -28.59
N THR G 179 -9.63 67.41 -29.51
CA THR G 179 -8.40 68.15 -29.68
C THR G 179 -8.60 69.05 -30.86
N LEU G 180 -8.14 70.30 -30.70
CA LEU G 180 -8.20 71.33 -31.73
C LEU G 180 -7.17 72.42 -31.36
N THR G 181 -7.12 73.49 -32.17
CA THR G 181 -6.11 74.57 -32.07
C THR G 181 -6.46 75.63 -31.06
N LYS G 182 -5.45 76.25 -30.43
CA LYS G 182 -5.71 77.37 -29.51
C LYS G 182 -6.50 78.43 -30.24
N ASP G 183 -6.02 78.80 -31.43
CA ASP G 183 -6.62 79.92 -32.14
C ASP G 183 -8.12 79.64 -32.44
N GLU G 184 -8.47 78.34 -32.37
CA GLU G 184 -9.78 77.72 -32.77
C GLU G 184 -10.64 77.58 -31.53
N TYR G 185 -9.94 77.21 -30.47
CA TYR G 185 -10.54 77.14 -29.18
C TYR G 185 -10.81 78.60 -29.04
N GLU G 186 -9.75 79.38 -28.99
CA GLU G 186 -9.92 80.73 -28.51
C GLU G 186 -10.96 81.49 -29.38
N ARG G 187 -11.18 80.98 -30.60
CA ARG G 187 -12.24 81.48 -31.47
C ARG G 187 -13.62 81.32 -30.88
N HIS G 188 -13.86 80.37 -29.98
CA HIS G 188 -15.21 80.26 -29.40
C HIS G 188 -15.24 80.11 -27.90
N ASN G 189 -16.45 80.25 -27.35
CA ASN G 189 -16.65 80.20 -25.92
C ASN G 189 -17.36 78.96 -25.36
N SER G 190 -18.55 78.61 -25.85
CA SER G 190 -19.29 77.40 -25.35
C SER G 190 -18.77 76.05 -25.85
N TYR G 191 -19.02 74.97 -25.14
CA TYR G 191 -18.39 73.68 -25.47
C TYR G 191 -19.13 72.45 -24.86
N THR G 192 -19.85 71.74 -25.72
CA THR G 192 -20.64 70.59 -25.28
C THR G 192 -20.23 69.13 -25.74
N CYS G 193 -20.41 68.21 -24.80
CA CYS G 193 -20.02 66.83 -24.87
C CYS G 193 -21.22 66.11 -24.33
N GLU G 194 -21.90 65.28 -25.10
CA GLU G 194 -23.20 64.86 -24.58
C GLU G 194 -23.75 63.52 -25.05
N ALA G 195 -24.06 62.69 -24.08
CA ALA G 195 -24.03 61.29 -24.32
C ALA G 195 -25.39 60.76 -24.42
N THR G 196 -25.66 59.85 -25.30
CA THR G 196 -27.05 59.45 -25.39
C THR G 196 -27.09 57.96 -25.26
N HIS G 197 -27.69 57.43 -24.19
CA HIS G 197 -27.44 56.01 -23.91
C HIS G 197 -28.65 55.27 -23.41
N LYS G 198 -29.22 54.40 -24.24
CA LYS G 198 -30.26 53.47 -23.79
C LYS G 198 -31.07 53.83 -22.54
N THR G 199 -30.34 54.21 -21.53
CA THR G 199 -30.77 54.54 -20.19
C THR G 199 -31.93 55.59 -20.00
N SER G 200 -31.78 56.78 -20.60
CA SER G 200 -32.77 57.90 -20.52
C SER G 200 -32.87 58.64 -21.86
N THR G 201 -34.09 59.14 -22.21
CA THR G 201 -34.33 59.94 -23.45
C THR G 201 -33.37 61.10 -23.54
N SER G 202 -32.96 61.51 -22.34
CA SER G 202 -32.32 62.79 -22.01
C SER G 202 -30.78 62.86 -22.13
N PRO G 203 -30.23 63.11 -23.30
CA PRO G 203 -28.80 63.32 -23.40
C PRO G 203 -28.23 63.88 -22.09
N ILE G 204 -27.58 63.08 -21.23
CA ILE G 204 -26.87 63.62 -20.07
C ILE G 204 -25.92 64.60 -20.70
N VAL G 205 -26.32 65.87 -20.79
CA VAL G 205 -25.45 66.87 -21.44
C VAL G 205 -24.57 67.55 -20.44
N LYS G 206 -23.32 67.73 -20.77
CA LYS G 206 -22.49 68.54 -19.90
C LYS G 206 -21.70 69.55 -20.66
N SER G 207 -21.61 70.74 -20.08
CA SER G 207 -20.94 71.84 -20.72
C SER G 207 -20.03 72.59 -19.75
N PHE G 208 -19.13 73.36 -20.37
CA PHE G 208 -18.43 74.44 -19.72
C PHE G 208 -18.51 75.55 -20.76
N ASN G 209 -18.34 76.83 -20.35
CA ASN G 209 -18.31 78.06 -21.22
C ASN G 209 -16.95 78.75 -21.20
N ARG G 210 -16.37 79.15 -22.31
CA ARG G 210 -14.93 79.44 -22.24
C ARG G 210 -14.59 80.52 -21.21
N ASN G 211 -15.29 81.65 -21.33
CA ASN G 211 -14.98 82.82 -20.49
C ASN G 211 -15.56 82.67 -19.05
N GLU G 212 -15.08 81.63 -18.36
CA GLU G 212 -15.68 81.07 -17.12
C GLU G 212 -17.17 81.47 -16.71
N CYS G 213 -18.11 81.21 -17.61
CA CYS G 213 -19.53 81.57 -17.43
C CYS G 213 -20.32 80.42 -16.84
N GLU H 1 3.56 32.94 -5.32
CA GLU H 1 4.70 33.88 -5.11
C GLU H 1 5.81 33.56 -6.11
N VAL H 2 5.52 32.67 -7.08
CA VAL H 2 6.41 32.31 -8.20
C VAL H 2 6.30 33.40 -9.27
N LYS H 3 7.41 33.98 -9.73
CA LYS H 3 7.31 35.17 -10.61
C LYS H 3 8.11 35.09 -11.92
N LEU H 4 7.63 35.76 -12.96
CA LEU H 4 8.48 36.04 -14.12
C LEU H 4 8.41 37.51 -14.57
N GLU H 5 9.61 38.01 -14.88
CA GLU H 5 9.84 39.43 -15.15
C GLU H 5 10.39 39.49 -16.52
N GLU H 6 9.61 40.10 -17.37
CA GLU H 6 10.06 40.36 -18.69
C GLU H 6 10.64 41.78 -18.96
N SER H 7 11.90 41.70 -19.40
CA SER H 7 12.75 42.81 -19.69
C SER H 7 13.14 42.58 -21.14
N GLY H 8 13.57 43.65 -21.81
CA GLY H 8 13.92 43.67 -23.24
C GLY H 8 13.09 44.70 -24.00
N GLY H 9 12.21 44.23 -24.88
CA GLY H 9 11.07 45.00 -25.37
C GLY H 9 11.17 46.49 -25.70
N GLY H 10 10.42 46.89 -26.72
CA GLY H 10 10.34 48.27 -27.19
C GLY H 10 10.33 48.41 -28.71
N LEU H 11 10.97 49.50 -29.15
CA LEU H 11 11.11 49.93 -30.54
C LEU H 11 12.30 49.24 -31.20
N VAL H 12 12.04 48.63 -32.37
CA VAL H 12 13.13 48.21 -33.23
C VAL H 12 12.70 48.38 -34.65
N GLN H 13 13.65 48.87 -35.47
CA GLN H 13 13.48 49.12 -36.94
C GLN H 13 13.24 47.84 -37.74
N PRO H 14 12.29 47.80 -38.68
CA PRO H 14 12.16 46.59 -39.48
C PRO H 14 13.56 45.93 -39.64
N GLY H 15 13.67 44.63 -39.84
CA GLY H 15 14.98 44.04 -40.02
C GLY H 15 16.06 44.22 -38.96
N GLY H 16 15.78 44.92 -37.86
CA GLY H 16 16.80 45.09 -36.84
C GLY H 16 16.79 43.92 -35.87
N SER H 17 17.16 44.19 -34.61
CA SER H 17 17.20 43.16 -33.56
C SER H 17 17.23 43.60 -32.08
N MET H 18 16.53 42.83 -31.24
CA MET H 18 16.27 43.11 -29.83
C MET H 18 16.47 41.92 -28.89
N LYS H 19 17.00 42.17 -27.66
CA LYS H 19 17.09 41.12 -26.55
C LYS H 19 16.05 41.05 -25.36
N LEU H 20 15.05 40.18 -25.57
CA LEU H 20 14.00 39.77 -24.61
C LEU H 20 14.51 38.89 -23.47
N SER H 21 14.09 39.31 -22.26
CA SER H 21 14.62 38.80 -20.99
C SER H 21 13.58 38.43 -19.89
N CYS H 22 13.72 37.19 -19.41
CA CYS H 22 12.97 36.63 -18.29
C CYS H 22 13.73 36.09 -17.05
N ALA H 23 13.67 36.87 -15.96
CA ALA H 23 14.12 36.42 -14.65
C ALA H 23 13.01 35.60 -14.00
N ALA H 24 13.40 34.57 -13.27
CA ALA H 24 12.44 33.72 -12.65
C ALA H 24 12.71 33.66 -11.16
N SER H 25 11.66 33.94 -10.38
CA SER H 25 11.77 33.91 -8.92
C SER H 25 11.03 32.68 -8.39
N GLY H 26 11.30 32.36 -7.11
CA GLY H 26 10.55 31.39 -6.32
C GLY H 26 9.93 30.22 -7.05
N PHE H 27 10.74 29.19 -7.28
CA PHE H 27 10.42 27.95 -8.00
C PHE H 27 11.67 27.62 -8.82
N THR H 28 12.38 26.54 -8.47
CA THR H 28 13.43 25.90 -9.31
C THR H 28 13.50 26.37 -10.78
N PHE H 29 14.45 27.23 -11.17
CA PHE H 29 14.44 27.57 -12.60
C PHE H 29 14.73 26.32 -13.38
N SER H 30 15.87 25.74 -12.97
CA SER H 30 16.65 24.72 -13.66
C SER H 30 15.80 23.71 -14.34
N ASP H 31 14.62 23.57 -13.75
CA ASP H 31 13.83 22.38 -13.82
C ASP H 31 12.59 22.64 -14.61
N ALA H 32 12.49 23.82 -15.18
CA ALA H 32 11.28 24.15 -15.87
C ALA H 32 11.45 24.14 -17.34
N TRP H 33 10.42 23.86 -18.10
CA TRP H 33 10.46 24.22 -19.49
C TRP H 33 10.06 25.71 -19.57
N MET H 34 10.75 26.50 -20.42
CA MET H 34 10.23 27.81 -20.86
C MET H 34 9.64 27.80 -22.25
N ASP H 35 8.64 28.65 -22.43
CA ASP H 35 8.11 28.98 -23.75
C ASP H 35 8.18 30.52 -24.00
N TRP H 36 8.05 30.94 -25.27
CA TRP H 36 7.73 32.33 -25.58
C TRP H 36 6.37 32.37 -26.28
N VAL H 37 5.51 33.29 -25.85
CA VAL H 37 4.32 33.52 -26.63
C VAL H 37 4.24 35.02 -26.80
N ARG H 38 3.76 35.38 -27.99
CA ARG H 38 3.48 36.75 -28.36
C ARG H 38 2.05 36.79 -28.77
N GLN H 39 1.47 37.97 -28.57
CA GLN H 39 0.06 38.21 -28.59
C GLN H 39 -0.14 39.47 -29.34
N SER H 40 -0.89 39.37 -30.43
CA SER H 40 -1.33 40.51 -31.23
C SER H 40 -2.79 40.50 -31.06
N PRO H 41 -3.40 41.66 -31.15
CA PRO H 41 -4.85 41.73 -31.54
C PRO H 41 -5.19 41.04 -32.92
N GLU H 42 -4.13 40.62 -33.62
CA GLU H 42 -4.22 40.24 -35.03
C GLU H 42 -4.41 38.76 -35.11
N LYS H 43 -3.31 38.01 -34.94
CA LYS H 43 -3.34 36.55 -34.76
C LYS H 43 -3.84 36.23 -33.38
N GLY H 44 -3.12 36.80 -32.42
CA GLY H 44 -3.59 36.83 -31.04
C GLY H 44 -2.59 36.09 -30.21
N LEU H 45 -3.05 34.96 -29.64
CA LEU H 45 -2.16 34.04 -28.97
C LEU H 45 -1.50 33.15 -30.05
N GLU H 46 -0.17 33.15 -29.99
CA GLU H 46 0.72 32.55 -30.98
C GLU H 46 2.05 32.09 -30.30
N TRP H 47 2.32 30.77 -30.35
CA TRP H 47 3.42 30.25 -29.56
C TRP H 47 4.47 30.52 -30.50
N VAL H 48 5.64 30.76 -29.94
CA VAL H 48 6.86 31.04 -30.69
C VAL H 48 7.91 29.84 -30.72
N ALA H 49 8.38 29.52 -29.52
CA ALA H 49 9.57 28.75 -29.27
C ALA H 49 9.37 28.21 -27.87
N GLU H 50 9.75 26.96 -27.65
CA GLU H 50 9.81 26.40 -26.29
C GLU H 50 11.27 26.04 -26.06
N ILE H 51 11.63 25.75 -24.81
CA ILE H 51 12.98 25.34 -24.49
C ILE H 51 13.07 24.41 -23.25
N ARG H 52 13.08 23.11 -23.50
CA ARG H 52 13.08 22.16 -22.40
C ARG H 52 14.16 22.50 -21.34
N SER H 53 13.97 21.98 -20.13
CA SER H 53 14.98 21.95 -19.08
C SER H 53 16.11 20.96 -19.42
N LYS H 54 17.27 21.11 -18.74
CA LYS H 54 18.46 20.22 -18.95
C LYS H 54 18.02 18.80 -19.10
N VAL H 55 17.56 18.26 -17.99
CA VAL H 55 17.07 16.94 -17.87
C VAL H 55 16.12 16.43 -18.96
N ASN H 56 15.68 17.30 -19.86
CA ASN H 56 14.88 16.83 -21.03
C ASN H 56 15.61 17.05 -22.29
N ASN H 57 16.62 17.87 -22.09
CA ASN H 57 17.81 17.97 -22.88
C ASN H 57 17.84 19.31 -23.52
N HIS H 58 17.54 20.28 -22.70
CA HIS H 58 17.55 21.64 -23.16
C HIS H 58 17.04 21.83 -24.61
N ALA H 59 16.33 20.85 -25.15
CA ALA H 59 15.65 20.98 -26.41
C ALA H 59 15.14 22.38 -26.63
N ILE H 60 15.20 22.78 -27.90
CA ILE H 60 14.48 23.93 -28.40
C ILE H 60 13.37 23.56 -29.41
N HIS H 61 12.33 24.36 -29.46
CA HIS H 61 11.40 24.31 -30.59
C HIS H 61 11.04 25.76 -31.02
N TYR H 62 10.65 25.94 -32.30
CA TYR H 62 10.13 27.21 -32.81
C TYR H 62 8.92 26.94 -33.75
N ALA H 63 8.05 27.95 -33.98
CA ALA H 63 7.01 27.88 -35.05
C ALA H 63 7.77 28.32 -36.24
N GLU H 64 7.37 27.94 -37.45
CA GLU H 64 8.21 28.32 -38.64
C GLU H 64 8.52 29.86 -38.77
N SER H 65 7.49 30.72 -38.81
CA SER H 65 7.68 32.16 -38.89
C SER H 65 8.87 32.72 -38.14
N VAL H 66 9.59 31.92 -37.37
CA VAL H 66 10.84 32.35 -36.71
C VAL H 66 12.06 31.42 -36.80
N LYS H 67 11.89 30.28 -37.47
CA LYS H 67 12.99 29.36 -37.84
C LYS H 67 14.23 30.05 -38.50
N GLY H 68 15.34 30.08 -37.77
CA GLY H 68 16.53 30.80 -38.19
C GLY H 68 16.66 32.27 -37.71
N ARG H 69 15.51 32.89 -37.39
CA ARG H 69 15.46 34.32 -37.03
C ARG H 69 15.58 34.68 -35.52
N PHE H 70 14.71 34.13 -34.67
CA PHE H 70 14.92 34.27 -33.23
C PHE H 70 15.58 32.99 -32.69
N THR H 71 16.41 33.16 -31.68
CA THR H 71 17.03 31.99 -31.10
C THR H 71 16.91 32.04 -29.59
N VAL H 72 16.12 31.08 -29.09
CA VAL H 72 15.71 30.98 -27.67
C VAL H 72 16.79 30.29 -26.82
N SER H 73 17.01 30.82 -25.61
CA SER H 73 18.20 30.50 -24.86
C SER H 73 18.04 30.72 -23.34
N ARG H 74 18.83 30.02 -22.53
CA ARG H 74 18.75 30.14 -21.07
C ARG H 74 20.09 29.99 -20.30
N ASP H 75 20.11 30.48 -19.08
CA ASP H 75 21.30 30.32 -18.28
C ASP H 75 20.67 30.13 -16.91
N ASP H 76 20.79 28.89 -16.44
CA ASP H 76 19.99 28.31 -15.37
C ASP H 76 20.29 28.78 -13.93
N SER H 77 21.50 29.34 -13.69
CA SER H 77 21.92 29.73 -12.32
C SER H 77 21.41 31.11 -11.90
N LYS H 78 21.06 31.92 -12.93
CA LYS H 78 20.44 33.27 -12.83
C LYS H 78 18.95 33.09 -13.08
N SER H 79 18.62 31.84 -13.44
CA SER H 79 17.27 31.32 -13.64
C SER H 79 16.47 32.13 -14.68
N SER H 80 17.15 32.70 -15.68
CA SER H 80 16.49 33.64 -16.55
C SER H 80 16.40 33.06 -17.94
N VAL H 81 15.34 33.35 -18.67
CA VAL H 81 15.20 32.75 -20.01
C VAL H 81 14.93 33.77 -21.09
N TYR H 82 15.42 33.50 -22.30
CA TYR H 82 15.50 34.52 -23.35
C TYR H 82 15.15 34.13 -24.73
N LEU H 83 14.35 34.97 -25.38
CA LEU H 83 14.22 34.93 -26.82
C LEU H 83 15.25 35.89 -27.30
N GLN H 84 15.89 35.57 -28.42
CA GLN H 84 16.81 36.51 -29.10
C GLN H 84 16.48 36.64 -30.57
N MET H 85 15.70 37.68 -30.84
CA MET H 85 15.01 37.81 -32.12
C MET H 85 15.82 38.64 -33.17
N ASN H 86 16.06 38.02 -34.33
CA ASN H 86 16.95 38.65 -35.32
C ASN H 86 16.34 38.74 -36.70
N SER H 87 16.79 39.76 -37.44
CA SER H 87 15.97 40.28 -38.51
C SER H 87 14.52 40.37 -38.04
N LEU H 88 14.11 41.54 -37.58
CA LEU H 88 12.72 41.72 -37.17
C LEU H 88 11.69 42.08 -38.29
N ARG H 89 10.42 41.84 -38.10
CA ARG H 89 9.51 42.20 -39.17
C ARG H 89 8.79 43.43 -38.67
N ALA H 90 7.63 43.73 -39.28
CA ALA H 90 6.61 44.55 -38.62
C ALA H 90 5.74 43.58 -37.90
N GLU H 91 5.10 42.68 -38.64
CA GLU H 91 4.16 41.69 -38.08
C GLU H 91 4.74 40.85 -36.87
N ASP H 92 5.99 41.15 -36.53
CA ASP H 92 6.58 40.79 -35.25
C ASP H 92 6.19 41.71 -34.05
N THR H 93 5.46 42.79 -34.34
CA THR H 93 4.92 43.68 -33.33
C THR H 93 3.86 42.87 -32.65
N GLY H 94 4.01 42.89 -31.32
CA GLY H 94 3.07 42.26 -30.39
C GLY H 94 3.64 42.06 -28.97
N ILE H 95 2.90 41.37 -28.10
CA ILE H 95 3.40 41.13 -26.77
C ILE H 95 4.17 39.79 -26.65
N TYR H 96 5.32 39.82 -26.03
CA TYR H 96 6.03 38.59 -25.88
C TYR H 96 6.00 38.35 -24.41
N TYR H 97 5.29 37.28 -24.08
CA TYR H 97 5.29 36.69 -22.77
C TYR H 97 6.29 35.62 -22.83
N CYS H 98 7.13 35.68 -21.83
CA CYS H 98 7.91 34.59 -21.34
C CYS H 98 6.93 33.72 -20.56
N SER H 99 7.02 32.39 -20.68
CA SER H 99 6.09 31.48 -19.97
C SER H 99 6.61 30.18 -19.30
N GLY H 100 6.07 29.93 -18.11
CA GLY H 100 6.49 28.82 -17.26
C GLY H 100 5.77 27.47 -17.22
N TRP H 101 6.59 26.43 -17.10
CA TRP H 101 6.17 25.06 -16.84
C TRP H 101 5.12 24.71 -17.79
N SER H 102 5.46 24.78 -19.05
CA SER H 102 4.53 24.43 -20.10
C SER H 102 3.27 25.23 -19.87
N PHE H 103 3.48 26.54 -19.79
CA PHE H 103 2.40 27.48 -19.80
C PHE H 103 1.72 27.55 -18.42
N LEU H 104 2.42 27.13 -17.36
CA LEU H 104 1.83 27.24 -16.03
C LEU H 104 2.13 28.58 -15.42
N TYR H 105 3.27 29.09 -15.81
CA TYR H 105 3.55 30.39 -15.30
C TYR H 105 3.57 31.30 -16.48
N TRP H 106 3.21 32.55 -16.25
CA TRP H 106 3.24 33.53 -17.31
C TRP H 106 3.68 34.79 -16.67
N GLY H 107 4.58 35.55 -17.29
CA GLY H 107 5.02 36.84 -16.79
C GLY H 107 3.98 37.76 -17.33
N GLN H 108 4.30 39.00 -17.65
CA GLN H 108 3.21 39.97 -17.91
C GLN H 108 3.23 40.56 -19.33
N GLY H 109 4.32 40.21 -19.99
CA GLY H 109 4.59 40.56 -21.37
C GLY H 109 5.48 41.78 -21.38
N THR H 110 6.37 41.85 -22.40
CA THR H 110 6.81 43.14 -22.93
C THR H 110 6.28 43.39 -24.28
N LEU H 111 6.32 44.67 -24.60
CA LEU H 111 5.83 45.23 -25.80
C LEU H 111 6.91 45.24 -26.84
N VAL H 112 6.83 44.44 -27.88
CA VAL H 112 7.77 44.67 -28.96
C VAL H 112 7.04 45.16 -30.20
N THR H 113 7.48 46.40 -30.56
CA THR H 113 6.99 47.25 -31.66
C THR H 113 8.06 47.59 -32.62
N VAL H 114 7.97 46.84 -33.71
CA VAL H 114 8.70 47.06 -34.95
C VAL H 114 7.97 48.07 -35.90
N SER H 115 8.70 49.18 -36.19
CA SER H 115 8.27 50.34 -37.04
C SER H 115 9.44 51.39 -37.05
N ALA H 116 9.69 51.93 -38.25
CA ALA H 116 10.60 53.08 -38.44
C ALA H 116 10.49 54.22 -37.41
N ALA H 117 9.25 54.54 -37.04
CA ALA H 117 8.91 55.71 -36.23
C ALA H 117 9.95 56.21 -35.17
N LYS H 118 9.91 57.50 -34.89
CA LYS H 118 10.77 58.05 -33.86
C LYS H 118 10.13 57.82 -32.48
N THR H 119 10.96 57.50 -31.51
CA THR H 119 10.51 57.61 -30.14
C THR H 119 10.12 59.07 -29.78
N THR H 120 8.84 59.34 -30.03
CA THR H 120 8.17 60.55 -29.54
C THR H 120 7.59 60.40 -28.10
N PRO H 121 8.08 61.24 -27.17
CA PRO H 121 7.55 61.29 -25.82
C PRO H 121 6.09 61.76 -25.87
N PRO H 122 5.40 61.81 -24.72
CA PRO H 122 4.08 62.38 -24.65
C PRO H 122 4.24 63.71 -23.97
N SER H 123 3.10 64.33 -23.79
CA SER H 123 2.94 65.57 -23.08
C SER H 123 1.71 65.36 -22.18
N VAL H 124 1.87 65.67 -20.89
CA VAL H 124 0.88 65.27 -19.91
C VAL H 124 0.14 66.45 -19.37
N TYR H 125 -1.17 66.39 -19.40
CA TYR H 125 -2.00 67.54 -19.00
C TYR H 125 -3.04 67.20 -17.97
N PRO H 126 -3.01 67.96 -16.88
CA PRO H 126 -3.92 67.74 -15.76
C PRO H 126 -5.25 68.19 -16.24
N LEU H 127 -6.28 67.36 -16.14
CA LEU H 127 -7.63 67.76 -16.40
C LEU H 127 -8.28 67.89 -15.07
N ALA H 128 -8.11 69.05 -14.44
CA ALA H 128 -8.82 69.44 -13.23
C ALA H 128 -10.18 69.84 -13.74
N PRO H 129 -11.17 70.05 -12.88
CA PRO H 129 -12.55 70.32 -13.35
C PRO H 129 -12.64 71.77 -13.75
N GLY H 130 -13.67 72.17 -14.49
CA GLY H 130 -13.82 73.56 -14.98
C GLY H 130 -13.67 74.74 -14.00
N SER H 131 -13.22 75.92 -14.50
CA SER H 131 -12.86 77.11 -13.66
C SER H 131 -14.02 77.52 -12.72
N ALA H 132 -15.26 77.29 -13.20
CA ALA H 132 -16.51 77.26 -12.37
C ALA H 132 -17.26 75.88 -12.41
N ALA H 133 -16.47 74.82 -12.47
CA ALA H 133 -16.97 73.49 -12.31
C ALA H 133 -18.08 73.56 -11.26
N GLN H 134 -19.12 72.78 -11.48
CA GLN H 134 -19.90 72.31 -10.35
C GLN H 134 -19.30 70.92 -9.85
N THR H 135 -18.85 70.97 -8.57
CA THR H 135 -18.35 69.82 -7.76
C THR H 135 -19.35 69.57 -6.61
N ASN H 136 -19.53 68.28 -6.24
CA ASN H 136 -20.81 67.79 -5.61
C ASN H 136 -20.73 66.70 -4.56
N SER H 137 -20.63 65.48 -5.03
CA SER H 137 -20.47 64.42 -4.10
C SER H 137 -19.12 63.77 -4.37
N MET H 138 -18.98 63.15 -5.54
CA MET H 138 -17.71 62.67 -6.08
C MET H 138 -17.11 63.74 -6.92
N VAL H 139 -15.78 63.88 -6.99
CA VAL H 139 -15.25 64.64 -8.15
C VAL H 139 -14.62 63.71 -9.23
N THR H 140 -14.86 63.98 -10.51
CA THR H 140 -13.91 63.37 -11.45
C THR H 140 -12.67 64.26 -11.71
N LEU H 141 -11.49 63.62 -11.59
CA LEU H 141 -10.21 64.15 -12.07
C LEU H 141 -9.70 63.40 -13.34
N GLY H 142 -8.47 63.66 -13.79
CA GLY H 142 -7.98 63.00 -14.98
C GLY H 142 -6.66 63.57 -15.43
N CYS H 143 -5.94 62.81 -16.30
CA CYS H 143 -4.79 63.28 -17.09
C CYS H 143 -4.95 63.15 -18.55
N LEU H 144 -4.28 64.01 -19.27
CA LEU H 144 -4.13 63.78 -20.68
C LEU H 144 -2.70 63.59 -20.86
N VAL H 145 -2.34 62.41 -21.36
CA VAL H 145 -0.96 62.16 -21.81
C VAL H 145 -0.88 62.14 -23.38
N LYS H 146 -0.23 63.16 -23.97
CA LYS H 146 -0.55 63.46 -25.35
C LYS H 146 0.56 63.28 -26.38
N GLY H 147 0.22 62.64 -27.52
CA GLY H 147 1.09 62.52 -28.68
C GLY H 147 2.46 61.88 -28.45
N TYR H 148 2.44 60.56 -28.28
CA TYR H 148 3.63 59.83 -27.80
C TYR H 148 3.88 58.65 -28.71
N PHE H 149 5.08 58.06 -28.65
CA PHE H 149 5.40 56.83 -29.38
C PHE H 149 6.74 56.32 -28.82
N PRO H 150 6.82 55.02 -28.56
CA PRO H 150 5.72 54.04 -28.78
C PRO H 150 4.84 53.72 -27.52
N GLU H 151 3.76 52.92 -27.63
CA GLU H 151 3.04 52.41 -26.44
C GLU H 151 3.93 51.31 -26.00
N PRO H 152 4.18 51.13 -24.69
CA PRO H 152 3.27 51.52 -23.61
C PRO H 152 3.61 52.75 -22.80
N VAL H 153 2.55 53.49 -22.50
CA VAL H 153 2.63 54.31 -21.33
C VAL H 153 1.87 53.70 -20.10
N THR H 154 2.48 53.85 -18.93
CA THR H 154 1.83 53.50 -17.66
C THR H 154 1.26 54.73 -16.80
N VAL H 155 -0.04 54.83 -16.55
CA VAL H 155 -0.49 55.86 -15.57
C VAL H 155 -0.92 55.39 -14.15
N THR H 156 -0.11 55.60 -13.13
CA THR H 156 -0.66 55.22 -11.85
C THR H 156 -1.10 56.53 -11.22
N TRP H 157 -2.10 56.53 -10.31
CA TRP H 157 -2.49 57.75 -9.57
C TRP H 157 -2.02 57.76 -8.12
N ASN H 158 -1.59 58.90 -7.66
CA ASN H 158 -1.23 58.94 -6.28
C ASN H 158 -0.22 57.85 -5.96
N SER H 159 0.78 57.82 -6.84
CA SER H 159 1.73 56.70 -6.98
C SER H 159 1.10 55.43 -6.47
N GLY H 160 0.08 55.01 -7.19
CA GLY H 160 -0.71 53.86 -6.81
C GLY H 160 -1.24 53.84 -5.38
N SER H 161 -1.83 54.89 -4.86
CA SER H 161 -2.59 54.62 -3.66
C SER H 161 -4.04 54.85 -3.96
N LEU H 162 -4.28 55.82 -4.84
CA LEU H 162 -5.57 55.96 -5.48
C LEU H 162 -5.64 54.98 -6.67
N SER H 163 -6.42 53.94 -6.45
CA SER H 163 -6.39 52.74 -7.26
C SER H 163 -7.77 52.66 -7.73
N SER H 164 -8.64 53.24 -6.93
CA SER H 164 -10.04 52.90 -6.97
C SER H 164 -10.86 53.95 -7.67
N GLY H 165 -11.61 53.53 -8.70
CA GLY H 165 -12.43 54.44 -9.47
C GLY H 165 -11.50 55.30 -10.32
N VAL H 166 -10.34 54.74 -10.59
CA VAL H 166 -9.57 55.13 -11.77
C VAL H 166 -10.04 54.35 -13.00
N HIS H 167 -9.53 54.74 -14.16
CA HIS H 167 -10.05 54.32 -15.41
C HIS H 167 -9.04 54.80 -16.43
N THR H 168 -8.04 54.00 -16.72
CA THR H 168 -7.15 54.50 -17.73
C THR H 168 -7.61 53.93 -19.00
N PHE H 169 -7.55 54.68 -20.11
CA PHE H 169 -8.23 54.26 -21.34
C PHE H 169 -7.27 53.58 -22.30
N PRO H 170 -7.80 52.78 -23.23
CA PRO H 170 -7.00 52.26 -24.33
C PRO H 170 -6.39 53.39 -25.17
N ALA H 171 -5.08 53.31 -25.47
CA ALA H 171 -4.39 54.25 -26.38
C ALA H 171 -5.17 54.47 -27.67
N VAL H 172 -5.20 55.73 -28.13
CA VAL H 172 -5.56 55.97 -29.53
C VAL H 172 -4.40 56.46 -30.35
N LEU H 173 -4.57 56.24 -31.67
CA LEU H 173 -3.59 56.51 -32.76
C LEU H 173 -4.05 57.61 -33.70
N GLN H 174 -3.20 58.60 -33.86
CA GLN H 174 -3.48 59.68 -34.79
C GLN H 174 -2.46 59.70 -35.97
N SER H 175 -1.65 60.68 -35.83
CA SER H 175 -0.60 60.97 -36.67
C SER H 175 0.49 59.93 -36.45
N ASP H 176 0.19 58.63 -36.64
CA ASP H 176 1.03 57.57 -35.99
C ASP H 176 1.75 58.15 -34.71
N LEU H 177 0.90 58.83 -33.93
CA LEU H 177 1.10 59.27 -32.55
C LEU H 177 -0.14 58.93 -31.69
N TYR H 178 0.18 58.41 -30.49
CA TYR H 178 -0.73 57.83 -29.50
C TYR H 178 -1.10 58.89 -28.57
N THR H 179 -2.29 58.77 -28.02
CA THR H 179 -2.67 59.65 -26.95
C THR H 179 -3.73 58.90 -26.13
N LEU H 180 -3.83 59.28 -24.83
CA LEU H 180 -4.41 58.49 -23.73
C LEU H 180 -4.86 59.36 -22.57
N SER H 181 -6.08 59.07 -22.13
CA SER H 181 -6.73 59.76 -21.00
C SER H 181 -6.92 58.84 -19.78
N SER H 182 -6.58 59.34 -18.59
CA SER H 182 -6.93 58.58 -17.41
C SER H 182 -7.76 59.47 -16.49
N SER H 183 -8.94 59.02 -16.11
CA SER H 183 -9.77 59.79 -15.23
C SER H 183 -9.86 59.04 -13.92
N VAL H 184 -9.69 59.74 -12.81
CA VAL H 184 -9.95 59.18 -11.49
C VAL H 184 -11.01 59.91 -10.60
N THR H 185 -11.98 59.15 -10.11
CA THR H 185 -13.08 59.74 -9.35
C THR H 185 -13.07 59.50 -7.84
N VAL H 186 -13.21 60.56 -7.06
CA VAL H 186 -12.98 60.49 -5.63
C VAL H 186 -14.00 61.33 -4.94
N PRO H 187 -14.16 61.15 -3.65
CA PRO H 187 -15.23 61.82 -2.90
C PRO H 187 -14.93 63.30 -2.64
N SER H 188 -15.88 64.15 -2.97
CA SER H 188 -15.50 65.53 -3.05
C SER H 188 -14.77 66.04 -1.81
N SER H 189 -14.94 65.37 -0.69
CA SER H 189 -14.35 65.86 0.53
C SER H 189 -12.86 65.85 0.42
N THR H 190 -12.38 64.98 -0.47
CA THR H 190 -11.01 64.41 -0.41
C THR H 190 -9.93 65.07 -1.26
N TRP H 191 -10.40 65.79 -2.30
CA TRP H 191 -9.63 66.71 -3.14
C TRP H 191 -10.42 67.98 -3.21
N PRO H 192 -9.81 69.16 -3.12
CA PRO H 192 -8.39 69.39 -2.99
C PRO H 192 -7.86 69.39 -1.59
N SER H 193 -8.67 68.99 -0.63
CA SER H 193 -8.25 68.75 0.73
C SER H 193 -6.88 68.16 0.64
N GLU H 194 -6.87 66.95 0.10
CA GLU H 194 -5.65 66.20 0.08
C GLU H 194 -5.09 66.41 -1.28
N THR H 195 -3.89 65.87 -1.54
CA THR H 195 -3.41 65.93 -2.90
C THR H 195 -3.77 64.69 -3.73
N VAL H 196 -3.72 64.84 -5.04
CA VAL H 196 -4.10 63.77 -5.96
C VAL H 196 -3.36 64.01 -7.30
N THR H 197 -2.50 63.09 -7.66
CA THR H 197 -1.50 63.37 -8.63
C THR H 197 -1.37 62.17 -9.52
N CYS H 198 -1.80 62.31 -10.77
CA CYS H 198 -1.45 61.31 -11.76
C CYS H 198 0.05 61.33 -12.08
N ASN H 199 0.62 60.14 -12.18
CA ASN H 199 2.01 59.96 -12.53
C ASN H 199 2.15 59.01 -13.71
N VAL H 200 2.66 59.52 -14.83
CA VAL H 200 2.93 58.65 -15.96
C VAL H 200 4.36 58.60 -16.28
N ALA H 201 4.72 57.45 -16.85
CA ALA H 201 6.04 57.20 -17.47
C ALA H 201 6.00 56.35 -18.76
N HIS H 202 7.13 56.47 -19.47
CA HIS H 202 7.43 56.13 -20.86
C HIS H 202 8.95 56.02 -20.58
N PRO H 203 9.66 54.92 -20.95
CA PRO H 203 10.13 54.49 -22.30
C PRO H 203 10.68 55.45 -23.47
N ALA H 204 11.06 56.66 -23.05
CA ALA H 204 11.30 57.89 -23.80
C ALA H 204 11.83 58.73 -22.67
N SER H 205 12.25 58.02 -21.60
CA SER H 205 12.75 58.59 -20.33
C SER H 205 11.77 59.47 -19.50
N SER H 206 10.51 59.53 -19.94
CA SER H 206 9.54 60.39 -19.28
C SER H 206 8.92 59.67 -18.11
N THR H 207 8.91 60.43 -17.03
CA THR H 207 8.25 60.06 -15.78
C THR H 207 7.54 61.35 -15.45
N LYS H 208 6.26 61.33 -15.29
CA LYS H 208 5.70 62.62 -14.96
C LYS H 208 4.81 62.46 -13.74
N VAL H 209 5.35 62.83 -12.61
CA VAL H 209 4.56 62.87 -11.42
C VAL H 209 3.82 64.24 -11.54
N ASP H 210 2.64 64.23 -12.20
CA ASP H 210 1.86 65.47 -12.51
C ASP H 210 0.66 65.57 -11.55
N LYS H 211 0.47 66.74 -10.90
CA LYS H 211 -0.51 66.97 -9.80
C LYS H 211 -1.85 67.58 -10.27
N LYS H 212 -3.01 66.86 -10.24
CA LYS H 212 -4.30 67.53 -10.54
C LYS H 212 -4.60 68.54 -9.45
N ILE H 213 -4.66 69.81 -9.84
CA ILE H 213 -4.75 70.96 -8.96
C ILE H 213 -5.97 71.71 -9.34
N VAL H 214 -6.20 72.78 -8.62
CA VAL H 214 -7.44 73.48 -8.71
C VAL H 214 -7.29 74.75 -9.58
N PRO H 215 -8.25 75.01 -10.49
CA PRO H 215 -8.07 76.00 -11.59
C PRO H 215 -8.45 77.51 -11.35
N ARG H 216 -7.61 78.46 -11.80
CA ARG H 216 -7.66 79.89 -11.37
C ARG H 216 -8.78 80.85 -11.86
N ASP H 217 -9.39 81.50 -10.86
CA ASP H 217 -10.59 82.39 -10.97
C ASP H 217 -11.89 81.63 -11.21
N CYS I 7 -28.84 91.68 24.08
CA CYS I 7 -28.97 91.04 22.71
C CYS I 7 -28.73 91.95 21.45
N ASP I 8 -27.55 91.78 20.85
CA ASP I 8 -26.98 92.68 19.84
C ASP I 8 -27.34 92.40 18.36
N LEU I 9 -27.46 93.49 17.59
CA LEU I 9 -27.19 93.47 16.15
C LEU I 9 -25.94 94.34 15.95
N ARG I 10 -25.35 94.75 17.09
CA ARG I 10 -23.99 95.28 17.17
C ARG I 10 -23.08 94.40 16.31
N VAL I 11 -23.39 93.11 16.36
CA VAL I 11 -22.70 91.97 15.73
C VAL I 11 -22.34 92.08 14.22
N LEU I 12 -23.24 91.71 13.29
CA LEU I 12 -22.92 91.80 11.85
C LEU I 12 -22.25 93.13 11.56
N SER I 13 -22.87 94.22 12.01
CA SER I 13 -22.31 95.51 11.74
C SER I 13 -20.88 95.45 12.25
N LYS I 14 -20.66 95.09 13.51
CA LYS I 14 -19.30 94.98 14.04
C LYS I 14 -18.38 94.01 13.27
N LEU I 15 -18.89 92.87 12.78
CA LEU I 15 -18.06 91.85 12.06
C LEU I 15 -17.41 92.43 10.83
N LEU I 16 -18.29 92.80 9.94
CA LEU I 16 -17.96 93.51 8.76
C LEU I 16 -16.74 94.34 8.98
N ARG I 17 -16.85 95.39 9.80
CA ARG I 17 -15.74 96.35 9.88
C ARG I 17 -14.51 95.73 10.48
N ASP I 18 -14.71 94.89 11.49
CA ASP I 18 -13.61 94.15 12.04
C ASP I 18 -12.89 93.36 10.93
N SER I 19 -13.68 92.78 10.05
CA SER I 19 -13.14 92.07 8.92
C SER I 19 -12.30 92.98 8.03
N HIS I 20 -12.94 94.00 7.43
CA HIS I 20 -12.28 95.05 6.64
C HIS I 20 -10.98 95.57 7.27
N VAL I 21 -10.99 95.84 8.57
CA VAL I 21 -9.76 96.13 9.27
C VAL I 21 -8.76 95.04 9.04
N LEU I 22 -9.18 93.80 9.12
CA LEU I 22 -8.19 92.80 8.88
C LEU I 22 -7.66 93.06 7.49
N HIS I 23 -8.46 92.78 6.44
CA HIS I 23 -8.02 93.08 5.05
C HIS I 23 -7.03 94.27 4.95
N SER I 24 -7.39 95.44 5.48
CA SER I 24 -6.47 96.57 5.31
C SER I 24 -5.11 96.17 5.83
N ARG I 25 -5.00 95.75 7.09
CA ARG I 25 -3.67 95.50 7.66
C ARG I 25 -2.79 94.63 6.80
N LEU I 26 -3.37 93.97 5.82
CA LEU I 26 -2.58 93.14 4.95
C LEU I 26 -1.85 93.94 3.92
N SER I 27 -2.58 94.81 3.22
CA SER I 27 -1.97 95.73 2.25
C SER I 27 -0.50 96.04 2.57
N GLN I 28 -0.15 96.22 3.86
CA GLN I 28 1.27 96.45 4.25
C GLN I 28 1.90 95.52 5.33
N CYS I 29 2.02 94.24 4.98
CA CYS I 29 2.93 93.33 5.66
C CYS I 29 4.09 93.33 4.70
N PRO I 30 5.27 92.89 5.13
CA PRO I 30 6.34 92.49 4.20
C PRO I 30 5.87 91.89 2.83
N GLU I 31 6.83 91.28 2.11
CA GLU I 31 6.61 90.64 0.77
C GLU I 31 5.33 89.77 0.77
N VAL I 32 4.23 90.36 0.28
CA VAL I 32 2.95 89.66 0.21
C VAL I 32 2.68 89.20 -1.22
N HIS I 33 2.36 87.90 -1.33
CA HIS I 33 2.28 87.19 -2.63
C HIS I 33 1.09 86.19 -2.72
N PRO I 34 0.81 85.63 -3.89
CA PRO I 34 -0.30 84.69 -4.02
C PRO I 34 -0.17 83.39 -3.16
N LEU I 35 -0.84 82.34 -3.62
CA LEU I 35 -0.80 81.05 -2.95
C LEU I 35 -0.14 79.96 -3.85
N PRO I 36 0.68 79.08 -3.24
CA PRO I 36 1.11 77.88 -3.96
C PRO I 36 -0.16 77.33 -4.58
N THR I 37 -1.05 76.88 -3.70
CA THR I 37 -2.21 76.13 -4.12
C THR I 37 -3.45 76.94 -3.93
N PRO I 38 -4.19 77.05 -5.02
CA PRO I 38 -5.54 77.56 -4.97
C PRO I 38 -6.26 77.07 -3.72
N VAL I 39 -7.01 78.00 -3.16
CA VAL I 39 -7.90 77.73 -2.07
C VAL I 39 -9.28 77.93 -2.72
N LEU I 40 -10.23 77.16 -2.26
CA LEU I 40 -11.60 77.35 -2.65
C LEU I 40 -12.24 78.12 -1.54
N LEU I 41 -12.82 79.28 -1.89
CA LEU I 41 -13.71 80.02 -1.01
C LEU I 41 -15.03 80.13 -1.70
N PRO I 42 -16.08 80.47 -0.92
CA PRO I 42 -17.48 80.34 -1.37
C PRO I 42 -17.66 81.31 -2.46
N ALA I 43 -18.04 80.88 -3.66
CA ALA I 43 -18.04 81.81 -4.79
C ALA I 43 -18.60 83.22 -4.45
N VAL I 44 -18.45 84.16 -5.38
CA VAL I 44 -19.12 85.43 -5.24
C VAL I 44 -20.42 85.33 -6.05
N ASP I 45 -21.38 84.55 -5.54
CA ASP I 45 -22.73 84.53 -6.12
C ASP I 45 -23.11 85.98 -6.43
N PHE I 46 -23.88 86.24 -7.50
CA PHE I 46 -24.32 87.64 -7.71
C PHE I 46 -25.81 88.14 -7.49
N SER I 47 -26.75 87.80 -8.37
CA SER I 47 -28.17 88.15 -8.11
C SER I 47 -28.80 87.17 -7.10
N LEU I 48 -29.09 87.60 -5.86
CA LEU I 48 -29.77 86.70 -4.90
C LEU I 48 -31.29 86.59 -5.15
N GLY I 49 -31.64 86.28 -6.40
CA GLY I 49 -33.01 86.07 -6.85
C GLY I 49 -33.64 84.84 -6.24
N GLU I 50 -33.67 83.71 -6.98
CA GLU I 50 -34.16 82.39 -6.51
C GLU I 50 -34.03 82.14 -5.00
N TRP I 51 -33.02 82.82 -4.45
CA TRP I 51 -32.53 82.72 -3.08
C TRP I 51 -33.45 83.33 -2.01
N LYS I 52 -33.58 84.67 -1.96
CA LYS I 52 -34.49 85.31 -0.99
C LYS I 52 -36.00 84.90 -1.12
N THR I 53 -36.36 84.15 -2.18
CA THR I 53 -37.60 83.32 -2.22
C THR I 53 -37.21 81.90 -1.85
N GLN I 54 -37.77 81.43 -0.72
CA GLN I 54 -37.22 80.34 0.09
C GLN I 54 -37.42 80.80 1.52
N MET I 55 -37.49 79.84 2.45
CA MET I 55 -37.74 80.09 3.89
C MET I 55 -36.45 80.57 4.48
N GLU I 56 -36.54 81.19 5.66
CA GLU I 56 -35.38 81.69 6.41
C GLU I 56 -34.44 80.56 6.94
N GLU I 57 -34.85 79.30 6.81
CA GLU I 57 -34.11 78.18 7.35
C GLU I 57 -33.14 77.62 6.37
N THR I 58 -33.60 77.24 5.20
CA THR I 58 -32.67 76.83 4.16
C THR I 58 -31.69 77.94 3.88
N LYS I 59 -32.17 79.16 3.89
CA LYS I 59 -31.31 80.24 3.57
C LYS I 59 -30.20 80.24 4.60
N ALA I 60 -30.50 79.90 5.83
CA ALA I 60 -29.50 79.99 6.88
C ALA I 60 -28.43 78.89 6.72
N GLN I 61 -28.91 77.67 6.51
CA GLN I 61 -28.12 76.47 6.25
C GLN I 61 -26.98 76.75 5.21
N ASP I 62 -27.37 77.43 4.11
CA ASP I 62 -26.53 77.72 2.95
C ASP I 62 -25.37 78.50 3.36
N ILE I 63 -25.67 79.44 4.25
CA ILE I 63 -24.74 80.39 4.80
C ILE I 63 -23.88 79.64 5.77
N LEU I 64 -24.47 79.01 6.79
CA LEU I 64 -23.68 78.11 7.60
C LEU I 64 -22.96 77.13 6.75
N GLY I 65 -23.62 76.55 5.75
CA GLY I 65 -22.92 75.80 4.72
C GLY I 65 -21.68 76.51 4.09
N ALA I 66 -21.90 77.53 3.27
CA ALA I 66 -20.79 78.34 2.85
C ALA I 66 -19.86 78.66 4.01
N VAL I 67 -20.34 79.33 5.05
CA VAL I 67 -19.42 79.73 6.11
C VAL I 67 -18.42 78.56 6.42
N THR I 68 -18.94 77.37 6.78
CA THR I 68 -18.03 76.28 7.19
C THR I 68 -17.01 76.04 6.12
N LEU I 69 -17.42 76.27 4.85
CA LEU I 69 -16.52 76.12 3.70
C LEU I 69 -15.49 77.27 3.74
N LEU I 70 -15.94 78.40 4.26
CA LEU I 70 -15.12 79.57 4.24
C LEU I 70 -13.94 79.34 5.16
N LEU I 71 -14.23 78.72 6.30
CA LEU I 71 -13.24 78.36 7.29
C LEU I 71 -12.22 77.39 6.73
N GLU I 72 -12.75 76.52 5.88
CA GLU I 72 -11.96 75.42 5.37
C GLU I 72 -10.97 76.03 4.41
N GLY I 73 -11.50 76.73 3.37
CA GLY I 73 -10.70 77.60 2.52
C GLY I 73 -9.63 78.31 3.37
N VAL I 74 -10.02 79.06 4.41
CA VAL I 74 -9.07 79.91 5.14
C VAL I 74 -7.98 79.20 5.90
N MET I 75 -8.36 78.11 6.59
CA MET I 75 -7.41 77.20 7.20
C MET I 75 -6.60 76.62 6.05
N ALA I 76 -7.28 75.98 5.10
CA ALA I 76 -6.63 75.59 3.88
C ALA I 76 -5.53 76.53 3.49
N ALA I 77 -5.76 77.81 3.72
CA ALA I 77 -4.78 78.82 3.33
C ALA I 77 -3.75 79.13 4.46
N ARG I 78 -4.17 79.15 5.70
CA ARG I 78 -3.15 79.16 6.72
C ARG I 78 -2.33 77.92 6.43
N GLY I 79 -3.06 76.80 6.24
CA GLY I 79 -2.51 75.50 5.88
C GLY I 79 -1.22 75.76 5.14
N GLN I 80 -1.26 75.84 3.81
CA GLN I 80 -0.18 76.37 2.96
C GLN I 80 1.16 76.97 3.61
N LEU I 81 1.13 78.16 4.25
CA LEU I 81 2.36 78.93 4.55
C LEU I 81 2.89 78.86 5.99
N GLY I 82 4.00 79.56 6.29
CA GLY I 82 4.66 79.60 7.60
C GLY I 82 4.23 80.74 8.56
N PRO I 83 5.02 81.16 9.60
CA PRO I 83 4.52 81.95 10.77
C PRO I 83 4.31 83.45 10.48
N THR I 84 4.14 83.69 9.16
CA THR I 84 4.23 85.00 8.48
C THR I 84 3.03 85.91 8.79
N CYS I 85 3.04 87.11 8.21
CA CYS I 85 2.09 88.10 8.67
C CYS I 85 0.67 87.80 8.09
N LEU I 86 0.56 87.36 6.84
CA LEU I 86 -0.73 86.95 6.29
C LEU I 86 -1.42 85.81 7.10
N SER I 87 -0.83 84.61 7.08
CA SER I 87 -0.97 83.61 8.17
C SER I 87 -1.49 84.24 9.52
N SER I 88 -0.60 84.85 10.30
CA SER I 88 -1.00 85.47 11.56
C SER I 88 -2.27 86.30 11.47
N LEU I 89 -2.75 86.50 10.26
CA LEU I 89 -3.90 87.35 10.02
C LEU I 89 -5.05 86.44 9.61
N LEU I 90 -4.78 85.63 8.60
CA LEU I 90 -5.66 84.52 8.24
C LEU I 90 -6.12 83.80 9.47
N GLY I 91 -5.17 83.68 10.40
CA GLY I 91 -5.44 83.48 11.80
C GLY I 91 -6.62 84.33 12.21
N GLN I 92 -6.38 85.60 12.56
CA GLN I 92 -7.40 86.43 13.19
C GLN I 92 -8.69 86.45 12.40
N LEU I 93 -8.60 86.41 11.06
CA LEU I 93 -9.76 86.21 10.15
C LEU I 93 -10.63 84.97 10.45
N SER I 94 -10.02 83.83 10.20
CA SER I 94 -10.56 82.53 10.59
C SER I 94 -11.26 82.50 11.99
N GLY I 95 -10.63 83.12 12.99
CA GLY I 95 -11.32 83.38 14.25
C GLY I 95 -12.64 84.11 14.03
N GLN I 96 -12.56 85.25 13.38
CA GLN I 96 -13.74 85.94 12.96
C GLN I 96 -14.78 85.00 12.29
N VAL I 97 -14.34 84.27 11.27
CA VAL I 97 -15.31 83.55 10.46
C VAL I 97 -16.01 82.69 11.40
N ARG I 98 -15.25 82.22 12.39
CA ARG I 98 -15.67 81.19 13.35
C ARG I 98 -16.92 81.62 14.09
N LEU I 99 -17.04 82.93 14.40
CA LEU I 99 -18.14 83.44 15.25
C LEU I 99 -19.44 83.32 14.55
N LEU I 100 -19.44 83.59 13.27
CA LEU I 100 -20.64 83.42 12.46
C LEU I 100 -20.98 81.96 12.56
N LEU I 101 -19.97 81.14 12.28
CA LEU I 101 -20.16 79.71 12.19
C LEU I 101 -20.98 79.34 13.38
N GLY I 102 -20.52 79.77 14.55
CA GLY I 102 -21.30 79.57 15.76
C GLY I 102 -22.72 80.02 15.45
N ALA I 103 -23.00 81.29 15.76
CA ALA I 103 -24.15 82.04 15.29
C ALA I 103 -25.14 81.31 14.48
N LEU I 104 -24.68 80.62 13.41
CA LEU I 104 -25.54 79.90 12.42
C LEU I 104 -25.77 78.41 12.76
N GLN I 105 -24.70 77.77 13.21
CA GLN I 105 -24.83 76.52 13.93
C GLN I 105 -25.80 76.75 15.10
N SER I 106 -25.69 77.93 15.70
CA SER I 106 -26.34 78.17 16.95
C SER I 106 -27.73 78.06 16.59
N LEU I 107 -28.03 78.57 15.40
CA LEU I 107 -29.36 78.90 15.07
C LEU I 107 -30.01 77.59 14.61
N LEU I 108 -29.40 76.93 13.64
CA LEU I 108 -30.10 75.81 13.06
C LEU I 108 -29.89 74.65 13.98
N GLY I 109 -29.03 74.92 14.95
CA GLY I 109 -28.85 73.96 16.01
C GLY I 109 -28.28 72.63 15.53
N THR I 110 -27.58 72.69 14.41
CA THR I 110 -26.75 71.62 14.04
C THR I 110 -25.63 72.18 13.23
N GLN I 111 -24.55 71.42 13.14
CA GLN I 111 -23.44 71.72 12.27
C GLN I 111 -23.70 71.07 10.90
N LEU I 112 -23.88 71.82 9.83
CA LEU I 112 -23.94 71.19 8.50
C LEU I 112 -22.50 70.98 7.98
N PRO I 113 -22.27 70.19 6.91
CA PRO I 113 -20.94 70.11 6.31
C PRO I 113 -20.81 71.15 5.22
N PRO I 114 -19.60 71.59 4.94
CA PRO I 114 -19.29 72.48 3.81
C PRO I 114 -20.02 72.14 2.54
N ARG I 115 -20.64 73.14 1.90
CA ARG I 115 -21.23 73.02 0.55
C ARG I 115 -21.59 74.40 -0.05
N GLY I 116 -21.90 74.37 -1.38
CA GLY I 116 -22.37 75.47 -2.27
C GLY I 116 -21.28 75.92 -3.22
N ARG I 117 -21.58 76.60 -4.36
CA ARG I 117 -20.55 76.79 -5.44
C ARG I 117 -19.46 77.78 -5.07
N THR I 118 -18.21 77.33 -5.27
CA THR I 118 -17.03 78.08 -4.82
C THR I 118 -16.18 78.46 -6.05
N THR I 119 -15.08 79.17 -5.81
CA THR I 119 -14.09 79.48 -6.87
C THR I 119 -12.68 79.45 -6.31
N ALA I 120 -11.71 79.15 -7.19
CA ALA I 120 -10.35 78.92 -6.74
C ALA I 120 -9.55 80.20 -6.76
N HIS I 121 -8.88 80.46 -5.65
CA HIS I 121 -8.24 81.74 -5.54
C HIS I 121 -6.86 81.58 -4.97
N LYS I 122 -5.89 82.08 -5.71
CA LYS I 122 -4.56 82.13 -5.18
C LYS I 122 -4.57 83.36 -4.35
N ASP I 123 -5.25 84.43 -4.80
CA ASP I 123 -5.18 85.76 -4.11
C ASP I 123 -5.64 85.89 -2.66
N PRO I 124 -4.72 86.10 -1.75
CA PRO I 124 -5.04 86.01 -0.33
C PRO I 124 -6.14 87.01 0.10
N ASN I 125 -6.37 88.04 -0.74
CA ASN I 125 -7.45 89.02 -0.55
C ASN I 125 -8.81 88.36 -0.80
N ALA I 126 -8.92 87.64 -1.93
CA ALA I 126 -10.17 86.97 -2.35
C ALA I 126 -10.85 86.12 -1.22
N ILE I 127 -10.07 85.67 -0.23
CA ILE I 127 -10.63 85.15 1.05
C ILE I 127 -11.10 86.24 2.00
N PHE I 128 -10.24 87.15 2.44
CA PHE I 128 -10.78 88.30 3.20
C PHE I 128 -12.10 88.78 2.61
N LEU I 129 -12.00 89.00 1.31
CA LEU I 129 -13.14 89.28 0.49
C LEU I 129 -14.28 88.40 0.83
N SER I 130 -14.14 87.12 0.50
CA SER I 130 -15.24 86.15 0.48
C SER I 130 -16.08 86.25 1.73
N PHE I 131 -15.38 86.47 2.85
CA PHE I 131 -16.01 86.68 4.09
C PHE I 131 -17.07 87.75 4.05
N GLN I 132 -16.56 88.99 3.89
CA GLN I 132 -17.29 90.25 3.70
C GLN I 132 -18.37 90.11 2.72
N HIS I 133 -18.12 89.60 1.52
CA HIS I 133 -19.26 89.31 0.67
C HIS I 133 -20.49 88.60 1.34
N LEU I 134 -20.32 87.58 2.19
CA LEU I 134 -21.51 86.97 2.83
C LEU I 134 -21.99 87.86 3.94
N LEU I 135 -21.07 88.49 4.66
CA LEU I 135 -21.42 89.50 5.66
C LEU I 135 -22.35 90.62 5.11
N ARG I 136 -21.96 91.21 3.97
CA ARG I 136 -22.75 92.24 3.30
C ARG I 136 -23.94 91.63 2.59
N GLY I 137 -23.78 90.63 1.73
CA GLY I 137 -24.95 89.92 1.17
C GLY I 137 -25.67 88.95 2.13
N LYS I 138 -25.76 87.69 1.69
CA LYS I 138 -26.46 86.56 2.38
C LYS I 138 -26.59 86.67 3.92
N VAL I 139 -25.60 87.19 4.63
CA VAL I 139 -25.82 87.50 6.04
C VAL I 139 -26.88 88.62 6.19
N ARG I 140 -26.55 89.86 5.82
CA ARG I 140 -27.42 90.98 6.13
C ARG I 140 -28.78 90.53 5.68
N PHE I 141 -28.93 90.29 4.37
CA PHE I 141 -30.15 89.79 3.67
C PHE I 141 -30.83 88.62 4.44
N LEU I 142 -30.14 87.96 5.36
CA LEU I 142 -30.82 86.95 6.17
C LEU I 142 -31.51 87.63 7.32
N MET I 143 -30.68 88.16 8.21
CA MET I 143 -31.09 88.43 9.58
C MET I 143 -31.79 89.77 9.74
N LEU I 144 -32.21 90.34 8.61
CA LEU I 144 -33.21 91.42 8.57
C LEU I 144 -34.61 90.85 8.98
N VAL I 145 -35.41 90.58 7.93
CA VAL I 145 -36.71 89.88 7.94
C VAL I 145 -36.96 88.83 9.04
N GLY I 146 -37.59 89.25 10.15
CA GLY I 146 -37.67 88.43 11.36
C GLY I 146 -36.28 87.89 11.73
N GLY I 147 -36.04 86.63 11.30
CA GLY I 147 -34.71 86.08 11.10
C GLY I 147 -33.89 85.69 12.32
N SER I 148 -34.58 85.46 13.46
CA SER I 148 -34.02 85.22 14.82
C SER I 148 -32.51 84.89 14.91
N THR I 149 -31.66 85.77 14.35
CA THR I 149 -30.21 85.56 14.20
C THR I 149 -29.43 85.57 15.53
N LEU I 150 -28.10 85.65 15.45
CA LEU I 150 -27.35 85.44 16.67
C LEU I 150 -26.45 86.54 17.29
N CYS I 151 -27.05 87.18 18.31
CA CYS I 151 -26.32 87.87 19.37
C CYS I 151 -25.84 86.87 20.45
N ASP J 8 45.08 -90.13 -4.28
CA ASP J 8 44.65 -90.10 -2.84
C ASP J 8 43.11 -89.88 -2.52
N LEU J 9 42.63 -90.67 -1.57
CA LEU J 9 41.49 -90.34 -0.72
C LEU J 9 42.07 -89.99 0.63
N ARG J 10 43.25 -90.56 0.91
CA ARG J 10 44.03 -90.29 2.13
C ARG J 10 43.90 -88.84 2.57
N VAL J 11 43.52 -87.99 1.62
CA VAL J 11 42.99 -86.67 1.91
C VAL J 11 41.82 -86.77 2.94
N LEU J 12 40.59 -87.09 2.49
CA LEU J 12 39.44 -87.18 3.39
C LEU J 12 39.76 -88.07 4.54
N SER J 13 40.68 -89.03 4.33
CA SER J 13 40.83 -90.11 5.29
C SER J 13 41.58 -89.67 6.53
N LYS J 14 42.69 -88.95 6.31
CA LYS J 14 43.42 -88.25 7.39
C LYS J 14 42.83 -86.88 7.72
N LEU J 15 41.78 -86.50 7.01
CA LEU J 15 40.87 -85.51 7.52
C LEU J 15 40.15 -86.18 8.66
N LEU J 16 39.62 -87.37 8.40
CA LEU J 16 38.80 -88.04 9.38
C LEU J 16 39.49 -88.34 10.65
N ARG J 17 40.52 -89.19 10.66
CA ARG J 17 41.22 -89.48 11.92
C ARG J 17 41.48 -88.22 12.74
N ASP J 18 41.96 -87.20 12.01
CA ASP J 18 42.54 -85.99 12.52
C ASP J 18 41.61 -85.04 13.21
N SER J 19 40.40 -84.94 12.63
CA SER J 19 39.19 -84.25 13.20
C SER J 19 38.75 -84.76 14.59
N HIS J 20 38.96 -86.06 14.82
CA HIS J 20 38.77 -86.66 16.11
C HIS J 20 39.86 -86.21 16.97
N VAL J 21 41.09 -86.34 16.48
CA VAL J 21 42.21 -86.08 17.33
C VAL J 21 42.07 -84.68 17.83
N LEU J 22 41.62 -83.79 16.94
CA LEU J 22 41.16 -82.47 17.36
C LEU J 22 40.01 -82.65 18.32
N HIS J 23 38.90 -83.11 17.77
CA HIS J 23 37.68 -83.30 18.55
C HIS J 23 37.92 -83.79 19.95
N SER J 24 38.89 -84.67 20.06
CA SER J 24 39.06 -85.39 21.28
C SER J 24 39.67 -84.42 22.25
N ARG J 25 40.83 -83.89 21.86
CA ARG J 25 41.62 -83.02 22.69
C ARG J 25 40.83 -82.07 23.59
N LEU J 26 39.63 -81.75 23.09
CA LEU J 26 38.72 -80.72 23.57
C LEU J 26 38.37 -80.98 25.00
N SER J 27 37.88 -82.18 25.26
CA SER J 27 37.80 -82.76 26.61
C SER J 27 38.78 -82.15 27.65
N GLN J 28 40.05 -82.56 27.61
CA GLN J 28 41.08 -82.14 28.55
C GLN J 28 41.52 -80.72 28.20
N CYS J 29 40.56 -79.79 28.12
CA CYS J 29 40.79 -78.32 28.21
C CYS J 29 40.14 -77.90 29.52
N PRO J 30 40.57 -76.81 30.15
CA PRO J 30 39.93 -76.37 31.39
C PRO J 30 38.48 -76.01 31.16
N GLU J 31 37.86 -75.52 32.24
CA GLU J 31 36.41 -75.46 32.39
C GLU J 31 35.66 -75.48 31.03
N VAL J 32 35.50 -76.67 30.44
CA VAL J 32 35.01 -76.74 29.08
C VAL J 32 33.50 -76.62 29.07
N HIS J 33 32.98 -75.43 28.76
CA HIS J 33 31.53 -75.09 28.80
C HIS J 33 30.83 -74.94 27.41
N PRO J 34 29.49 -74.73 27.41
CA PRO J 34 28.75 -74.44 26.17
C PRO J 34 29.21 -73.21 25.41
N LEU J 35 28.25 -72.79 24.60
CA LEU J 35 28.41 -71.66 23.74
C LEU J 35 27.26 -70.84 24.19
N PRO J 36 27.55 -69.64 24.63
CA PRO J 36 26.50 -68.67 24.97
C PRO J 36 25.19 -68.80 24.10
N THR J 37 25.37 -69.16 22.83
CA THR J 37 24.38 -68.98 21.76
C THR J 37 24.61 -70.02 20.63
N PRO J 38 23.55 -70.74 20.32
CA PRO J 38 23.64 -71.90 19.39
C PRO J 38 23.93 -71.55 17.95
N VAL J 39 25.05 -72.09 17.47
CA VAL J 39 25.48 -71.85 16.11
C VAL J 39 24.79 -72.85 15.26
N LEU J 40 24.50 -72.49 14.02
CA LEU J 40 23.72 -73.36 13.11
C LEU J 40 24.62 -74.31 12.40
N LEU J 41 24.26 -75.58 12.34
CA LEU J 41 25.18 -76.48 11.73
C LEU J 41 24.46 -77.33 10.71
N PRO J 42 25.14 -77.81 9.66
CA PRO J 42 24.59 -78.83 8.79
C PRO J 42 24.14 -79.94 9.74
N ALA J 43 22.87 -80.36 9.58
CA ALA J 43 22.21 -81.21 10.55
C ALA J 43 22.10 -82.59 10.08
N VAL J 44 22.25 -83.48 11.04
CA VAL J 44 22.18 -84.93 10.88
C VAL J 44 20.96 -85.47 10.03
N ASP J 45 21.26 -85.77 8.75
CA ASP J 45 20.46 -86.65 7.81
C ASP J 45 21.20 -87.98 7.41
N PHE J 46 20.79 -89.05 8.08
CA PHE J 46 21.33 -90.37 7.82
C PHE J 46 20.54 -90.91 6.64
N SER J 47 19.26 -90.51 6.58
CA SER J 47 18.48 -90.75 5.37
C SER J 47 19.00 -89.91 4.19
N LEU J 48 19.70 -90.58 3.28
CA LEU J 48 20.20 -89.97 2.03
C LEU J 48 20.33 -90.94 0.81
N GLY J 49 19.19 -91.43 0.28
CA GLY J 49 19.14 -92.27 -0.93
C GLY J 49 18.54 -91.55 -2.13
N GLU J 50 17.71 -90.55 -1.81
CA GLU J 50 17.50 -89.37 -2.62
C GLU J 50 18.78 -89.02 -3.37
N TRP J 51 19.85 -88.88 -2.61
CA TRP J 51 21.06 -88.25 -3.07
C TRP J 51 21.68 -88.81 -4.33
N LYS J 52 21.79 -90.13 -4.40
CA LYS J 52 22.32 -90.80 -5.60
C LYS J 52 21.37 -90.76 -6.82
N THR J 53 20.09 -90.42 -6.56
CA THR J 53 19.13 -89.85 -7.57
C THR J 53 19.29 -88.30 -7.61
N GLN J 54 20.58 -87.92 -7.71
CA GLN J 54 21.03 -86.54 -7.95
C GLN J 54 22.05 -86.57 -9.05
N MET J 55 22.07 -85.48 -9.79
CA MET J 55 23.19 -85.19 -10.67
C MET J 55 24.38 -85.01 -9.75
N GLU J 56 25.47 -85.67 -10.07
CA GLU J 56 26.66 -85.59 -9.23
C GLU J 56 27.01 -84.13 -8.88
N GLU J 57 27.20 -83.28 -9.88
CA GLU J 57 27.58 -81.91 -9.62
C GLU J 57 26.72 -81.27 -8.56
N THR J 58 25.50 -81.76 -8.40
CA THR J 58 24.54 -81.17 -7.48
C THR J 58 24.83 -81.62 -6.05
N LYS J 59 25.22 -82.88 -5.93
CA LYS J 59 25.66 -83.38 -4.68
C LYS J 59 26.89 -82.56 -4.33
N ALA J 60 27.81 -82.43 -5.26
CA ALA J 60 29.09 -81.78 -4.99
C ALA J 60 28.88 -80.40 -4.45
N GLN J 61 27.96 -79.67 -5.05
CA GLN J 61 27.48 -78.42 -4.51
C GLN J 61 26.80 -78.58 -3.13
N ASP J 62 25.56 -79.07 -3.09
CA ASP J 62 24.94 -79.46 -1.83
C ASP J 62 25.92 -79.54 -0.69
N ILE J 63 26.91 -80.43 -0.84
CA ILE J 63 27.99 -80.50 0.10
C ILE J 63 28.85 -79.27 0.23
N LEU J 64 29.09 -78.54 -0.86
CA LEU J 64 29.97 -77.35 -0.85
C LEU J 64 29.21 -76.36 -0.09
N GLY J 65 27.89 -76.40 -0.31
CA GLY J 65 26.98 -75.57 0.42
C GLY J 65 27.14 -75.85 1.92
N ALA J 66 27.00 -77.13 2.25
CA ALA J 66 26.88 -77.49 3.60
C ALA J 66 28.20 -77.12 4.27
N VAL J 67 29.33 -77.55 3.69
CA VAL J 67 30.70 -77.32 4.23
C VAL J 67 30.93 -75.85 4.54
N THR J 68 30.35 -75.00 3.68
CA THR J 68 30.42 -73.54 3.86
C THR J 68 29.53 -73.11 5.03
N LEU J 69 28.28 -73.53 5.07
CA LEU J 69 27.49 -73.36 6.30
C LEU J 69 28.25 -73.77 7.62
N LEU J 70 29.03 -74.85 7.56
CA LEU J 70 29.70 -75.46 8.72
C LEU J 70 30.95 -74.70 8.98
N LEU J 71 31.59 -74.23 7.92
CA LEU J 71 32.62 -73.20 8.07
C LEU J 71 31.98 -72.01 8.85
N GLU J 72 30.81 -71.55 8.39
CA GLU J 72 30.13 -70.39 8.97
C GLU J 72 30.00 -70.60 10.48
N GLY J 73 29.29 -71.69 10.83
CA GLY J 73 29.03 -72.07 12.21
C GLY J 73 30.32 -72.09 12.99
N VAL J 74 31.30 -72.80 12.46
CA VAL J 74 32.51 -72.99 13.24
C VAL J 74 32.93 -71.64 13.67
N MET J 75 32.87 -70.71 12.75
CA MET J 75 33.49 -69.43 13.00
C MET J 75 32.54 -68.62 13.87
N ALA J 76 31.25 -68.68 13.55
CA ALA J 76 30.26 -68.16 14.47
C ALA J 76 30.59 -68.64 15.94
N ALA J 77 30.73 -69.95 16.14
CA ALA J 77 31.16 -70.50 17.45
C ALA J 77 32.50 -69.96 17.95
N ARG J 78 33.53 -69.99 17.14
CA ARG J 78 34.74 -69.35 17.56
C ARG J 78 34.26 -68.01 18.12
N GLY J 79 33.43 -67.36 17.32
CA GLY J 79 32.99 -66.01 17.58
C GLY J 79 32.64 -65.58 19.00
N GLN J 80 32.14 -66.54 19.78
CA GLN J 80 31.58 -66.25 21.08
C GLN J 80 32.63 -66.45 22.09
N LEU J 81 33.81 -66.92 21.70
CA LEU J 81 34.86 -67.04 22.70
C LEU J 81 36.17 -66.48 22.25
N GLY J 82 36.94 -66.09 23.27
CA GLY J 82 38.16 -65.34 23.09
C GLY J 82 39.21 -66.33 22.66
N PRO J 83 40.46 -66.04 22.98
CA PRO J 83 41.48 -67.09 22.90
C PRO J 83 41.32 -67.92 24.15
N THR J 84 40.35 -68.83 24.10
CA THR J 84 40.49 -70.06 24.86
C THR J 84 40.97 -71.23 23.99
N CYS J 85 41.08 -72.38 24.67
CA CYS J 85 41.41 -73.68 24.11
C CYS J 85 40.34 -74.07 23.07
N LEU J 86 39.12 -74.19 23.56
CA LEU J 86 38.03 -74.64 22.76
C LEU J 86 38.32 -73.84 21.56
N SER J 87 38.49 -72.55 21.75
CA SER J 87 38.59 -71.62 20.66
C SER J 87 39.67 -71.99 19.69
N SER J 88 40.92 -71.58 19.95
CA SER J 88 42.11 -72.08 19.23
C SER J 88 42.13 -73.57 18.71
N LEU J 89 41.12 -74.40 19.09
CA LEU J 89 40.82 -75.75 18.52
C LEU J 89 39.68 -75.75 17.42
N LEU J 90 38.57 -75.12 17.76
CA LEU J 90 37.65 -74.61 16.77
C LEU J 90 38.46 -74.03 15.61
N GLY J 91 39.55 -73.37 15.98
CA GLY J 91 40.51 -72.81 15.08
C GLY J 91 40.99 -73.96 14.27
N GLN J 92 41.87 -74.76 14.83
CA GLN J 92 42.55 -75.68 13.95
C GLN J 92 41.53 -76.45 13.12
N LEU J 93 40.32 -76.66 13.69
CA LEU J 93 39.20 -77.43 13.04
C LEU J 93 38.82 -76.89 11.68
N SER J 94 38.16 -75.73 11.74
CA SER J 94 37.89 -74.82 10.63
C SER J 94 38.97 -74.74 9.54
N GLY J 95 40.22 -74.54 9.93
CA GLY J 95 41.29 -74.68 8.94
C GLY J 95 41.26 -75.98 8.12
N GLN J 96 41.14 -77.10 8.82
CA GLN J 96 40.88 -78.38 8.18
C GLN J 96 39.63 -78.28 7.20
N VAL J 97 38.49 -77.84 7.74
CA VAL J 97 37.25 -77.64 6.96
C VAL J 97 37.61 -76.99 5.62
N ARG J 98 38.63 -76.12 5.68
CA ARG J 98 38.95 -75.20 4.60
C ARG J 98 39.34 -76.02 3.41
N LEU J 99 40.32 -76.92 3.57
CA LEU J 99 40.58 -77.92 2.51
C LEU J 99 39.29 -78.52 1.93
N LEU J 100 38.43 -79.11 2.76
CA LEU J 100 37.23 -79.71 2.20
C LEU J 100 36.51 -78.72 1.37
N LEU J 101 36.20 -77.57 1.93
CA LEU J 101 35.69 -76.51 1.12
C LEU J 101 36.55 -76.31 -0.10
N GLY J 102 37.85 -76.11 0.09
CA GLY J 102 38.77 -75.75 -0.99
C GLY J 102 38.61 -76.78 -2.06
N ALA J 103 39.02 -78.02 -1.75
CA ALA J 103 38.58 -79.21 -2.45
C ALA J 103 37.27 -79.12 -3.37
N LEU J 104 36.10 -78.98 -2.77
CA LEU J 104 34.95 -78.76 -3.58
C LEU J 104 34.97 -77.45 -4.35
N GLN J 105 35.60 -76.40 -3.82
CA GLN J 105 35.61 -75.15 -4.60
C GLN J 105 36.39 -75.19 -5.97
N SER J 106 37.48 -75.99 -6.02
CA SER J 106 38.25 -76.10 -7.24
C SER J 106 37.41 -76.90 -8.15
N LEU J 107 36.99 -78.05 -7.62
CA LEU J 107 36.05 -78.97 -8.27
C LEU J 107 34.85 -78.36 -8.94
N LEU J 108 34.29 -77.41 -8.22
CA LEU J 108 33.06 -76.83 -8.64
C LEU J 108 33.26 -75.69 -9.61
N GLY J 109 34.45 -75.11 -9.55
CA GLY J 109 34.72 -74.02 -10.44
C GLY J 109 34.09 -72.76 -9.91
N THR J 110 33.67 -72.79 -8.66
CA THR J 110 32.96 -71.68 -8.09
C THR J 110 32.77 -71.76 -6.56
N GLN J 111 32.53 -70.59 -5.94
CA GLN J 111 32.25 -70.48 -4.53
C GLN J 111 30.76 -70.45 -4.45
N LEU J 112 30.18 -71.15 -3.50
CA LEU J 112 28.75 -71.09 -3.41
C LEU J 112 28.41 -70.59 -2.05
N PRO J 113 27.32 -69.85 -1.97
CA PRO J 113 26.85 -69.30 -0.69
C PRO J 113 26.44 -70.41 0.26
N PRO J 114 26.46 -70.22 1.58
CA PRO J 114 26.01 -71.26 2.54
C PRO J 114 24.56 -71.73 2.25
N ARG J 115 24.30 -73.04 2.29
CA ARG J 115 22.92 -73.57 2.21
C ARG J 115 22.80 -74.97 2.85
N GLY J 116 21.59 -75.30 3.31
CA GLY J 116 21.24 -76.63 3.82
C GLY J 116 20.48 -76.78 5.18
N ARG J 117 19.67 -77.86 5.29
CA ARG J 117 18.95 -78.13 6.53
C ARG J 117 19.91 -78.01 7.70
N THR J 118 19.61 -77.12 8.64
CA THR J 118 20.51 -76.99 9.77
C THR J 118 19.89 -77.36 11.13
N THR J 119 20.72 -77.40 12.18
CA THR J 119 20.24 -77.45 13.56
C THR J 119 21.05 -76.54 14.49
N ALA J 120 20.43 -75.95 15.49
CA ALA J 120 21.14 -75.03 16.36
C ALA J 120 22.06 -75.87 17.18
N HIS J 121 23.13 -75.37 17.80
CA HIS J 121 23.89 -76.24 18.73
C HIS J 121 24.71 -75.54 19.76
N LYS J 122 24.33 -75.71 21.04
CA LYS J 122 24.87 -74.96 22.20
C LYS J 122 26.25 -75.42 22.57
N ASP J 123 26.70 -76.53 21.92
CA ASP J 123 27.81 -77.40 22.36
C ASP J 123 28.87 -77.64 21.29
N PRO J 124 30.07 -77.14 21.58
CA PRO J 124 31.20 -77.25 20.66
C PRO J 124 31.22 -78.62 20.00
N ASN J 125 30.62 -79.59 20.66
CA ASN J 125 30.91 -80.90 20.21
C ASN J 125 30.16 -81.05 18.92
N ALA J 126 28.87 -80.77 18.90
CA ALA J 126 28.02 -81.10 17.73
C ALA J 126 28.52 -80.59 16.35
N ILE J 127 29.62 -79.83 16.40
CA ILE J 127 30.23 -79.27 15.22
C ILE J 127 31.29 -80.17 14.71
N PHE J 128 32.26 -80.51 15.56
CA PHE J 128 33.25 -81.54 15.24
C PHE J 128 32.56 -82.73 14.81
N LEU J 129 31.40 -82.93 15.39
CA LEU J 129 30.46 -83.90 14.96
C LEU J 129 29.94 -83.57 13.55
N SER J 130 28.96 -82.67 13.46
CA SER J 130 28.48 -82.08 12.18
C SER J 130 29.37 -82.24 10.96
N PHE J 131 30.66 -82.04 11.18
CA PHE J 131 31.68 -82.08 10.15
C PHE J 131 32.02 -83.50 9.76
N GLN J 132 32.17 -84.38 10.74
CA GLN J 132 32.54 -85.70 10.35
C GLN J 132 31.42 -86.33 9.63
N HIS J 133 30.23 -86.27 10.20
CA HIS J 133 29.08 -86.74 9.45
C HIS J 133 29.04 -86.26 7.92
N LEU J 134 29.92 -85.30 7.60
CA LEU J 134 30.00 -84.84 6.22
C LEU J 134 31.00 -85.73 5.57
N LEU J 135 32.16 -85.87 6.16
CA LEU J 135 33.08 -86.77 5.56
C LEU J 135 32.53 -88.18 5.58
N ARG J 136 31.71 -88.51 6.58
CA ARG J 136 31.39 -89.91 6.78
C ARG J 136 30.39 -90.42 5.77
N GLY J 137 29.56 -89.51 5.30
CA GLY J 137 28.52 -89.86 4.34
C GLY J 137 28.63 -89.12 3.03
N LYS J 138 27.70 -88.18 2.82
CA LYS J 138 27.79 -87.19 1.76
C LYS J 138 29.20 -87.09 1.14
N VAL J 139 30.20 -86.54 1.83
CA VAL J 139 31.56 -86.62 1.28
C VAL J 139 31.87 -88.06 0.85
N ARG J 140 31.91 -89.04 1.76
CA ARG J 140 32.23 -90.45 1.40
C ARG J 140 31.49 -90.95 0.12
N PHE J 141 30.21 -90.62 -0.02
CA PHE J 141 29.40 -91.11 -1.14
C PHE J 141 29.76 -90.38 -2.43
N LEU J 142 30.37 -89.22 -2.25
CA LEU J 142 30.72 -88.39 -3.37
C LEU J 142 32.06 -88.81 -3.89
N MET J 143 33.07 -88.73 -3.05
CA MET J 143 34.42 -89.08 -3.48
C MET J 143 34.56 -90.58 -3.61
N LEU J 144 33.50 -91.35 -3.32
CA LEU J 144 33.43 -92.77 -3.68
C LEU J 144 33.23 -93.10 -5.21
N VAL J 145 31.97 -93.12 -5.69
CA VAL J 145 31.63 -93.25 -7.14
C VAL J 145 32.75 -93.61 -8.19
N ASP K 8 -14.11 -2.19 18.71
CA ASP K 8 -14.34 -0.78 18.33
C ASP K 8 -13.98 -0.61 16.89
N LEU K 9 -14.82 0.07 16.10
CA LEU K 9 -14.45 0.57 14.72
C LEU K 9 -13.08 1.35 14.71
N ARG K 10 -12.56 1.53 15.92
CA ARG K 10 -11.24 2.10 16.14
C ARG K 10 -10.14 1.05 16.01
N VAL K 11 -10.45 -0.23 16.21
CA VAL K 11 -9.34 -1.15 16.18
C VAL K 11 -8.60 -1.21 14.86
N LEU K 12 -9.21 -0.79 13.75
CA LEU K 12 -8.37 -0.34 12.57
C LEU K 12 -7.79 1.08 12.82
N SER K 13 -8.53 1.88 13.61
CA SER K 13 -8.17 3.25 13.99
C SER K 13 -6.99 3.01 14.85
N LYS K 14 -7.12 3.09 16.18
CA LYS K 14 -5.93 2.97 17.02
C LYS K 14 -4.85 2.31 16.11
N LEU K 15 -5.11 1.07 15.67
CA LEU K 15 -4.25 0.33 14.73
C LEU K 15 -3.60 1.12 13.59
N LEU K 16 -4.39 1.58 12.62
CA LEU K 16 -3.85 2.37 11.52
C LEU K 16 -3.04 3.59 11.93
N ARG K 17 -3.49 4.39 12.89
CA ARG K 17 -2.56 5.45 13.33
C ARG K 17 -1.50 4.88 14.23
N ASP K 18 -1.90 4.13 15.26
CA ASP K 18 -0.96 3.50 16.20
C ASP K 18 0.19 2.80 15.47
N SER K 19 -0.14 2.13 14.35
CA SER K 19 0.83 1.43 13.47
C SER K 19 1.78 2.39 12.78
N HIS K 20 1.19 3.39 12.14
CA HIS K 20 1.89 4.35 11.38
C HIS K 20 2.87 5.08 12.20
N VAL K 21 2.40 5.51 13.37
CA VAL K 21 3.24 6.01 14.43
C VAL K 21 4.44 5.07 14.65
N LEU K 22 4.14 3.78 14.76
CA LEU K 22 5.12 2.79 15.15
C LEU K 22 6.21 2.81 14.11
N HIS K 23 5.84 2.42 12.88
CA HIS K 23 6.65 2.45 11.64
C HIS K 23 7.52 3.67 11.57
N SER K 24 6.90 4.77 11.96
CA SER K 24 7.43 6.08 11.83
C SER K 24 8.54 6.30 12.85
N ARG K 25 8.46 5.64 13.99
CA ARG K 25 9.61 5.61 14.87
C ARG K 25 10.84 5.09 14.09
N LEU K 26 10.66 4.10 13.22
CA LEU K 26 11.80 3.38 12.59
C LEU K 26 13.01 4.26 12.39
N SER K 27 12.86 5.17 11.43
CA SER K 27 13.93 6.05 10.94
C SER K 27 14.70 6.72 12.05
N GLN K 28 14.22 6.54 13.26
CA GLN K 28 14.93 7.04 14.41
C GLN K 28 15.81 5.91 15.01
N CYS K 29 15.69 4.69 14.50
CA CYS K 29 16.69 3.70 14.83
C CYS K 29 17.85 3.93 13.88
N PRO K 30 19.07 3.56 14.34
CA PRO K 30 20.28 3.65 13.53
C PRO K 30 20.68 2.30 12.91
N GLU K 31 21.86 2.26 12.30
CA GLU K 31 22.33 1.13 11.49
C GLU K 31 21.26 0.02 11.31
N VAL K 32 20.08 0.41 10.79
CA VAL K 32 19.00 -0.49 10.34
C VAL K 32 19.30 -1.16 8.98
N HIS K 33 19.63 -2.45 8.99
CA HIS K 33 20.07 -3.14 7.79
C HIS K 33 19.04 -4.16 7.31
N PRO K 34 18.84 -4.34 5.98
CA PRO K 34 17.99 -5.43 5.52
C PRO K 34 18.27 -6.70 6.31
N LEU K 35 17.25 -7.55 6.35
CA LEU K 35 17.26 -8.89 6.95
C LEU K 35 18.17 -9.81 6.11
N PRO K 36 19.06 -10.59 6.77
CA PRO K 36 19.96 -11.45 6.00
C PRO K 36 19.05 -12.45 5.25
N THR K 37 18.18 -13.18 5.94
CA THR K 37 17.18 -13.93 5.20
C THR K 37 15.94 -13.07 5.05
N PRO K 38 15.37 -13.03 3.84
CA PRO K 38 14.02 -12.50 3.65
C PRO K 38 13.08 -13.26 4.52
N VAL K 39 11.91 -12.67 4.55
CA VAL K 39 10.92 -13.06 5.47
C VAL K 39 9.66 -12.80 4.71
N LEU K 40 8.85 -13.81 4.48
CA LEU K 40 7.67 -13.60 3.67
C LEU K 40 6.57 -12.95 4.40
N LEU K 41 6.01 -11.96 3.74
CA LEU K 41 4.87 -11.23 4.19
C LEU K 41 3.78 -11.47 3.16
N PRO K 42 2.54 -11.15 3.54
CA PRO K 42 1.43 -11.43 2.67
C PRO K 42 1.49 -10.29 1.72
N ALA K 43 1.96 -10.59 0.53
CA ALA K 43 2.01 -9.67 -0.63
C ALA K 43 0.83 -8.63 -0.79
N VAL K 44 1.11 -7.63 -1.64
CA VAL K 44 0.15 -6.55 -1.99
C VAL K 44 -0.68 -6.76 -3.26
N ASP K 45 -1.73 -7.54 -3.12
CA ASP K 45 -2.87 -7.51 -4.00
C ASP K 45 -3.17 -6.03 -4.14
N PHE K 46 -3.47 -5.59 -5.38
CA PHE K 46 -3.66 -4.18 -5.74
C PHE K 46 -5.11 -4.00 -5.99
N SER K 47 -5.64 -4.73 -6.98
CA SER K 47 -7.09 -4.74 -7.24
C SER K 47 -7.84 -5.76 -6.36
N LEU K 48 -8.89 -5.30 -5.66
CA LEU K 48 -9.82 -6.22 -4.98
C LEU K 48 -11.33 -5.99 -5.23
N GLY K 49 -11.70 -5.86 -6.51
CA GLY K 49 -13.11 -5.96 -6.88
C GLY K 49 -13.56 -7.33 -6.44
N GLU K 50 -12.79 -8.32 -6.91
CA GLU K 50 -12.93 -9.74 -6.60
C GLU K 50 -13.11 -10.07 -5.10
N TRP K 51 -12.48 -9.28 -4.26
CA TRP K 51 -12.54 -9.50 -2.82
C TRP K 51 -13.77 -8.76 -2.25
N LYS K 52 -14.07 -7.58 -2.79
CA LYS K 52 -15.24 -6.90 -2.28
C LYS K 52 -16.44 -7.91 -2.35
N THR K 53 -16.32 -8.97 -3.17
CA THR K 53 -17.22 -10.15 -3.03
C THR K 53 -16.63 -11.57 -3.00
N GLN K 54 -16.33 -12.00 -1.79
CA GLN K 54 -16.65 -13.35 -1.37
C GLN K 54 -17.71 -12.99 -0.35
N MET K 55 -18.03 -13.89 0.57
CA MET K 55 -18.96 -13.52 1.63
C MET K 55 -18.17 -12.84 2.73
N GLU K 56 -18.91 -12.28 3.68
CA GLU K 56 -18.29 -11.49 4.72
C GLU K 56 -17.44 -12.40 5.60
N GLU K 57 -17.97 -13.56 5.96
CA GLU K 57 -17.16 -14.62 6.59
C GLU K 57 -15.84 -14.97 5.82
N THR K 58 -15.91 -15.19 4.51
CA THR K 58 -14.74 -15.72 3.80
C THR K 58 -13.66 -14.70 3.74
N LYS K 59 -14.07 -13.49 3.31
CA LYS K 59 -13.21 -12.31 3.30
C LYS K 59 -12.37 -12.23 4.57
N ALA K 60 -13.05 -12.29 5.70
CA ALA K 60 -12.39 -12.40 6.98
C ALA K 60 -11.27 -13.40 6.92
N GLN K 61 -11.64 -14.65 6.67
CA GLN K 61 -10.66 -15.70 6.66
C GLN K 61 -9.35 -15.31 5.90
N ASP K 62 -9.42 -14.63 4.75
CA ASP K 62 -8.16 -14.22 4.14
C ASP K 62 -7.38 -13.38 5.03
N ILE K 63 -8.07 -12.41 5.58
CA ILE K 63 -7.38 -11.48 6.40
C ILE K 63 -6.83 -12.36 7.46
N LEU K 64 -7.71 -13.22 8.01
CA LEU K 64 -7.27 -14.01 9.13
C LEU K 64 -6.02 -14.80 8.70
N GLY K 65 -6.12 -15.36 7.49
CA GLY K 65 -5.06 -16.16 6.88
C GLY K 65 -3.78 -15.40 6.61
N ALA K 66 -3.98 -14.15 6.21
CA ALA K 66 -2.87 -13.29 5.86
C ALA K 66 -2.27 -12.71 7.14
N VAL K 67 -3.18 -12.44 8.05
CA VAL K 67 -2.73 -11.81 9.24
C VAL K 67 -1.87 -12.87 9.94
N THR K 68 -2.34 -14.11 10.04
CA THR K 68 -1.47 -15.12 10.66
C THR K 68 -0.14 -15.34 9.86
N LEU K 69 -0.21 -15.44 8.55
CA LEU K 69 1.04 -15.24 7.81
C LEU K 69 1.93 -14.06 8.32
N LEU K 70 1.32 -12.87 8.40
CA LEU K 70 2.05 -11.65 8.73
C LEU K 70 2.75 -11.81 10.08
N LEU K 71 1.98 -12.23 11.07
CA LEU K 71 2.50 -12.41 12.38
C LEU K 71 3.80 -13.22 12.32
N GLU K 72 3.78 -14.19 11.43
CA GLU K 72 4.75 -15.23 11.48
C GLU K 72 5.99 -14.65 10.85
N GLY K 73 5.87 -14.16 9.61
CA GLY K 73 6.89 -13.30 9.08
C GLY K 73 7.33 -12.17 10.05
N VAL K 74 6.43 -11.56 10.84
CA VAL K 74 6.90 -10.45 11.71
C VAL K 74 7.91 -11.05 12.68
N MET K 75 7.44 -12.03 13.46
CA MET K 75 8.30 -12.85 14.29
C MET K 75 9.48 -13.48 13.52
N ALA K 76 9.18 -13.94 12.29
CA ALA K 76 10.16 -14.59 11.45
C ALA K 76 11.49 -13.80 11.32
N ALA K 77 11.32 -12.56 10.82
CA ALA K 77 12.24 -11.40 10.96
C ALA K 77 12.72 -11.02 12.42
N ARG K 78 11.82 -10.59 13.29
CA ARG K 78 12.22 -10.24 14.62
C ARG K 78 13.27 -11.19 15.16
N GLY K 79 12.98 -12.46 14.96
CA GLY K 79 13.80 -13.48 15.57
C GLY K 79 15.02 -13.77 14.72
N GLN K 80 15.66 -12.73 14.21
CA GLN K 80 16.89 -13.00 13.50
C GLN K 80 17.83 -11.93 13.67
N LEU K 81 17.35 -10.83 14.20
CA LEU K 81 18.31 -9.82 14.48
C LEU K 81 18.25 -9.81 15.94
N GLY K 82 19.30 -9.19 16.49
CA GLY K 82 19.60 -9.04 17.91
C GLY K 82 18.50 -8.37 18.74
N PRO K 83 18.83 -7.90 19.95
CA PRO K 83 17.87 -7.19 20.77
C PRO K 83 18.04 -5.65 20.56
N THR K 84 18.11 -5.28 19.27
CA THR K 84 18.09 -3.89 18.82
C THR K 84 16.75 -3.31 18.38
N CYS K 85 16.71 -1.99 18.55
CA CYS K 85 15.70 -1.08 18.06
C CYS K 85 14.62 -1.65 17.11
N LEU K 86 15.05 -2.07 15.94
CA LEU K 86 14.26 -2.96 15.12
C LEU K 86 13.57 -4.00 15.99
N SER K 87 14.36 -4.91 16.59
CA SER K 87 13.81 -6.02 17.37
C SER K 87 12.70 -5.45 18.22
N SER K 88 13.11 -4.58 19.13
CA SER K 88 12.19 -3.69 19.80
C SER K 88 10.98 -3.36 18.97
N LEU K 89 11.16 -2.59 17.90
CA LEU K 89 9.98 -2.12 17.17
C LEU K 89 9.14 -3.23 16.63
N LEU K 90 9.83 -4.26 16.17
CA LEU K 90 9.21 -5.30 15.38
C LEU K 90 8.46 -6.10 16.33
N GLY K 91 8.94 -6.03 17.57
CA GLY K 91 8.18 -6.48 18.70
C GLY K 91 6.89 -5.71 18.63
N GLN K 92 6.97 -4.43 18.97
CA GLN K 92 5.73 -3.69 19.05
C GLN K 92 4.78 -4.10 17.92
N LEU K 93 5.31 -4.03 16.71
CA LEU K 93 4.62 -4.51 15.53
C LEU K 93 3.86 -5.82 15.72
N SER K 94 4.49 -6.81 16.36
CA SER K 94 3.92 -8.15 16.33
C SER K 94 2.78 -8.07 17.24
N GLY K 95 3.03 -7.50 18.41
CA GLY K 95 1.97 -7.31 19.36
C GLY K 95 0.78 -6.65 18.72
N GLN K 96 1.06 -5.53 18.08
CA GLN K 96 0.03 -4.79 17.43
C GLN K 96 -0.69 -5.70 16.44
N VAL K 97 0.07 -6.41 15.58
CA VAL K 97 -0.49 -7.36 14.61
C VAL K 97 -1.38 -8.42 15.30
N ARG K 98 -0.98 -8.82 16.50
CA ARG K 98 -1.73 -9.74 17.29
C ARG K 98 -3.08 -9.23 17.68
N LEU K 99 -3.34 -7.92 17.81
CA LEU K 99 -4.77 -7.52 18.08
C LEU K 99 -5.74 -7.76 16.84
N LEU K 100 -5.18 -7.49 15.64
CA LEU K 100 -5.81 -7.77 14.36
C LEU K 100 -5.99 -9.29 14.16
N LEU K 101 -5.11 -10.11 14.72
CA LEU K 101 -5.39 -11.53 14.75
C LEU K 101 -6.59 -11.76 15.68
N GLY K 102 -6.36 -11.53 17.00
CA GLY K 102 -7.38 -11.60 18.07
C GLY K 102 -8.83 -11.31 17.60
N ALA K 103 -8.99 -10.06 17.14
CA ALA K 103 -10.18 -9.57 16.44
C ALA K 103 -10.65 -10.65 15.56
N LEU K 104 -9.87 -11.00 14.54
CA LEU K 104 -10.40 -11.91 13.56
C LEU K 104 -10.54 -13.30 14.21
N GLN K 105 -9.59 -13.59 15.09
CA GLN K 105 -9.66 -14.87 15.71
C GLN K 105 -11.09 -14.97 16.26
N SER K 106 -11.40 -14.01 17.14
CA SER K 106 -12.67 -13.85 17.88
C SER K 106 -13.97 -13.85 17.04
N LEU K 107 -13.90 -13.28 15.85
CA LEU K 107 -15.06 -12.99 15.14
C LEU K 107 -15.36 -14.28 14.45
N LEU K 108 -14.33 -14.93 13.87
CA LEU K 108 -14.49 -16.28 13.20
C LEU K 108 -14.63 -17.47 14.14
N GLY K 109 -14.12 -17.31 15.36
CA GLY K 109 -14.17 -18.34 16.36
C GLY K 109 -13.36 -19.54 15.93
N THR K 110 -12.21 -19.28 15.36
CA THR K 110 -11.31 -20.34 14.99
C THR K 110 -9.95 -19.79 14.70
N GLN K 111 -8.98 -20.65 14.65
CA GLN K 111 -7.70 -20.17 14.29
C GLN K 111 -7.49 -20.87 12.99
N LEU K 112 -7.49 -20.05 11.97
CA LEU K 112 -7.01 -20.52 10.70
C LEU K 112 -5.50 -20.39 10.66
N PRO K 113 -4.97 -21.08 9.68
CA PRO K 113 -3.54 -21.29 9.52
C PRO K 113 -2.99 -20.47 8.41
N PRO K 114 -1.70 -20.23 8.46
CA PRO K 114 -1.02 -19.25 7.62
C PRO K 114 -1.33 -19.43 6.13
N ARG K 115 -1.87 -18.45 5.42
CA ARG K 115 -1.94 -18.65 3.99
C ARG K 115 -2.31 -17.42 3.14
N GLY K 116 -2.05 -17.55 1.81
CA GLY K 116 -2.36 -16.56 0.79
C GLY K 116 -1.09 -15.99 0.20
N ARG K 117 -1.21 -15.31 -0.95
CA ARG K 117 -0.11 -15.23 -1.93
C ARG K 117 0.84 -14.26 -1.37
N THR K 118 2.09 -14.61 -1.17
CA THR K 118 2.97 -13.92 -0.24
C THR K 118 4.15 -13.35 -0.98
N THR K 119 5.05 -12.58 -0.36
CA THR K 119 6.36 -12.30 -0.99
C THR K 119 7.48 -11.96 -0.10
N ALA K 120 8.64 -11.92 -0.73
CA ALA K 120 9.90 -11.98 -0.04
C ALA K 120 10.27 -10.61 0.19
N HIS K 121 10.82 -10.31 1.36
CA HIS K 121 11.37 -8.98 1.65
C HIS K 121 12.47 -9.08 2.66
N LYS K 122 13.61 -8.48 2.32
CA LYS K 122 14.78 -8.39 3.22
C LYS K 122 14.74 -7.15 4.03
N ASP K 123 13.84 -6.23 3.69
CA ASP K 123 13.93 -4.88 4.24
C ASP K 123 12.77 -4.70 5.20
N PRO K 124 13.13 -4.55 6.45
CA PRO K 124 12.16 -4.35 7.51
C PRO K 124 10.97 -3.57 7.03
N ASN K 125 11.24 -2.34 6.61
CA ASN K 125 10.15 -1.45 6.22
C ASN K 125 9.00 -2.32 5.69
N ALA K 126 9.41 -3.41 5.05
CA ALA K 126 8.54 -4.22 4.23
C ALA K 126 7.35 -4.75 4.99
N ILE K 127 7.62 -4.95 6.27
CA ILE K 127 6.73 -5.71 7.13
C ILE K 127 5.59 -4.78 7.64
N PHE K 128 5.99 -3.65 8.26
CA PHE K 128 5.14 -2.54 8.71
C PHE K 128 4.26 -2.17 7.63
N LEU K 129 4.90 -2.08 6.49
CA LEU K 129 4.20 -1.91 5.28
C LEU K 129 3.08 -2.89 5.04
N SER K 130 3.41 -4.18 4.93
CA SER K 130 2.42 -5.18 4.58
C SER K 130 1.16 -4.99 5.43
N PHE K 131 1.40 -4.59 6.65
CA PHE K 131 0.33 -4.54 7.65
C PHE K 131 -0.70 -3.45 7.36
N GLN K 132 -0.17 -2.24 7.13
CA GLN K 132 -0.98 -1.08 6.84
C GLN K 132 -1.84 -1.40 5.59
N HIS K 133 -1.27 -2.09 4.59
CA HIS K 133 -2.07 -2.49 3.44
C HIS K 133 -3.37 -3.20 3.85
N LEU K 134 -3.38 -3.85 4.99
CA LEU K 134 -4.50 -4.73 5.16
C LEU K 134 -5.37 -4.02 6.08
N LEU K 135 -4.73 -3.29 6.95
CA LEU K 135 -5.51 -2.43 7.71
C LEU K 135 -6.33 -1.58 6.71
N ARG K 136 -5.71 -0.95 5.69
CA ARG K 136 -6.38 -0.15 4.59
C ARG K 136 -7.12 -0.96 3.54
N GLY K 137 -6.52 -2.08 3.16
CA GLY K 137 -6.97 -2.87 2.04
C GLY K 137 -8.10 -3.73 2.51
N LYS K 138 -7.76 -4.98 2.79
CA LYS K 138 -8.76 -5.90 3.21
C LYS K 138 -9.40 -5.56 4.61
N VAL K 139 -8.66 -5.05 5.60
CA VAL K 139 -9.35 -4.78 6.85
C VAL K 139 -10.39 -3.69 6.75
N ARG K 140 -10.04 -2.51 6.21
CA ARG K 140 -10.99 -1.42 6.04
C ARG K 140 -12.24 -2.00 5.43
N PHE K 141 -12.22 -2.27 4.13
CA PHE K 141 -13.34 -2.83 3.33
C PHE K 141 -14.23 -3.94 4.01
N LEU K 142 -13.61 -4.78 4.83
CA LEU K 142 -14.33 -5.66 5.75
C LEU K 142 -15.14 -4.80 6.71
N MET K 143 -14.47 -4.08 7.63
CA MET K 143 -15.17 -3.34 8.67
C MET K 143 -16.20 -2.39 8.09
N LEU K 144 -16.14 -2.16 6.79
CA LEU K 144 -17.17 -1.36 6.14
C LEU K 144 -18.48 -2.12 6.05
N VAL K 145 -18.60 -3.15 5.22
CA VAL K 145 -19.85 -3.92 5.21
C VAL K 145 -20.01 -4.40 6.64
N GLY K 146 -20.76 -3.63 7.44
CA GLY K 146 -20.80 -3.82 8.90
C GLY K 146 -20.32 -2.65 9.77
N LEU L 9 13.75 1.02 -20.22
CA LEU L 9 13.26 -0.28 -19.61
C LEU L 9 13.63 -0.56 -18.09
N ARG L 10 14.73 -1.31 -17.84
CA ARG L 10 15.36 -1.48 -16.48
C ARG L 10 15.92 -0.15 -15.89
N VAL L 11 15.42 0.94 -16.48
CA VAL L 11 15.61 2.27 -15.98
C VAL L 11 14.38 2.65 -15.17
N LEU L 12 13.35 1.82 -15.17
CA LEU L 12 12.46 1.79 -14.00
C LEU L 12 13.30 1.21 -12.84
N SER L 13 14.13 0.23 -13.20
CA SER L 13 14.78 -0.68 -12.27
C SER L 13 16.03 -0.03 -11.77
N LYS L 14 16.90 0.31 -12.74
CA LYS L 14 18.11 1.08 -12.46
C LYS L 14 17.77 1.95 -11.21
N LEU L 15 16.63 2.66 -11.35
CA LEU L 15 15.96 3.55 -10.36
C LEU L 15 15.45 2.91 -9.05
N LEU L 16 14.53 1.99 -9.18
CA LEU L 16 14.01 1.29 -8.03
C LEU L 16 15.11 0.89 -7.04
N ARG L 17 16.00 0.03 -7.52
CA ARG L 17 16.91 -0.63 -6.62
C ARG L 17 18.10 0.24 -6.49
N ASP L 18 18.34 1.04 -7.53
CA ASP L 18 19.25 2.14 -7.35
C ASP L 18 18.77 2.90 -6.11
N SER L 19 17.49 3.24 -6.10
CA SER L 19 16.89 3.98 -4.98
C SER L 19 16.79 3.19 -3.68
N HIS L 20 16.62 1.86 -3.70
CA HIS L 20 16.68 1.16 -2.43
C HIS L 20 18.02 1.50 -1.79
N VAL L 21 19.10 1.40 -2.58
CA VAL L 21 20.47 1.72 -2.11
C VAL L 21 20.53 3.13 -1.51
N LEU L 22 19.86 4.05 -2.20
CA LEU L 22 19.82 5.43 -1.76
C LEU L 22 19.19 5.36 -0.44
N HIS L 23 17.95 4.90 -0.41
CA HIS L 23 17.18 4.74 0.82
C HIS L 23 17.86 3.90 1.91
N SER L 24 18.39 2.73 1.51
CA SER L 24 19.22 1.92 2.39
C SER L 24 20.15 2.82 3.18
N ARG L 25 21.14 3.40 2.48
CA ARG L 25 22.13 4.26 3.15
C ARG L 25 21.55 5.27 4.17
N LEU L 26 20.22 5.47 4.19
CA LEU L 26 19.61 6.46 5.13
C LEU L 26 20.04 6.20 6.60
N SER L 27 19.85 4.94 7.00
CA SER L 27 20.36 4.36 8.24
C SER L 27 21.62 5.07 8.70
N GLN L 28 22.60 5.12 7.78
CA GLN L 28 23.98 5.54 8.05
C GLN L 28 24.08 7.03 8.35
N CYS L 29 23.00 7.72 8.07
CA CYS L 29 22.87 9.05 8.54
C CYS L 29 22.45 8.98 9.97
N PRO L 30 23.23 9.64 10.80
CA PRO L 30 22.92 9.79 12.22
C PRO L 30 21.85 10.84 12.39
N GLU L 31 21.35 11.01 13.61
CA GLU L 31 20.27 11.97 13.89
C GLU L 31 19.39 12.34 12.67
N VAL L 32 18.75 11.35 12.07
CA VAL L 32 17.61 11.63 11.21
C VAL L 32 16.50 11.86 12.21
N HIS L 33 16.05 13.10 12.31
CA HIS L 33 14.87 13.54 13.07
C HIS L 33 13.79 13.93 12.06
N PRO L 34 12.53 13.63 12.35
CA PRO L 34 11.47 13.82 11.38
C PRO L 34 11.43 15.28 11.01
N LEU L 35 10.88 15.64 9.86
CA LEU L 35 10.82 17.02 9.41
C LEU L 35 10.16 17.97 10.48
N PRO L 36 10.75 19.16 10.75
CA PRO L 36 10.04 20.25 11.46
C PRO L 36 8.69 20.51 10.88
N THR L 37 8.66 20.91 9.62
CA THR L 37 7.39 21.16 8.93
C THR L 37 7.04 19.99 8.02
N PRO L 38 5.76 19.70 7.97
CA PRO L 38 5.25 18.72 7.02
C PRO L 38 5.47 19.11 5.56
N VAL L 39 5.62 18.07 4.78
CA VAL L 39 5.80 18.11 3.35
C VAL L 39 4.66 17.26 2.71
N LEU L 40 4.20 17.59 1.50
CA LEU L 40 3.20 16.70 0.84
C LEU L 40 3.79 15.79 -0.21
N LEU L 41 3.28 14.57 -0.21
CA LEU L 41 3.84 13.49 -1.01
C LEU L 41 2.70 12.82 -1.69
N PRO L 42 2.88 12.43 -2.93
CA PRO L 42 1.94 11.55 -3.59
C PRO L 42 1.66 10.48 -2.58
N ALA L 43 0.38 10.34 -2.23
CA ALA L 43 -0.02 9.47 -1.15
C ALA L 43 -0.24 8.11 -1.68
N VAL L 44 -0.37 7.18 -0.73
CA VAL L 44 -0.33 5.73 -0.97
C VAL L 44 -1.70 5.30 -1.47
N ASP L 45 -1.73 4.64 -2.60
CA ASP L 45 -2.97 4.60 -3.36
C ASP L 45 -3.22 3.16 -3.73
N PHE L 46 -3.58 2.35 -2.77
CA PHE L 46 -3.54 0.95 -3.08
C PHE L 46 -4.74 0.32 -3.71
N SER L 47 -5.58 1.08 -4.42
CA SER L 47 -6.45 0.45 -5.44
C SER L 47 -6.49 1.13 -6.77
N LEU L 48 -5.54 0.72 -7.64
CA LEU L 48 -5.44 1.13 -9.07
C LEU L 48 -6.15 0.16 -10.02
N GLY L 49 -7.37 -0.22 -9.64
CA GLY L 49 -8.18 -1.09 -10.45
C GLY L 49 -8.58 -0.32 -11.68
N GLU L 50 -9.73 0.35 -11.53
CA GLU L 50 -9.96 1.69 -12.05
C GLU L 50 -8.88 2.18 -13.06
N TRP L 51 -7.71 2.45 -12.51
CA TRP L 51 -6.59 3.06 -13.18
C TRP L 51 -5.93 2.23 -14.33
N LYS L 52 -5.56 0.97 -14.06
CA LYS L 52 -4.95 0.04 -15.02
C LYS L 52 -5.77 0.03 -16.37
N THR L 53 -7.09 0.30 -16.27
CA THR L 53 -8.05 0.31 -17.41
C THR L 53 -8.14 1.68 -18.08
N GLN L 54 -7.14 2.50 -17.85
CA GLN L 54 -7.09 3.80 -18.49
C GLN L 54 -6.37 3.75 -19.89
N MET L 55 -6.09 4.93 -20.44
CA MET L 55 -5.30 5.02 -21.64
C MET L 55 -3.88 5.41 -21.23
N GLU L 56 -2.91 4.83 -21.92
CA GLU L 56 -1.53 5.10 -21.66
C GLU L 56 -1.19 6.49 -21.21
N GLU L 57 -1.17 7.43 -22.17
CA GLU L 57 -1.08 8.86 -21.86
C GLU L 57 -1.69 9.21 -20.48
N THR L 58 -3.01 9.07 -20.30
CA THR L 58 -3.64 9.43 -19.05
C THR L 58 -2.93 8.85 -17.82
N LYS L 59 -2.67 7.53 -17.86
CA LYS L 59 -2.02 6.85 -16.75
C LYS L 59 -0.67 7.41 -16.62
N ALA L 60 0.00 7.63 -17.74
CA ALA L 60 1.31 8.22 -17.74
C ALA L 60 1.25 9.58 -17.09
N GLN L 61 0.33 10.40 -17.58
CA GLN L 61 0.15 11.75 -17.05
C GLN L 61 0.16 11.84 -15.46
N ASP L 62 -0.83 11.15 -14.82
CA ASP L 62 -0.92 11.09 -13.38
C ASP L 62 0.45 10.90 -12.90
N ILE L 63 1.12 9.92 -13.45
CA ILE L 63 2.40 9.62 -12.91
C ILE L 63 3.30 10.85 -12.87
N LEU L 64 3.39 11.57 -14.01
CA LEU L 64 4.06 12.88 -14.00
C LEU L 64 3.34 13.71 -12.97
N GLY L 65 2.03 13.80 -13.15
CA GLY L 65 1.16 14.37 -12.15
C GLY L 65 1.55 14.14 -10.68
N ALA L 66 2.11 12.98 -10.32
CA ALA L 66 2.33 12.72 -8.91
C ALA L 66 3.74 13.04 -8.67
N VAL L 67 4.56 12.60 -9.61
CA VAL L 67 6.01 12.69 -9.48
C VAL L 67 6.45 14.13 -9.21
N THR L 68 5.82 15.07 -9.92
CA THR L 68 6.23 16.45 -9.85
C THR L 68 5.81 16.95 -8.48
N LEU L 69 4.62 16.51 -8.07
CA LEU L 69 4.31 16.61 -6.67
C LEU L 69 5.48 16.11 -5.76
N LEU L 70 5.97 14.86 -5.97
CA LEU L 70 7.06 14.30 -5.14
C LEU L 70 8.27 15.18 -5.17
N LEU L 71 8.69 15.51 -6.39
CA LEU L 71 9.84 16.38 -6.57
C LEU L 71 9.74 17.63 -5.69
N GLU L 72 8.56 18.23 -5.74
CA GLU L 72 8.39 19.48 -5.06
C GLU L 72 8.57 19.24 -3.56
N GLY L 73 7.90 18.19 -3.08
CA GLY L 73 7.91 17.79 -1.68
C GLY L 73 9.33 17.53 -1.15
N VAL L 74 10.11 16.70 -1.89
CA VAL L 74 11.53 16.37 -1.57
C VAL L 74 12.25 17.66 -1.20
N MET L 75 12.14 18.60 -2.13
CA MET L 75 12.75 19.92 -2.14
C MET L 75 12.14 20.74 -1.06
N ALA L 76 10.81 20.63 -0.99
CA ALA L 76 10.09 21.13 0.16
C ALA L 76 10.86 20.73 1.43
N ALA L 77 11.45 19.52 1.48
CA ALA L 77 12.15 18.99 2.67
C ALA L 77 13.61 19.37 2.67
N ARG L 78 14.32 19.16 1.55
CA ARG L 78 15.78 19.48 1.49
C ARG L 78 15.97 20.99 1.69
N GLY L 79 14.80 21.66 1.64
CA GLY L 79 14.63 23.04 2.04
C GLY L 79 14.66 23.17 3.56
N GLN L 80 13.79 22.47 4.27
CA GLN L 80 13.74 22.66 5.71
C GLN L 80 15.13 22.55 6.32
N LEU L 81 15.74 21.40 6.23
CA LEU L 81 16.95 21.25 7.02
C LEU L 81 18.20 21.57 6.17
N GLY L 82 19.35 21.71 6.88
CA GLY L 82 20.57 22.31 6.35
C GLY L 82 21.32 21.60 5.25
N PRO L 83 22.58 21.31 5.56
CA PRO L 83 23.59 20.75 4.65
C PRO L 83 23.92 19.25 4.83
N THR L 84 23.04 18.58 5.61
CA THR L 84 23.37 17.38 6.38
C THR L 84 23.19 16.05 5.69
N CYS L 85 23.59 15.04 6.43
CA CYS L 85 23.57 13.67 5.97
C CYS L 85 22.25 13.33 5.22
N LEU L 86 21.13 13.60 5.94
CA LEU L 86 19.79 13.50 5.38
C LEU L 86 19.72 14.30 4.11
N SER L 87 19.88 15.61 4.25
CA SER L 87 19.85 16.57 3.14
C SER L 87 20.70 16.04 2.00
N SER L 88 22.00 15.91 2.24
CA SER L 88 22.88 15.49 1.17
C SER L 88 22.18 14.36 0.37
N LEU L 89 21.45 13.50 1.08
CA LEU L 89 20.76 12.36 0.46
C LEU L 89 19.46 12.77 -0.25
N LEU L 90 18.61 13.50 0.46
CA LEU L 90 17.32 13.91 -0.10
C LEU L 90 17.55 14.46 -1.48
N GLY L 91 18.64 15.19 -1.64
CA GLY L 91 19.14 15.57 -2.94
C GLY L 91 19.18 14.32 -3.77
N GLN L 92 20.26 13.54 -3.65
CA GLN L 92 20.41 12.29 -4.41
C GLN L 92 19.01 11.63 -4.64
N LEU L 93 18.09 11.73 -3.67
CA LEU L 93 16.74 11.25 -3.92
C LEU L 93 16.10 12.05 -5.10
N SER L 94 15.80 13.30 -4.81
CA SER L 94 15.49 14.34 -5.80
C SER L 94 15.97 14.00 -7.18
N GLY L 95 17.29 13.91 -7.31
CA GLY L 95 17.92 13.63 -8.57
C GLY L 95 17.09 12.58 -9.28
N GLN L 96 16.92 11.42 -8.66
CA GLN L 96 16.30 10.31 -9.34
C GLN L 96 14.86 10.54 -9.67
N VAL L 97 14.15 11.18 -8.76
CA VAL L 97 12.76 11.56 -9.06
C VAL L 97 12.75 12.09 -10.49
N ARG L 98 13.74 12.94 -10.76
CA ARG L 98 13.73 13.80 -11.92
C ARG L 98 14.14 13.05 -13.17
N LEU L 99 14.74 11.89 -12.98
CA LEU L 99 14.94 11.04 -14.13
C LEU L 99 13.57 10.51 -14.61
N LEU L 100 12.71 10.32 -13.60
CA LEU L 100 11.31 10.01 -13.77
C LEU L 100 10.68 11.18 -14.48
N LEU L 101 11.04 12.35 -13.97
CA LEU L 101 10.48 13.60 -14.43
C LEU L 101 10.75 13.69 -15.91
N GLY L 102 12.03 13.80 -16.23
CA GLY L 102 12.50 13.76 -17.59
C GLY L 102 11.68 12.75 -18.34
N ALA L 103 11.95 11.45 -18.11
CA ALA L 103 11.44 10.35 -18.95
C ALA L 103 9.96 10.51 -19.26
N LEU L 104 9.16 10.77 -18.23
CA LEU L 104 7.71 10.88 -18.41
C LEU L 104 7.39 12.18 -19.12
N GLN L 105 7.81 13.32 -18.51
CA GLN L 105 7.75 14.68 -19.11
C GLN L 105 7.94 14.59 -20.66
N SER L 106 9.09 14.05 -21.03
CA SER L 106 9.45 13.84 -22.39
C SER L 106 8.46 12.95 -23.10
N LEU L 107 8.17 11.81 -22.51
CA LEU L 107 7.24 10.87 -23.13
C LEU L 107 5.93 11.58 -23.50
N LEU L 108 5.66 12.65 -22.75
CA LEU L 108 4.34 13.24 -22.69
C LEU L 108 4.34 14.63 -23.24
N GLY L 109 5.55 15.07 -23.57
CA GLY L 109 5.76 16.19 -24.47
C GLY L 109 5.60 17.52 -23.80
N THR L 110 5.49 17.52 -22.47
CA THR L 110 5.01 18.70 -21.82
C THR L 110 4.93 18.38 -20.41
N GLN L 111 5.64 19.19 -19.64
CA GLN L 111 5.49 19.29 -18.22
C GLN L 111 4.04 19.47 -17.87
N LEU L 112 3.74 19.19 -16.61
CA LEU L 112 2.40 19.23 -16.07
C LEU L 112 2.45 19.67 -14.61
N PRO L 113 1.31 20.05 -14.08
CA PRO L 113 1.25 20.65 -12.76
C PRO L 113 1.00 19.59 -11.76
N PRO L 114 1.77 19.68 -10.66
CA PRO L 114 1.69 18.78 -9.51
C PRO L 114 0.23 18.56 -9.11
N ARG L 115 -0.34 17.35 -9.34
CA ARG L 115 -1.69 17.06 -8.88
C ARG L 115 -1.85 15.70 -8.12
N GLY L 116 -2.87 15.61 -7.24
CA GLY L 116 -3.42 14.34 -6.79
C GLY L 116 -3.34 14.00 -5.30
N ARG L 117 -4.37 13.30 -4.79
CA ARG L 117 -4.50 12.96 -3.37
C ARG L 117 -3.14 12.93 -2.80
N THR L 118 -2.96 13.62 -1.70
CA THR L 118 -1.66 13.64 -1.03
C THR L 118 -1.76 13.17 0.42
N THR L 119 -0.64 13.15 1.12
CA THR L 119 -0.73 13.25 2.54
C THR L 119 0.44 14.00 3.19
N ALA L 120 0.08 14.71 4.22
CA ALA L 120 1.06 15.33 5.07
C ALA L 120 2.01 14.29 5.63
N HIS L 121 3.31 14.56 5.56
CA HIS L 121 4.28 13.71 6.26
C HIS L 121 5.41 14.43 6.93
N LYS L 122 5.99 13.81 7.94
CA LYS L 122 6.94 14.49 8.80
C LYS L 122 8.30 13.73 8.87
N ASP L 123 8.33 12.57 8.25
CA ASP L 123 9.36 11.58 8.43
C ASP L 123 10.03 11.53 7.10
N PRO L 124 11.25 12.02 7.05
CA PRO L 124 12.06 11.94 5.86
C PRO L 124 11.87 10.53 5.25
N ASN L 125 11.60 9.56 6.12
CA ASN L 125 11.36 8.22 5.60
C ASN L 125 10.22 8.28 4.61
N ALA L 126 9.06 8.82 5.05
CA ALA L 126 7.77 8.73 4.33
C ALA L 126 7.85 9.04 2.83
N ILE L 127 8.91 9.76 2.43
CA ILE L 127 9.20 10.20 1.04
C ILE L 127 9.95 9.25 0.04
N PHE L 128 11.02 8.58 0.52
CA PHE L 128 11.75 7.56 -0.30
C PHE L 128 10.74 6.53 -0.65
N LEU L 129 10.13 5.99 0.42
CA LEU L 129 8.80 5.39 0.50
C LEU L 129 7.71 5.73 -0.55
N SER L 130 7.35 7.02 -0.68
CA SER L 130 6.24 7.40 -1.59
C SER L 130 6.76 7.23 -2.96
N PHE L 131 8.00 7.66 -3.15
CA PHE L 131 8.68 7.52 -4.43
C PHE L 131 8.62 6.11 -5.03
N GLN L 132 8.95 5.13 -4.19
CA GLN L 132 9.02 3.77 -4.60
C GLN L 132 7.64 3.29 -4.78
N HIS L 133 6.74 3.74 -3.92
CA HIS L 133 5.38 3.23 -4.02
C HIS L 133 4.87 3.62 -5.45
N LEU L 134 5.51 4.67 -5.93
CA LEU L 134 5.26 5.12 -7.26
C LEU L 134 5.82 4.11 -8.25
N LEU L 135 7.15 3.92 -8.19
CA LEU L 135 7.83 2.86 -8.90
C LEU L 135 7.08 1.53 -8.94
N ARG L 136 6.69 0.97 -7.77
CA ARG L 136 5.88 -0.28 -7.72
C ARG L 136 4.46 -0.18 -8.29
N GLY L 137 3.80 0.96 -8.14
CA GLY L 137 2.40 1.06 -8.59
C GLY L 137 2.29 1.40 -10.06
N LYS L 138 1.29 2.21 -10.35
CA LYS L 138 1.40 3.24 -11.37
C LYS L 138 2.68 3.17 -12.21
N VAL L 139 3.84 3.59 -11.70
CA VAL L 139 5.04 3.50 -12.55
C VAL L 139 5.39 2.13 -13.16
N ARG L 140 5.25 1.07 -12.38
CA ARG L 140 5.58 -0.23 -12.90
C ARG L 140 4.57 -0.54 -13.96
N PHE L 141 3.31 -0.51 -13.56
CA PHE L 141 2.26 -0.83 -14.46
C PHE L 141 2.45 0.10 -15.64
N LEU L 142 3.12 1.24 -15.45
CA LEU L 142 3.17 2.09 -16.61
C LEU L 142 3.85 1.28 -17.68
N MET L 143 5.02 0.74 -17.36
CA MET L 143 5.84 0.03 -18.34
C MET L 143 5.38 -1.40 -18.63
N LEU L 144 4.62 -1.98 -17.69
CA LEU L 144 3.96 -3.25 -17.93
C LEU L 144 2.88 -3.23 -19.04
N VAL L 145 2.24 -2.07 -19.23
CA VAL L 145 1.32 -1.74 -20.34
C VAL L 145 2.02 -1.48 -21.69
N GLY L 146 2.14 -2.54 -22.52
CA GLY L 146 2.70 -2.47 -23.89
C GLY L 146 4.22 -2.46 -23.97
#